data_6GL1
#
_entry.id   6GL1
#
_cell.length_a   244.820
_cell.length_b   48.220
_cell.length_c   153.020
_cell.angle_alpha   90.00
_cell.angle_beta   117.38
_cell.angle_gamma   90.00
#
_symmetry.space_group_name_H-M   'C 1 2 1'
#
loop_
_entity.id
_entity.type
_entity.pdbx_description
1 polymer 'MHC class I antigen'
2 polymer Beta-2-microglobulin
3 polymer ARG-MET-TYR-SER-PRO-THR-SER-ILE-LEU
4 non-polymer 'SULFATE ION'
5 non-polymer 'ZINC ION'
6 water water
#
loop_
_entity_poly.entity_id
_entity_poly.type
_entity_poly.pdbx_seq_one_letter_code
_entity_poly.pdbx_strand_id
1 'polypeptide(L)'
;GSHSLKYFHTSVSRPGRGEPRFISVGYVDDTQFVRFDNDAASPRMVPRAPWMEQEGSEYWDRETRSARDTAQIFRVNLRT
LRGYYNQSEAGSHTLQWMHGCELGPDGRFLRGYEQFAYDGKDYLTLNEDLRSWTAVDTAAQISEQKSNDASEAEHQRAYL
EDTCVEWLHKYLEKGKETLLHLEPPKTHVTHHPISDHEATLRCWALGFYPAEITLTWQQDGEGHTQDTELVETRPAGDGT
FQKWAAVVVPSGEEQRYTCHVQHEGLPEPVTLRW
;
A,C,E,G
2 'polypeptide(L)'
;MIQRTPKIQVYSRHPAENGKSNFLNCYVSGFHPSDIEVDLLKNGERIEKVEHSDLSFSKDWSFYLLYYTEFTPTEKDEYA
CRVNHVTLSQPKIVKWDRDM
;
B,D,F,H
3 'polypeptide(L)' RMYSPTSIL P,R,T,Q
#
loop_
_chem_comp.id
_chem_comp.type
_chem_comp.name
_chem_comp.formula
SO4 non-polymer 'SULFATE ION' 'O4 S -2'
ZN non-polymer 'ZINC ION' 'Zn 2'
#
# COMPACT_ATOMS: atom_id res chain seq x y z
N GLY A 1 -28.28 -17.31 11.11
CA GLY A 1 -27.63 -18.27 11.98
C GLY A 1 -26.36 -17.72 12.60
N SER A 2 -25.66 -18.56 13.37
CA SER A 2 -24.42 -18.10 14.00
C SER A 2 -23.38 -17.80 12.95
N HIS A 3 -22.64 -16.72 13.17
CA HIS A 3 -21.54 -16.33 12.28
C HIS A 3 -20.40 -15.78 13.11
N SER A 4 -19.19 -15.89 12.58
CA SER A 4 -18.02 -15.43 13.29
C SER A 4 -17.03 -14.80 12.34
N LEU A 5 -16.37 -13.74 12.82
CA LEU A 5 -15.23 -13.12 12.16
C LEU A 5 -14.05 -13.30 13.11
N LYS A 6 -13.01 -13.98 12.65
CA LYS A 6 -11.89 -14.33 13.50
C LYS A 6 -10.58 -13.95 12.83
N TYR A 7 -9.65 -13.41 13.62
CA TYR A 7 -8.30 -13.16 13.17
C TYR A 7 -7.34 -13.98 14.03
N PHE A 8 -6.37 -14.63 13.37
CA PHE A 8 -5.41 -15.48 14.04
C PHE A 8 -4.02 -14.95 13.70
N HIS A 9 -3.32 -14.40 14.69
CA HIS A 9 -2.03 -13.78 14.49
C HIS A 9 -0.94 -14.64 15.14
N THR A 10 0.13 -14.90 14.38
CA THR A 10 1.25 -15.70 14.86
C THR A 10 2.55 -14.95 14.63
N SER A 11 3.37 -14.86 15.67
CA SER A 11 4.67 -14.19 15.60
C SER A 11 5.72 -15.13 16.18
N VAL A 12 6.74 -15.44 15.38
CA VAL A 12 7.80 -16.36 15.79
C VAL A 12 9.13 -15.63 15.64
N SER A 13 9.88 -15.54 16.75
CA SER A 13 11.16 -14.87 16.71
C SER A 13 12.21 -15.72 16.00
N ARG A 14 13.13 -15.03 15.32
CA ARG A 14 14.24 -15.67 14.61
C ARG A 14 15.54 -15.31 15.30
N PRO A 15 16.13 -16.19 16.10
CA PRO A 15 17.42 -15.88 16.74
C PRO A 15 18.54 -15.82 15.71
N GLY A 16 19.18 -14.65 15.63
CA GLY A 16 20.27 -14.44 14.71
C GLY A 16 19.89 -14.19 13.26
N ARG A 17 18.62 -14.32 12.90
CA ARG A 17 18.21 -14.22 11.50
C ARG A 17 17.44 -12.93 11.20
N GLY A 18 17.23 -12.06 12.19
CA GLY A 18 16.64 -10.76 11.95
C GLY A 18 15.45 -10.50 12.88
N GLU A 19 14.39 -9.93 12.31
CA GLU A 19 13.17 -9.63 13.04
C GLU A 19 12.23 -10.83 13.01
N PRO A 20 11.24 -10.87 13.90
CA PRO A 20 10.37 -12.05 13.95
C PRO A 20 9.50 -12.17 12.71
N ARG A 21 9.17 -13.40 12.37
CA ARG A 21 8.17 -13.67 11.35
C ARG A 21 6.79 -13.42 11.91
N PHE A 22 5.94 -12.77 11.12
CA PHE A 22 4.58 -12.44 11.52
C PHE A 22 3.61 -12.85 10.43
N ILE A 23 2.61 -13.64 10.79
CA ILE A 23 1.59 -14.11 9.86
C ILE A 23 0.22 -13.88 10.49
N SER A 24 -0.69 -13.27 9.74
CA SER A 24 -2.07 -13.06 10.17
C SER A 24 -3.00 -13.59 9.09
N VAL A 25 -4.02 -14.33 9.52
CA VAL A 25 -5.08 -14.80 8.64
C VAL A 25 -6.42 -14.42 9.26
N GLY A 26 -7.37 -14.05 8.42
CA GLY A 26 -8.71 -13.72 8.86
C GLY A 26 -9.69 -14.74 8.33
N TYR A 27 -10.68 -15.07 9.14
CA TYR A 27 -11.72 -16.01 8.77
C TYR A 27 -13.09 -15.39 8.97
N VAL A 28 -13.99 -15.67 8.04
CA VAL A 28 -15.42 -15.47 8.23
C VAL A 28 -16.04 -16.85 8.23
N ASP A 29 -16.51 -17.30 9.39
CA ASP A 29 -17.00 -18.67 9.57
C ASP A 29 -15.84 -19.61 9.26
N ASP A 30 -15.98 -20.55 8.33
CA ASP A 30 -14.91 -21.47 7.97
C ASP A 30 -14.22 -21.04 6.68
N THR A 31 -14.33 -19.76 6.31
CA THR A 31 -13.79 -19.25 5.05
C THR A 31 -12.69 -18.24 5.36
N GLN A 32 -11.45 -18.57 4.97
CA GLN A 32 -10.38 -17.59 5.04
C GLN A 32 -10.57 -16.55 3.95
N PHE A 33 -10.45 -15.27 4.32
CA PHE A 33 -10.68 -14.18 3.37
C PHE A 33 -9.57 -13.15 3.28
N VAL A 34 -8.65 -13.09 4.25
CA VAL A 34 -7.51 -12.18 4.18
C VAL A 34 -6.28 -12.86 4.76
N ARG A 35 -5.11 -12.32 4.40
CA ARG A 35 -3.82 -12.81 4.87
C ARG A 35 -2.86 -11.63 4.98
N PHE A 36 -1.99 -11.68 5.98
CA PHE A 36 -0.84 -10.79 6.04
C PHE A 36 0.40 -11.59 6.44
N ASP A 37 1.46 -11.49 5.64
CA ASP A 37 2.72 -12.15 5.92
C ASP A 37 3.84 -11.11 5.81
N ASN A 38 4.49 -10.81 6.93
CA ASN A 38 5.50 -9.75 6.96
C ASN A 38 6.79 -10.13 6.25
N ASP A 39 6.92 -11.35 5.74
CA ASP A 39 8.15 -11.78 5.08
C ASP A 39 8.17 -11.26 3.64
N ALA A 40 8.31 -9.94 3.53
CA ALA A 40 8.37 -9.26 2.24
C ALA A 40 8.94 -7.87 2.48
N ALA A 41 9.37 -7.22 1.39
CA ALA A 41 9.86 -5.86 1.50
C ALA A 41 8.73 -4.90 1.85
N SER A 42 7.61 -4.99 1.13
CA SER A 42 6.42 -4.20 1.39
C SER A 42 5.24 -5.15 1.56
N PRO A 43 5.11 -5.79 2.72
CA PRO A 43 4.00 -6.72 2.92
C PRO A 43 2.67 -5.97 2.94
N ARG A 44 1.66 -6.57 2.33
CA ARG A 44 0.33 -5.98 2.28
C ARG A 44 -0.71 -7.00 2.71
N MET A 45 -1.76 -6.51 3.35
CA MET A 45 -2.94 -7.35 3.55
C MET A 45 -3.56 -7.64 2.19
N VAL A 46 -3.77 -8.91 1.90
CA VAL A 46 -4.24 -9.33 0.57
C VAL A 46 -5.47 -10.22 0.73
N PRO A 47 -6.41 -10.18 -0.21
CA PRO A 47 -7.58 -11.05 -0.11
C PRO A 47 -7.23 -12.50 -0.35
N ARG A 48 -7.94 -13.38 0.35
CA ARG A 48 -7.79 -14.82 0.17
C ARG A 48 -9.08 -15.47 -0.29
N ALA A 49 -10.14 -14.68 -0.46
CA ALA A 49 -11.37 -15.10 -1.09
C ALA A 49 -11.68 -14.12 -2.21
N PRO A 50 -12.22 -14.60 -3.32
CA PRO A 50 -12.43 -13.70 -4.48
C PRO A 50 -13.38 -12.54 -4.21
N TRP A 51 -14.40 -12.73 -3.39
CA TRP A 51 -15.38 -11.68 -3.15
C TRP A 51 -14.82 -10.49 -2.36
N MET A 52 -13.61 -10.61 -1.80
CA MET A 52 -13.01 -9.51 -1.08
C MET A 52 -12.36 -8.49 -2.01
N GLU A 53 -12.23 -8.81 -3.30
CA GLU A 53 -11.75 -7.84 -4.27
C GLU A 53 -12.74 -6.70 -4.51
N GLN A 54 -13.96 -6.79 -3.96
CA GLN A 54 -14.93 -5.70 -4.05
C GLN A 54 -14.58 -4.53 -3.14
N GLU A 55 -13.51 -4.62 -2.35
CA GLU A 55 -13.13 -3.54 -1.46
C GLU A 55 -12.13 -2.63 -2.15
N GLY A 56 -12.23 -1.34 -1.85
CA GLY A 56 -11.43 -0.35 -2.53
C GLY A 56 -9.99 -0.35 -2.09
N SER A 57 -9.21 0.56 -2.67
CA SER A 57 -7.79 0.62 -2.36
C SER A 57 -7.55 1.04 -0.91
N GLU A 58 -8.37 1.94 -0.37
CA GLU A 58 -8.11 2.44 0.97
C GLU A 58 -8.30 1.34 2.01
N TYR A 59 -9.28 0.45 1.80
CA TYR A 59 -9.49 -0.67 2.72
C TYR A 59 -8.21 -1.47 2.89
N TRP A 60 -7.59 -1.85 1.78
CA TRP A 60 -6.38 -2.66 1.84
C TRP A 60 -5.23 -1.88 2.44
N ASP A 61 -5.18 -0.58 2.16
CA ASP A 61 -4.17 0.29 2.77
C ASP A 61 -4.32 0.33 4.28
N ARG A 62 -5.55 0.43 4.77
CA ARG A 62 -5.80 0.52 6.20
C ARG A 62 -5.45 -0.78 6.92
N GLU A 63 -5.86 -1.92 6.35
CA GLU A 63 -5.51 -3.21 6.94
C GLU A 63 -4.01 -3.46 6.86
N THR A 64 -3.36 -3.01 5.78
CA THR A 64 -1.92 -3.15 5.66
C THR A 64 -1.21 -2.36 6.76
N ARG A 65 -1.69 -1.17 7.07
CA ARG A 65 -1.12 -0.39 8.16
C ARG A 65 -1.41 -1.04 9.50
N SER A 66 -2.63 -1.53 9.70
CA SER A 66 -2.98 -2.21 10.94
C SER A 66 -2.12 -3.46 11.15
N ALA A 67 -1.85 -4.20 10.07
CA ALA A 67 -1.10 -5.44 10.19
C ALA A 67 0.40 -5.17 10.43
N ARG A 68 0.94 -4.17 9.75
CA ARG A 68 2.36 -3.83 9.95
C ARG A 68 2.59 -3.29 11.35
N ASP A 69 1.65 -2.53 11.89
CA ASP A 69 1.77 -2.05 13.27
C ASP A 69 1.68 -3.20 14.25
N THR A 70 0.79 -4.17 13.99
CA THR A 70 0.68 -5.33 14.87
C THR A 70 1.97 -6.13 14.88
N ALA A 71 2.57 -6.33 13.70
CA ALA A 71 3.84 -7.05 13.61
C ALA A 71 4.91 -6.40 14.48
N GLN A 72 5.03 -5.07 14.43
CA GLN A 72 5.97 -4.38 15.31
C GLN A 72 5.62 -4.56 16.77
N ILE A 73 4.33 -4.43 17.12
CA ILE A 73 3.93 -4.56 18.53
C ILE A 73 4.27 -5.96 19.04
N PHE A 74 4.08 -6.97 18.19
CA PHE A 74 4.40 -8.34 18.60
C PHE A 74 5.90 -8.56 18.74
N ARG A 75 6.71 -7.82 17.98
CA ARG A 75 8.15 -7.90 18.17
C ARG A 75 8.54 -7.36 19.53
N VAL A 76 7.89 -6.28 19.97
CA VAL A 76 8.10 -5.77 21.32
C VAL A 76 7.57 -6.74 22.35
N ASN A 77 6.41 -7.35 22.09
CA ASN A 77 5.84 -8.31 23.02
C ASN A 77 6.76 -9.51 23.22
N LEU A 78 7.37 -9.98 22.14
CA LEU A 78 8.31 -11.10 22.26
C LEU A 78 9.48 -10.74 23.16
N ARG A 79 10.10 -9.58 22.92
CA ARG A 79 11.18 -9.11 23.79
C ARG A 79 10.70 -8.96 25.23
N THR A 80 9.49 -8.44 25.42
CA THR A 80 8.97 -8.23 26.77
C THR A 80 8.78 -9.55 27.51
N LEU A 81 8.09 -10.51 26.88
CA LEU A 81 7.84 -11.78 27.55
C LEU A 81 9.13 -12.56 27.75
N ARG A 82 10.04 -12.49 26.77
CA ARG A 82 11.36 -13.09 26.95
C ARG A 82 12.08 -12.52 28.17
N GLY A 83 11.87 -11.24 28.47
CA GLY A 83 12.43 -10.69 29.69
C GLY A 83 11.70 -11.13 30.94
N TYR A 84 10.38 -11.30 30.84
CA TYR A 84 9.59 -11.77 31.98
C TYR A 84 10.08 -13.13 32.46
N TYR A 85 10.44 -14.01 31.53
CA TYR A 85 10.80 -15.39 31.84
C TYR A 85 12.31 -15.61 31.88
N ASN A 86 13.11 -14.55 31.78
CA ASN A 86 14.56 -14.64 31.86
C ASN A 86 15.11 -15.59 30.80
N GLN A 87 14.60 -15.46 29.57
CA GLN A 87 15.01 -16.33 28.47
C GLN A 87 16.06 -15.63 27.61
N SER A 88 17.01 -16.42 27.11
CA SER A 88 18.13 -15.90 26.34
C SER A 88 17.70 -15.44 24.95
N GLU A 89 18.63 -14.77 24.26
CA GLU A 89 18.42 -14.37 22.87
C GLU A 89 18.48 -15.56 21.91
N ALA A 90 19.04 -16.70 22.35
CA ALA A 90 19.26 -17.82 21.45
C ALA A 90 18.00 -18.63 21.18
N GLY A 91 16.98 -18.51 22.03
CA GLY A 91 15.77 -19.28 21.88
C GLY A 91 14.73 -18.62 20.97
N SER A 92 14.12 -19.44 20.12
CA SER A 92 13.02 -19.00 19.27
C SER A 92 11.72 -19.20 20.03
N HIS A 93 10.86 -18.18 20.01
CA HIS A 93 9.63 -18.26 20.78
C HIS A 93 8.46 -17.74 19.95
N THR A 94 7.26 -18.19 20.34
CA THR A 94 6.03 -17.93 19.61
C THR A 94 5.05 -17.18 20.49
N LEU A 95 4.45 -16.13 19.94
CA LEU A 95 3.35 -15.42 20.57
C LEU A 95 2.16 -15.50 19.63
N GLN A 96 1.03 -16.00 20.12
CA GLN A 96 -0.16 -16.17 19.31
C GLN A 96 -1.30 -15.33 19.88
N TRP A 97 -2.14 -14.85 18.97
CA TRP A 97 -3.25 -13.97 19.31
C TRP A 97 -4.43 -14.32 18.43
N MET A 98 -5.54 -14.76 19.02
CA MET A 98 -6.79 -14.93 18.29
C MET A 98 -7.79 -13.90 18.79
N HIS A 99 -8.62 -13.40 17.89
CA HIS A 99 -9.41 -12.21 18.13
C HIS A 99 -10.61 -12.28 17.19
N GLY A 100 -11.79 -11.88 17.67
CA GLY A 100 -12.94 -11.88 16.79
C GLY A 100 -14.27 -11.89 17.51
N CYS A 101 -15.32 -12.05 16.70
CA CYS A 101 -16.71 -11.97 17.09
C CYS A 101 -17.43 -13.29 16.89
N GLU A 102 -18.63 -13.37 17.47
CA GLU A 102 -19.56 -14.44 17.19
C GLU A 102 -20.97 -13.85 17.25
N LEU A 103 -21.77 -14.13 16.22
CA LEU A 103 -23.16 -13.69 16.21
C LEU A 103 -24.09 -14.84 16.54
N GLY A 104 -25.19 -14.51 17.21
CA GLY A 104 -26.26 -15.45 17.42
C GLY A 104 -27.20 -15.51 16.23
N PRO A 105 -28.17 -16.43 16.30
CA PRO A 105 -29.20 -16.48 15.26
C PRO A 105 -29.94 -15.17 15.07
N ASP A 106 -30.11 -14.40 16.16
CA ASP A 106 -30.76 -13.10 16.10
C ASP A 106 -29.93 -12.05 15.36
N GLY A 107 -28.68 -12.35 15.01
CA GLY A 107 -27.87 -11.43 14.24
C GLY A 107 -27.06 -10.45 15.05
N ARG A 108 -27.36 -10.29 16.34
CA ARG A 108 -26.62 -9.36 17.18
C ARG A 108 -25.40 -10.03 17.80
N PHE A 109 -24.55 -9.20 18.41
CA PHE A 109 -23.38 -9.70 19.11
C PHE A 109 -23.77 -10.71 20.17
N LEU A 110 -23.07 -11.83 20.21
CA LEU A 110 -23.32 -12.92 21.13
C LEU A 110 -22.15 -13.19 22.06
N ARG A 111 -20.93 -13.21 21.53
CA ARG A 111 -19.77 -13.59 22.30
C ARG A 111 -18.53 -13.04 21.62
N GLY A 112 -17.66 -12.41 22.40
CA GLY A 112 -16.40 -11.94 21.87
C GLY A 112 -15.26 -12.59 22.62
N TYR A 113 -14.07 -12.61 22.04
CA TYR A 113 -12.95 -13.22 22.73
C TYR A 113 -11.64 -12.62 22.21
N GLU A 114 -10.69 -12.51 23.14
CA GLU A 114 -9.35 -12.04 22.85
C GLU A 114 -8.41 -12.83 23.76
N GLN A 115 -7.50 -13.59 23.17
CA GLN A 115 -6.67 -14.52 23.93
C GLN A 115 -5.24 -14.46 23.41
N PHE A 116 -4.29 -14.63 24.33
CA PHE A 116 -2.87 -14.62 24.00
C PHE A 116 -2.22 -15.92 24.45
N ALA A 117 -1.31 -16.42 23.63
CA ALA A 117 -0.57 -17.63 23.93
C ALA A 117 0.92 -17.38 23.76
N TYR A 118 1.71 -17.87 24.71
CA TYR A 118 3.16 -17.82 24.63
C TYR A 118 3.69 -19.24 24.59
N ASP A 119 4.32 -19.60 23.48
CA ASP A 119 4.92 -20.92 23.28
C ASP A 119 3.88 -22.04 23.41
N GLY A 120 2.75 -21.85 22.74
CA GLY A 120 1.74 -22.89 22.65
C GLY A 120 0.87 -23.08 23.87
N LYS A 121 1.00 -22.23 24.88
CA LYS A 121 0.23 -22.34 26.12
C LYS A 121 -0.53 -21.05 26.37
N ASP A 122 -1.67 -21.17 27.04
CA ASP A 122 -2.46 -20.01 27.43
C ASP A 122 -1.59 -19.01 28.20
N TYR A 123 -1.80 -17.72 27.91
CA TYR A 123 -1.06 -16.67 28.60
C TYR A 123 -2.00 -15.64 29.22
N LEU A 124 -2.67 -14.85 28.38
CA LEU A 124 -3.59 -13.81 28.84
C LEU A 124 -4.90 -13.96 28.08
N THR A 125 -6.01 -13.93 28.81
CA THR A 125 -7.33 -14.16 28.22
C THR A 125 -8.33 -13.14 28.73
N LEU A 126 -9.06 -12.52 27.80
CA LEU A 126 -10.18 -11.67 28.17
C LEU A 126 -11.41 -12.54 28.42
N ASN A 127 -12.04 -12.35 29.58
CA ASN A 127 -13.19 -13.16 29.94
C ASN A 127 -14.44 -12.68 29.21
N GLU A 128 -15.48 -13.53 29.23
CA GLU A 128 -16.69 -13.25 28.45
C GLU A 128 -17.39 -11.98 28.93
N ASP A 129 -17.21 -11.61 30.20
CA ASP A 129 -17.78 -10.35 30.67
C ASP A 129 -17.13 -9.13 30.03
N LEU A 130 -16.03 -9.33 29.30
CA LEU A 130 -15.31 -8.28 28.57
C LEU A 130 -14.81 -7.16 29.48
N ARG A 131 -14.68 -7.43 30.78
CA ARG A 131 -14.16 -6.44 31.72
C ARG A 131 -13.00 -6.93 32.57
N SER A 132 -12.80 -8.23 32.70
CA SER A 132 -11.72 -8.79 33.50
C SER A 132 -10.81 -9.64 32.63
N TRP A 133 -9.68 -10.03 33.21
CA TRP A 133 -8.68 -10.81 32.51
C TRP A 133 -8.33 -12.06 33.33
N THR A 134 -7.73 -13.03 32.66
CA THR A 134 -7.18 -14.21 33.32
C THR A 134 -5.72 -14.37 32.88
N ALA A 135 -4.82 -14.27 33.85
CA ALA A 135 -3.40 -14.41 33.60
C ALA A 135 -2.98 -15.82 34.02
N VAL A 136 -2.22 -16.49 33.15
CA VAL A 136 -1.86 -17.87 33.43
C VAL A 136 -0.82 -17.97 34.55
N ASP A 137 -0.06 -16.90 34.79
CA ASP A 137 1.06 -16.98 35.72
C ASP A 137 1.46 -15.58 36.17
N THR A 138 2.61 -15.50 36.84
CA THR A 138 3.12 -14.24 37.38
C THR A 138 3.48 -13.25 36.27
N ALA A 139 4.06 -13.74 35.17
CA ALA A 139 4.41 -12.85 34.07
C ALA A 139 3.16 -12.21 33.47
N ALA A 140 2.18 -13.04 33.10
CA ALA A 140 0.96 -12.53 32.51
C ALA A 140 0.17 -11.62 33.44
N GLN A 141 0.40 -11.72 34.75
CA GLN A 141 -0.24 -10.77 35.66
C GLN A 141 0.29 -9.36 35.44
N ILE A 142 1.55 -9.22 35.05
CA ILE A 142 2.09 -7.90 34.72
C ILE A 142 1.40 -7.36 33.46
N SER A 143 1.18 -8.23 32.47
CA SER A 143 0.44 -7.82 31.28
C SER A 143 -1.00 -7.47 31.61
N GLU A 144 -1.61 -8.21 32.52
CA GLU A 144 -2.96 -7.87 32.97
C GLU A 144 -2.97 -6.53 33.70
N GLN A 145 -1.93 -6.27 34.50
CA GLN A 145 -1.85 -4.99 35.19
C GLN A 145 -1.70 -3.84 34.20
N LYS A 146 -0.91 -4.05 33.15
CA LYS A 146 -0.81 -3.05 32.10
C LYS A 146 -2.14 -2.85 31.38
N SER A 147 -2.86 -3.95 31.13
CA SER A 147 -4.13 -3.87 30.41
C SER A 147 -5.17 -3.12 31.23
N ASN A 148 -5.19 -3.31 32.55
CA ASN A 148 -6.11 -2.57 33.40
C ASN A 148 -5.72 -1.09 33.46
N ASP A 149 -4.42 -0.80 33.52
CA ASP A 149 -3.98 0.60 33.58
C ASP A 149 -4.41 1.36 32.32
N ALA A 150 -4.32 0.72 31.17
CA ALA A 150 -4.62 1.35 29.89
C ALA A 150 -6.07 1.21 29.48
N SER A 151 -6.92 0.66 30.35
CA SER A 151 -8.32 0.39 30.03
C SER A 151 -8.42 -0.42 28.74
N GLU A 152 -7.59 -1.46 28.64
CA GLU A 152 -7.53 -2.25 27.42
C GLU A 152 -8.83 -3.02 27.18
N ALA A 153 -9.45 -3.52 28.24
CA ALA A 153 -10.74 -4.20 28.07
C ALA A 153 -11.82 -3.27 27.57
N GLU A 154 -11.78 -2.00 27.98
CA GLU A 154 -12.75 -1.04 27.49
C GLU A 154 -12.62 -0.82 25.98
N HIS A 155 -11.38 -0.72 25.49
CA HIS A 155 -11.18 -0.56 24.06
C HIS A 155 -11.50 -1.84 23.30
N GLN A 156 -11.17 -3.00 23.88
CA GLN A 156 -11.51 -4.27 23.25
C GLN A 156 -13.03 -4.49 23.22
N ARG A 157 -13.72 -4.11 24.30
CA ARG A 157 -15.17 -4.27 24.33
C ARG A 157 -15.83 -3.49 23.21
N ALA A 158 -15.34 -2.28 22.93
CA ALA A 158 -15.90 -1.49 21.84
C ALA A 158 -15.58 -2.09 20.48
N TYR A 159 -14.40 -2.70 20.32
CA TYR A 159 -14.09 -3.34 19.05
C TYR A 159 -14.88 -4.62 18.87
N LEU A 160 -14.89 -5.48 19.89
CA LEU A 160 -15.53 -6.79 19.75
C LEU A 160 -17.03 -6.65 19.56
N GLU A 161 -17.67 -5.73 20.29
CA GLU A 161 -19.11 -5.60 20.23
C GLU A 161 -19.62 -4.72 19.09
N ASP A 162 -18.77 -3.84 18.54
CA ASP A 162 -19.23 -2.88 17.54
C ASP A 162 -18.43 -2.98 16.25
N THR A 163 -17.17 -2.56 16.23
CA THR A 163 -16.41 -2.53 14.97
C THR A 163 -16.34 -3.89 14.32
N CYS A 164 -16.03 -4.92 15.11
CA CYS A 164 -15.94 -6.27 14.58
C CYS A 164 -17.31 -6.78 14.12
N VAL A 165 -18.36 -6.51 14.87
CA VAL A 165 -19.70 -6.99 14.49
C VAL A 165 -20.19 -6.29 13.22
N GLU A 166 -19.89 -5.00 13.08
CA GLU A 166 -20.35 -4.27 11.90
C GLU A 166 -19.68 -4.79 10.62
N TRP A 167 -18.38 -5.07 10.69
CA TRP A 167 -17.68 -5.52 9.49
C TRP A 167 -17.98 -6.96 9.15
N LEU A 168 -18.26 -7.81 10.16
CA LEU A 168 -18.76 -9.15 9.86
C LEU A 168 -20.06 -9.07 9.07
N HIS A 169 -20.92 -8.11 9.40
CA HIS A 169 -22.13 -7.90 8.60
C HIS A 169 -21.79 -7.46 7.19
N LYS A 170 -20.73 -6.65 7.04
CA LYS A 170 -20.32 -6.20 5.71
C LYS A 170 -19.70 -7.34 4.90
N TYR A 171 -19.00 -8.26 5.57
CA TYR A 171 -18.38 -9.38 4.88
C TYR A 171 -19.39 -10.44 4.49
N LEU A 172 -20.38 -10.70 5.35
CA LEU A 172 -21.44 -11.64 5.01
C LEU A 172 -22.25 -11.18 3.81
N GLU A 173 -22.28 -9.86 3.54
CA GLU A 173 -23.02 -9.36 2.39
C GLU A 173 -22.20 -9.49 1.11
N LYS A 174 -20.91 -9.14 1.14
CA LYS A 174 -20.09 -9.26 -0.06
C LYS A 174 -19.91 -10.72 -0.46
N GLY A 175 -19.64 -11.60 0.50
CA GLY A 175 -19.48 -13.01 0.21
C GLY A 175 -20.79 -13.75 0.34
N LYS A 176 -21.91 -13.04 0.12
CA LYS A 176 -23.24 -13.61 0.31
C LYS A 176 -23.39 -14.93 -0.43
N GLU A 177 -23.07 -14.95 -1.72
CA GLU A 177 -23.38 -16.11 -2.54
C GLU A 177 -22.55 -17.33 -2.15
N THR A 178 -21.45 -17.15 -1.44
CA THR A 178 -20.62 -18.26 -0.99
C THR A 178 -20.66 -18.49 0.52
N LEU A 179 -20.69 -17.42 1.31
CA LEU A 179 -20.69 -17.60 2.77
C LEU A 179 -22.01 -18.18 3.27
N LEU A 180 -23.13 -17.65 2.78
CA LEU A 180 -24.45 -18.07 3.23
C LEU A 180 -25.03 -19.21 2.42
N HIS A 181 -24.30 -19.77 1.46
CA HIS A 181 -24.79 -20.89 0.67
C HIS A 181 -24.24 -22.18 1.26
N LEU A 182 -25.13 -22.99 1.83
CA LEU A 182 -24.72 -24.23 2.44
C LEU A 182 -24.48 -25.30 1.37
N GLU A 183 -23.37 -26.01 1.50
CA GLU A 183 -23.05 -27.09 0.57
C GLU A 183 -23.30 -28.40 1.28
N PRO A 184 -24.32 -29.16 0.93
CA PRO A 184 -24.55 -30.44 1.59
C PRO A 184 -23.46 -31.42 1.20
N PRO A 185 -23.16 -32.40 2.04
CA PRO A 185 -22.12 -33.37 1.68
C PRO A 185 -22.64 -34.35 0.65
N LYS A 186 -21.73 -34.86 -0.17
CA LYS A 186 -22.05 -35.99 -1.03
C LYS A 186 -21.51 -37.25 -0.37
N THR A 187 -22.39 -38.21 -0.18
CA THR A 187 -22.14 -39.34 0.71
C THR A 187 -22.22 -40.67 -0.02
N HIS A 188 -21.31 -41.58 0.32
CA HIS A 188 -21.31 -42.93 -0.23
C HIS A 188 -20.52 -43.85 0.70
N VAL A 189 -20.88 -45.13 0.69
CA VAL A 189 -20.26 -46.15 1.52
C VAL A 189 -19.42 -47.05 0.65
N THR A 190 -18.19 -47.32 1.08
CA THR A 190 -17.32 -48.27 0.40
C THR A 190 -17.16 -49.51 1.28
N HIS A 191 -16.77 -50.61 0.64
CA HIS A 191 -16.71 -51.92 1.29
C HIS A 191 -15.40 -52.59 0.90
N HIS A 192 -14.62 -53.00 1.90
CA HIS A 192 -13.36 -53.68 1.66
C HIS A 192 -13.23 -54.87 2.60
N PRO A 193 -13.15 -56.09 2.09
CA PRO A 193 -13.05 -57.27 2.96
C PRO A 193 -11.64 -57.42 3.49
N ILE A 194 -11.46 -57.14 4.79
CA ILE A 194 -10.16 -57.32 5.41
C ILE A 194 -9.74 -58.79 5.35
N SER A 195 -10.70 -59.69 5.46
CA SER A 195 -10.42 -61.11 5.47
C SER A 195 -11.72 -61.86 5.14
N ASP A 196 -11.66 -63.19 5.21
CA ASP A 196 -12.84 -64.00 4.91
C ASP A 196 -13.91 -63.89 6.00
N HIS A 197 -13.55 -63.42 7.20
CA HIS A 197 -14.53 -63.27 8.27
C HIS A 197 -15.05 -61.85 8.41
N GLU A 198 -14.24 -60.84 8.09
CA GLU A 198 -14.58 -59.46 8.42
C GLU A 198 -14.29 -58.55 7.24
N ALA A 199 -14.85 -57.34 7.32
CA ALA A 199 -14.87 -56.39 6.23
C ALA A 199 -14.98 -54.98 6.80
N THR A 200 -14.38 -54.02 6.10
CA THR A 200 -14.43 -52.62 6.49
C THR A 200 -15.52 -51.90 5.72
N LEU A 201 -16.33 -51.13 6.43
CA LEU A 201 -17.33 -50.26 5.83
C LEU A 201 -16.91 -48.82 6.11
N ARG A 202 -16.78 -48.02 5.06
CA ARG A 202 -16.32 -46.64 5.19
C ARG A 202 -17.35 -45.71 4.57
N CYS A 203 -17.90 -44.84 5.40
CA CYS A 203 -18.89 -43.86 4.97
C CYS A 203 -18.19 -42.55 4.68
N TRP A 204 -18.39 -42.02 3.47
CA TRP A 204 -17.70 -40.84 2.98
C TRP A 204 -18.62 -39.64 2.97
N ALA A 205 -18.08 -38.47 3.33
CA ALA A 205 -18.75 -37.19 3.21
C ALA A 205 -17.81 -36.23 2.50
N LEU A 206 -18.21 -35.76 1.32
CA LEU A 206 -17.32 -35.00 0.45
C LEU A 206 -17.95 -33.67 0.06
N GLY A 207 -17.12 -32.63 0.05
CA GLY A 207 -17.49 -31.35 -0.54
C GLY A 207 -18.57 -30.57 0.18
N PHE A 208 -18.59 -30.58 1.50
CA PHE A 208 -19.60 -29.87 2.26
C PHE A 208 -19.03 -28.59 2.88
N TYR A 209 -19.93 -27.65 3.16
CA TYR A 209 -19.61 -26.41 3.83
C TYR A 209 -20.84 -25.96 4.61
N PRO A 210 -20.70 -25.55 5.87
CA PRO A 210 -19.45 -25.39 6.63
C PRO A 210 -18.85 -26.70 7.14
N ALA A 211 -17.83 -26.60 8.00
CA ALA A 211 -17.08 -27.78 8.42
C ALA A 211 -17.83 -28.64 9.43
N GLU A 212 -18.79 -28.07 10.15
CA GLU A 212 -19.54 -28.85 11.14
C GLU A 212 -20.33 -29.94 10.46
N ILE A 213 -20.07 -31.18 10.88
CA ILE A 213 -20.72 -32.36 10.31
C ILE A 213 -20.64 -33.47 11.35
N THR A 214 -21.56 -34.42 11.25
CA THR A 214 -21.57 -35.60 12.11
C THR A 214 -21.70 -36.82 11.23
N LEU A 215 -20.73 -37.72 11.33
CA LEU A 215 -20.78 -39.01 10.65
C LEU A 215 -20.85 -40.05 11.75
N THR A 216 -21.88 -40.89 11.68
CA THR A 216 -22.11 -41.91 12.70
C THR A 216 -22.43 -43.21 12.02
N TRP A 217 -21.74 -44.27 12.42
CA TRP A 217 -22.08 -45.62 12.03
C TRP A 217 -23.06 -46.15 13.07
N GLN A 218 -24.34 -45.90 12.84
CA GLN A 218 -25.39 -46.45 13.69
C GLN A 218 -25.50 -47.95 13.47
N GLN A 219 -26.14 -48.61 14.43
CA GLN A 219 -26.16 -50.06 14.47
C GLN A 219 -27.43 -50.52 15.17
N ASP A 220 -27.98 -51.64 14.70
CA ASP A 220 -29.29 -52.10 15.13
C ASP A 220 -29.28 -52.88 16.43
N GLY A 221 -28.21 -52.82 17.21
CA GLY A 221 -28.13 -53.56 18.46
C GLY A 221 -27.41 -54.89 18.36
N GLU A 222 -27.54 -55.58 17.21
CA GLU A 222 -26.96 -56.90 17.03
C GLU A 222 -25.69 -56.90 16.20
N GLY A 223 -25.14 -55.72 15.89
CA GLY A 223 -23.83 -55.66 15.26
C GLY A 223 -22.73 -55.86 16.28
N HIS A 224 -21.67 -56.52 15.85
CA HIS A 224 -20.51 -56.81 16.70
C HIS A 224 -19.30 -56.10 16.11
N THR A 225 -19.20 -54.80 16.38
CA THR A 225 -18.11 -54.01 15.85
C THR A 225 -16.78 -54.53 16.35
N GLN A 226 -15.86 -54.77 15.42
CA GLN A 226 -14.50 -55.18 15.77
C GLN A 226 -13.56 -53.98 15.92
N ASP A 227 -13.83 -52.90 15.18
CA ASP A 227 -12.96 -51.73 15.17
C ASP A 227 -13.71 -50.56 14.57
N THR A 228 -13.22 -49.36 14.85
CA THR A 228 -13.87 -48.15 14.37
C THR A 228 -12.82 -47.05 14.26
N GLU A 229 -13.07 -46.09 13.37
CA GLU A 229 -12.11 -45.01 13.16
C GLU A 229 -12.79 -43.81 12.50
N LEU A 230 -12.75 -42.67 13.18
CA LEU A 230 -13.23 -41.40 12.64
C LEU A 230 -12.01 -40.55 12.37
N VAL A 231 -11.98 -39.89 11.19
CA VAL A 231 -10.88 -38.98 10.87
C VAL A 231 -11.32 -37.54 11.08
N GLU A 232 -10.34 -36.70 11.42
CA GLU A 232 -10.60 -35.28 11.57
C GLU A 232 -11.09 -34.70 10.24
N THR A 233 -12.04 -33.78 10.34
CA THR A 233 -12.48 -33.06 9.15
C THR A 233 -11.29 -32.34 8.52
N ARG A 234 -11.15 -32.49 7.22
CA ARG A 234 -9.97 -32.02 6.51
C ARG A 234 -10.40 -31.16 5.34
N PRO A 235 -9.62 -30.13 5.01
CA PRO A 235 -9.99 -29.25 3.89
C PRO A 235 -9.76 -29.95 2.55
N ALA A 236 -10.74 -29.84 1.66
CA ALA A 236 -10.60 -30.37 0.31
C ALA A 236 -9.72 -29.50 -0.57
N GLY A 237 -9.49 -28.25 -0.19
CA GLY A 237 -8.69 -27.32 -0.97
C GLY A 237 -9.46 -26.39 -1.87
N ASP A 238 -10.78 -26.54 -1.99
CA ASP A 238 -11.59 -25.70 -2.86
C ASP A 238 -12.63 -24.92 -2.06
N GLY A 239 -12.44 -24.77 -0.76
CA GLY A 239 -13.37 -24.12 0.11
C GLY A 239 -14.26 -25.07 0.89
N THR A 240 -14.34 -26.33 0.48
CA THR A 240 -15.18 -27.33 1.13
C THR A 240 -14.31 -28.30 1.92
N PHE A 241 -14.98 -29.25 2.57
CA PHE A 241 -14.33 -30.15 3.52
C PHE A 241 -14.72 -31.60 3.25
N GLN A 242 -13.93 -32.51 3.83
CA GLN A 242 -14.12 -33.94 3.69
C GLN A 242 -14.07 -34.59 5.06
N LYS A 243 -14.67 -35.77 5.16
CA LYS A 243 -14.61 -36.58 6.36
C LYS A 243 -15.09 -37.98 6.02
N TRP A 244 -14.53 -38.98 6.71
CA TRP A 244 -15.07 -40.32 6.61
C TRP A 244 -15.02 -41.01 7.97
N ALA A 245 -15.89 -42.01 8.11
CA ALA A 245 -16.01 -42.85 9.29
C ALA A 245 -16.00 -44.29 8.85
N ALA A 246 -15.22 -45.12 9.53
CA ALA A 246 -15.09 -46.52 9.16
C ALA A 246 -15.47 -47.41 10.33
N VAL A 247 -15.76 -48.66 10.01
CA VAL A 247 -16.17 -49.65 11.00
C VAL A 247 -15.82 -51.02 10.46
N VAL A 248 -15.26 -51.88 11.31
CA VAL A 248 -14.90 -53.24 10.94
C VAL A 248 -15.97 -54.16 11.45
N VAL A 249 -16.65 -54.84 10.54
CA VAL A 249 -17.86 -55.60 10.85
C VAL A 249 -17.65 -57.04 10.40
N PRO A 250 -18.15 -58.03 11.14
CA PRO A 250 -18.16 -59.40 10.64
C PRO A 250 -18.84 -59.46 9.27
N SER A 251 -18.17 -60.09 8.32
CA SER A 251 -18.74 -60.23 6.98
C SER A 251 -19.98 -61.09 7.04
N GLY A 252 -21.10 -60.55 6.57
CA GLY A 252 -22.41 -61.12 6.79
C GLY A 252 -23.27 -60.31 7.73
N GLU A 253 -22.68 -59.29 8.38
CA GLU A 253 -23.41 -58.37 9.24
C GLU A 253 -23.39 -56.94 8.69
N GLU A 254 -23.11 -56.78 7.39
CA GLU A 254 -23.02 -55.43 6.83
C GLU A 254 -24.34 -54.68 6.95
N GLN A 255 -25.46 -55.36 6.68
CA GLN A 255 -26.76 -54.68 6.64
C GLN A 255 -27.22 -54.18 8.00
N ARG A 256 -26.60 -54.62 9.09
CA ARG A 256 -26.98 -54.13 10.41
C ARG A 256 -26.42 -52.75 10.71
N TYR A 257 -25.63 -52.20 9.81
CA TYR A 257 -24.93 -50.93 10.02
C TYR A 257 -25.43 -49.89 9.02
N THR A 258 -25.87 -48.75 9.53
CA THR A 258 -26.28 -47.62 8.72
C THR A 258 -25.42 -46.41 9.06
N CYS A 259 -25.15 -45.59 8.06
CA CYS A 259 -24.38 -44.37 8.22
C CYS A 259 -25.31 -43.16 8.30
N HIS A 260 -25.24 -42.45 9.41
CA HIS A 260 -26.06 -41.25 9.63
C HIS A 260 -25.20 -40.01 9.43
N VAL A 261 -25.65 -39.10 8.56
CA VAL A 261 -24.91 -37.90 8.22
C VAL A 261 -25.79 -36.69 8.53
N GLN A 262 -25.29 -35.80 9.39
CA GLN A 262 -25.94 -34.56 9.74
C GLN A 262 -25.16 -33.38 9.19
N HIS A 263 -25.87 -32.42 8.59
CA HIS A 263 -25.22 -31.23 8.07
C HIS A 263 -26.27 -30.16 7.80
N GLU A 264 -25.89 -28.90 8.01
CA GLU A 264 -26.83 -27.79 7.87
C GLU A 264 -27.34 -27.67 6.44
N GLY A 265 -26.54 -28.08 5.45
CA GLY A 265 -26.98 -28.06 4.07
C GLY A 265 -27.94 -29.16 3.71
N LEU A 266 -28.20 -30.09 4.62
CA LEU A 266 -29.13 -31.16 4.32
C LEU A 266 -30.53 -30.80 4.81
N PRO A 267 -31.55 -30.87 3.95
CA PRO A 267 -32.92 -30.60 4.40
C PRO A 267 -33.39 -31.60 5.45
N GLU A 268 -32.97 -32.86 5.32
CA GLU A 268 -33.14 -33.89 6.32
C GLU A 268 -31.82 -34.62 6.48
N PRO A 269 -31.56 -35.19 7.65
CA PRO A 269 -30.36 -36.01 7.80
C PRO A 269 -30.41 -37.15 6.81
N VAL A 270 -29.23 -37.64 6.42
CA VAL A 270 -29.11 -38.66 5.39
C VAL A 270 -28.66 -39.95 6.05
N THR A 271 -29.32 -41.05 5.71
CA THR A 271 -28.95 -42.37 6.16
C THR A 271 -28.65 -43.20 4.92
N LEU A 272 -27.52 -43.90 4.92
CA LEU A 272 -27.16 -44.71 3.77
C LEU A 272 -26.43 -45.94 4.23
N ARG A 273 -26.61 -47.02 3.48
CA ARG A 273 -26.05 -48.32 3.78
C ARG A 273 -25.28 -48.80 2.57
N TRP A 274 -24.41 -49.78 2.79
CA TRP A 274 -23.73 -50.44 1.69
C TRP A 274 -24.67 -51.38 0.93
N MET B 1 9.03 -25.08 27.03
CA MET B 1 8.46 -24.90 25.69
C MET B 1 7.64 -26.13 25.31
N ILE B 2 6.62 -25.92 24.47
CA ILE B 2 5.61 -26.92 24.18
C ILE B 2 5.86 -27.54 22.82
N GLN B 3 5.63 -28.85 22.71
CA GLN B 3 5.78 -29.58 21.47
C GLN B 3 4.55 -30.45 21.22
N ARG B 4 4.07 -30.44 19.99
CA ARG B 4 2.97 -31.30 19.57
C ARG B 4 3.31 -31.88 18.20
N THR B 5 3.16 -33.20 18.06
CA THR B 5 3.54 -33.79 16.79
C THR B 5 2.41 -33.62 15.77
N PRO B 6 2.75 -33.42 14.49
CA PRO B 6 1.70 -33.22 13.49
C PRO B 6 0.90 -34.49 13.24
N LYS B 7 -0.41 -34.30 13.06
CA LYS B 7 -1.28 -35.32 12.52
C LYS B 7 -1.29 -35.17 11.00
N ILE B 8 -1.15 -36.28 10.28
CA ILE B 8 -0.98 -36.25 8.84
C ILE B 8 -2.11 -37.00 8.17
N GLN B 9 -2.68 -36.42 7.12
CA GLN B 9 -3.60 -37.09 6.22
C GLN B 9 -3.18 -36.81 4.79
N VAL B 10 -3.05 -37.86 3.98
CA VAL B 10 -2.77 -37.73 2.56
C VAL B 10 -4.00 -38.20 1.81
N TYR B 11 -4.54 -37.34 0.97
CA TYR B 11 -5.80 -37.61 0.28
C TYR B 11 -5.85 -36.77 -0.98
N SER B 12 -6.92 -36.96 -1.75
CA SER B 12 -7.15 -36.22 -2.97
C SER B 12 -8.45 -35.41 -2.83
N ARG B 13 -8.54 -34.34 -3.60
CA ARG B 13 -9.72 -33.47 -3.54
C ARG B 13 -10.97 -34.19 -4.02
N HIS B 14 -10.84 -35.01 -5.05
CA HIS B 14 -11.93 -35.77 -5.63
C HIS B 14 -11.60 -37.25 -5.57
N PRO B 15 -12.61 -38.13 -5.63
CA PRO B 15 -12.33 -39.57 -5.67
C PRO B 15 -11.45 -39.90 -6.87
N ALA B 16 -10.37 -40.63 -6.59
CA ALA B 16 -9.37 -40.90 -7.61
C ALA B 16 -9.93 -41.76 -8.74
N GLU B 17 -9.54 -41.43 -9.96
CA GLU B 17 -9.94 -42.18 -11.15
C GLU B 17 -8.74 -42.13 -12.09
N ASN B 18 -8.12 -43.28 -12.34
CA ASN B 18 -6.87 -43.32 -13.09
C ASN B 18 -7.01 -42.59 -14.41
N GLY B 19 -6.09 -41.65 -14.66
CA GLY B 19 -6.04 -40.91 -15.90
C GLY B 19 -6.67 -39.53 -15.85
N LYS B 20 -7.54 -39.28 -14.87
CA LYS B 20 -8.22 -37.99 -14.76
C LYS B 20 -7.50 -37.11 -13.75
N SER B 21 -7.42 -35.82 -14.06
CA SER B 21 -6.66 -34.89 -13.22
C SER B 21 -7.32 -34.72 -11.86
N ASN B 22 -6.50 -34.43 -10.86
CA ASN B 22 -6.97 -34.28 -9.49
C ASN B 22 -5.97 -33.41 -8.73
N PHE B 23 -6.15 -33.31 -7.42
CA PHE B 23 -5.24 -32.59 -6.54
C PHE B 23 -4.84 -33.49 -5.38
N LEU B 24 -3.55 -33.62 -5.14
CA LEU B 24 -3.04 -34.40 -4.02
C LEU B 24 -2.89 -33.48 -2.82
N ASN B 25 -3.50 -33.83 -1.70
CA ASN B 25 -3.47 -33.03 -0.50
C ASN B 25 -2.66 -33.72 0.59
N CYS B 26 -1.87 -32.94 1.32
CA CYS B 26 -1.29 -33.38 2.58
C CYS B 26 -1.69 -32.37 3.64
N TYR B 27 -2.48 -32.80 4.60
CA TYR B 27 -3.00 -31.96 5.66
C TYR B 27 -2.26 -32.30 6.95
N VAL B 28 -1.40 -31.39 7.41
CA VAL B 28 -0.79 -31.49 8.73
C VAL B 28 -1.54 -30.57 9.67
N SER B 29 -1.76 -31.04 10.90
CA SER B 29 -2.56 -30.27 11.84
C SER B 29 -2.20 -30.67 13.27
N GLY B 30 -2.59 -29.81 14.20
CA GLY B 30 -2.39 -30.10 15.61
C GLY B 30 -0.94 -30.15 16.06
N PHE B 31 -0.07 -29.38 15.42
CA PHE B 31 1.35 -29.41 15.73
C PHE B 31 1.82 -28.09 16.31
N HIS B 32 2.96 -28.14 16.98
CA HIS B 32 3.57 -27.00 17.64
C HIS B 32 5.01 -27.37 17.97
N PRO B 33 5.99 -26.51 17.66
CA PRO B 33 5.84 -25.18 17.07
C PRO B 33 5.50 -25.19 15.58
N SER B 34 5.44 -24.00 14.98
CA SER B 34 4.98 -23.85 13.60
C SER B 34 6.00 -24.32 12.58
N ASP B 35 7.27 -24.37 12.95
CA ASP B 35 8.33 -24.75 12.02
C ASP B 35 8.14 -26.20 11.59
N ILE B 36 7.88 -26.40 10.30
CA ILE B 36 7.56 -27.74 9.78
C ILE B 36 7.92 -27.78 8.31
N GLU B 37 8.49 -28.90 7.87
CA GLU B 37 8.82 -29.14 6.47
C GLU B 37 7.93 -30.25 5.95
N VAL B 38 7.24 -29.98 4.84
CA VAL B 38 6.29 -30.92 4.24
C VAL B 38 6.58 -30.99 2.75
N ASP B 39 6.69 -32.21 2.23
CA ASP B 39 6.97 -32.46 0.83
C ASP B 39 5.99 -33.48 0.28
N LEU B 40 5.65 -33.32 -0.99
CA LEU B 40 4.84 -34.29 -1.71
C LEU B 40 5.73 -35.09 -2.66
N LEU B 41 5.53 -36.40 -2.70
CA LEU B 41 6.42 -37.31 -3.41
C LEU B 41 5.65 -38.02 -4.53
N LYS B 42 6.31 -38.16 -5.68
CA LYS B 42 5.83 -39.02 -6.75
C LYS B 42 6.86 -40.11 -6.96
N ASN B 43 6.52 -41.33 -6.55
CA ASN B 43 7.40 -42.50 -6.68
C ASN B 43 8.70 -42.30 -5.91
N GLY B 44 8.60 -41.70 -4.73
CA GLY B 44 9.75 -41.49 -3.87
C GLY B 44 10.55 -40.24 -4.12
N GLU B 45 10.21 -39.46 -5.14
CA GLU B 45 10.92 -38.24 -5.48
C GLU B 45 10.01 -37.04 -5.27
N ARG B 46 10.57 -35.97 -4.69
CA ARG B 46 9.77 -34.80 -4.34
C ARG B 46 9.12 -34.19 -5.58
N ILE B 47 7.85 -33.84 -5.45
CA ILE B 47 7.16 -33.12 -6.52
C ILE B 47 7.65 -31.68 -6.53
N GLU B 48 7.82 -31.12 -7.73
CA GLU B 48 8.39 -29.79 -7.86
C GLU B 48 7.39 -28.73 -7.40
N LYS B 49 7.89 -27.78 -6.60
CA LYS B 49 7.15 -26.61 -6.14
C LYS B 49 5.69 -26.90 -5.82
N VAL B 50 5.44 -27.61 -4.73
CA VAL B 50 4.08 -27.77 -4.24
C VAL B 50 3.69 -26.53 -3.47
N GLU B 51 2.39 -26.26 -3.41
CA GLU B 51 1.86 -25.08 -2.75
C GLU B 51 1.37 -25.45 -1.34
N HIS B 52 1.07 -24.42 -0.55
CA HIS B 52 0.51 -24.65 0.78
C HIS B 52 -0.28 -23.43 1.22
N SER B 53 -1.19 -23.65 2.15
CA SER B 53 -2.09 -22.62 2.63
C SER B 53 -1.37 -21.71 3.64
N ASP B 54 -2.08 -20.68 4.08
CA ASP B 54 -1.52 -19.73 5.02
C ASP B 54 -1.60 -20.29 6.44
N LEU B 55 -0.58 -20.01 7.24
CA LEU B 55 -0.49 -20.58 8.57
C LEU B 55 -1.64 -20.09 9.45
N SER B 56 -2.38 -21.05 10.01
CA SER B 56 -3.46 -20.76 10.95
C SER B 56 -3.37 -21.77 12.07
N PHE B 57 -4.20 -21.58 13.10
CA PHE B 57 -4.13 -22.47 14.26
C PHE B 57 -5.52 -22.64 14.86
N SER B 58 -5.63 -23.66 15.71
CA SER B 58 -6.90 -24.08 16.29
C SER B 58 -7.10 -23.48 17.67
N LYS B 59 -8.16 -23.91 18.35
CA LYS B 59 -8.53 -23.34 19.64
C LYS B 59 -7.47 -23.60 20.70
N ASP B 60 -6.68 -24.66 20.54
CA ASP B 60 -5.63 -25.01 21.48
C ASP B 60 -4.26 -24.52 21.03
N TRP B 61 -4.22 -23.58 20.09
CA TRP B 61 -3.02 -22.91 19.58
C TRP B 61 -2.17 -23.81 18.69
N SER B 62 -2.62 -25.00 18.36
CA SER B 62 -1.87 -25.88 17.48
C SER B 62 -2.13 -25.51 16.02
N PHE B 63 -1.08 -25.58 15.20
CA PHE B 63 -1.12 -25.10 13.83
C PHE B 63 -1.65 -26.15 12.87
N TYR B 64 -2.12 -25.69 11.71
CA TYR B 64 -2.51 -26.60 10.64
C TYR B 64 -2.19 -25.95 9.29
N LEU B 65 -1.83 -26.80 8.33
CA LEU B 65 -1.45 -26.37 6.99
C LEU B 65 -1.92 -27.41 5.98
N LEU B 66 -2.26 -26.94 4.78
CA LEU B 66 -2.64 -27.81 3.67
C LEU B 66 -1.61 -27.67 2.56
N TYR B 67 -0.83 -28.72 2.32
CA TYR B 67 0.10 -28.78 1.21
C TYR B 67 -0.56 -29.55 0.06
N TYR B 68 -0.50 -28.99 -1.14
CA TYR B 68 -1.25 -29.53 -2.25
C TYR B 68 -0.54 -29.25 -3.57
N THR B 69 -0.76 -30.14 -4.52
CA THR B 69 -0.30 -29.96 -5.89
C THR B 69 -1.25 -30.70 -6.82
N GLU B 70 -1.24 -30.31 -8.09
CA GLU B 70 -2.02 -31.03 -9.08
C GLU B 70 -1.30 -32.32 -9.47
N PHE B 71 -2.06 -33.41 -9.56
CA PHE B 71 -1.50 -34.69 -9.97
C PHE B 71 -2.58 -35.49 -10.67
N THR B 72 -2.14 -36.55 -11.35
CA THR B 72 -3.05 -37.46 -12.05
C THR B 72 -2.86 -38.86 -11.52
N PRO B 73 -3.85 -39.42 -10.83
CA PRO B 73 -3.71 -40.79 -10.31
C PRO B 73 -3.39 -41.78 -11.43
N THR B 74 -2.50 -42.72 -11.12
CA THR B 74 -2.15 -43.80 -12.03
C THR B 74 -2.08 -45.08 -11.22
N GLU B 75 -2.34 -46.21 -11.89
CA GLU B 75 -2.22 -47.50 -11.21
C GLU B 75 -0.80 -47.77 -10.76
N LYS B 76 0.19 -47.28 -11.52
CA LYS B 76 1.60 -47.55 -11.24
C LYS B 76 2.23 -46.52 -10.30
N ASP B 77 1.82 -45.26 -10.40
CA ASP B 77 2.43 -44.21 -9.60
C ASP B 77 2.00 -44.32 -8.14
N GLU B 78 2.96 -44.17 -7.23
CA GLU B 78 2.71 -44.17 -5.79
C GLU B 78 3.05 -42.80 -5.24
N TYR B 79 2.04 -42.11 -4.71
CA TYR B 79 2.21 -40.78 -4.13
C TYR B 79 2.23 -40.88 -2.61
N ALA B 80 2.87 -39.89 -1.98
CA ALA B 80 3.02 -39.90 -0.53
C ALA B 80 3.25 -38.47 -0.06
N CYS B 81 3.35 -38.31 1.26
CA CYS B 81 3.68 -37.04 1.90
C CYS B 81 4.77 -37.29 2.91
N ARG B 82 5.79 -36.44 2.90
CA ARG B 82 6.92 -36.56 3.82
C ARG B 82 6.93 -35.35 4.74
N VAL B 83 6.88 -35.60 6.04
CA VAL B 83 6.74 -34.55 7.04
C VAL B 83 7.95 -34.59 7.97
N ASN B 84 8.53 -33.42 8.21
CA ASN B 84 9.62 -33.28 9.17
C ASN B 84 9.27 -32.21 10.19
N HIS B 85 9.51 -32.52 11.46
CA HIS B 85 9.13 -31.64 12.54
C HIS B 85 10.05 -31.88 13.73
N VAL B 86 10.04 -30.93 14.67
CA VAL B 86 10.88 -31.04 15.87
C VAL B 86 10.50 -32.29 16.66
N THR B 87 9.22 -32.61 16.73
CA THR B 87 8.71 -33.71 17.55
C THR B 87 8.99 -35.08 16.94
N LEU B 88 9.49 -35.15 15.72
CA LEU B 88 9.79 -36.42 15.06
C LEU B 88 11.28 -36.68 15.12
N SER B 89 11.66 -37.85 15.65
CA SER B 89 13.07 -38.24 15.64
C SER B 89 13.57 -38.56 14.24
N GLN B 90 12.67 -38.68 13.27
CA GLN B 90 13.01 -38.92 11.87
C GLN B 90 11.82 -38.52 11.02
N PRO B 91 12.04 -38.13 9.77
CA PRO B 91 10.91 -37.72 8.93
C PRO B 91 9.88 -38.82 8.78
N LYS B 92 8.60 -38.45 8.87
CA LYS B 92 7.50 -39.39 8.76
C LYS B 92 6.94 -39.35 7.34
N ILE B 93 6.82 -40.53 6.73
CA ILE B 93 6.30 -40.67 5.37
C ILE B 93 4.95 -41.37 5.46
N VAL B 94 3.95 -40.79 4.80
CA VAL B 94 2.59 -41.34 4.79
C VAL B 94 2.21 -41.62 3.35
N LYS B 95 1.93 -42.90 3.04
CA LYS B 95 1.49 -43.27 1.71
C LYS B 95 0.13 -42.67 1.39
N TRP B 96 -0.09 -42.37 0.12
CA TRP B 96 -1.43 -42.00 -0.32
C TRP B 96 -2.23 -43.26 -0.60
N ASP B 97 -3.39 -43.36 0.04
CA ASP B 97 -4.33 -44.46 -0.16
C ASP B 97 -5.59 -43.87 -0.77
N ARG B 98 -5.96 -44.33 -1.96
CA ARG B 98 -7.05 -43.68 -2.68
C ARG B 98 -8.41 -43.94 -2.07
N ASP B 99 -8.52 -44.77 -1.04
CA ASP B 99 -9.77 -44.96 -0.31
C ASP B 99 -9.63 -44.51 1.15
N MET B 100 -8.77 -43.54 1.40
CA MET B 100 -8.66 -42.97 2.74
C MET B 100 -8.39 -41.47 2.67
N GLY C 1 -42.67 -12.56 -37.43
CA GLY C 1 -41.59 -12.69 -38.39
C GLY C 1 -41.31 -14.12 -38.78
N SER C 2 -40.28 -14.32 -39.60
CA SER C 2 -39.92 -15.66 -40.05
C SER C 2 -39.42 -16.51 -38.88
N HIS C 3 -39.75 -17.80 -38.92
CA HIS C 3 -39.33 -18.77 -37.92
C HIS C 3 -38.83 -20.04 -38.62
N SER C 4 -37.93 -20.75 -37.94
CA SER C 4 -37.32 -21.93 -38.52
C SER C 4 -37.16 -23.00 -37.46
N LEU C 5 -37.31 -24.25 -37.88
CA LEU C 5 -36.99 -25.42 -37.08
C LEU C 5 -35.93 -26.21 -37.84
N LYS C 6 -34.75 -26.39 -37.24
CA LYS C 6 -33.63 -27.03 -37.89
C LYS C 6 -33.01 -28.08 -36.98
N TYR C 7 -32.61 -29.21 -37.56
CA TYR C 7 -31.87 -30.25 -36.86
C TYR C 7 -30.48 -30.40 -37.47
N PHE C 8 -29.47 -30.55 -36.62
CA PHE C 8 -28.08 -30.66 -37.04
C PHE C 8 -27.51 -31.97 -36.51
N HIS C 9 -27.24 -32.91 -37.41
CA HIS C 9 -26.73 -34.23 -37.04
C HIS C 9 -25.29 -34.37 -37.50
N THR C 10 -24.43 -34.84 -36.61
CA THR C 10 -23.01 -35.02 -36.90
C THR C 10 -22.60 -36.43 -36.49
N SER C 11 -21.94 -37.13 -37.41
CA SER C 11 -21.48 -38.50 -37.18
C SER C 11 -19.99 -38.56 -37.50
N VAL C 12 -19.19 -38.97 -36.52
CA VAL C 12 -17.75 -39.04 -36.66
C VAL C 12 -17.31 -40.46 -36.33
N SER C 13 -16.70 -41.14 -37.31
CA SER C 13 -16.21 -42.49 -37.11
C SER C 13 -14.91 -42.47 -36.31
N ARG C 14 -14.82 -43.38 -35.33
CA ARG C 14 -13.61 -43.53 -34.54
C ARG C 14 -12.88 -44.78 -35.00
N PRO C 15 -11.71 -44.66 -35.61
CA PRO C 15 -11.07 -45.85 -36.20
C PRO C 15 -10.60 -46.88 -35.18
N GLY C 16 -9.91 -46.43 -34.14
CA GLY C 16 -9.38 -47.36 -33.15
C GLY C 16 -10.45 -48.11 -32.36
N ARG C 17 -11.47 -47.38 -31.91
CA ARG C 17 -12.49 -47.98 -31.05
C ARG C 17 -13.88 -47.46 -31.38
N GLU C 19 -17.72 -47.86 -32.50
CA GLU C 19 -18.73 -47.32 -33.41
C GLU C 19 -18.60 -45.80 -33.46
N PRO C 20 -19.19 -45.17 -34.47
CA PRO C 20 -19.06 -43.71 -34.59
C PRO C 20 -19.81 -42.97 -33.50
N ARG C 21 -19.28 -41.79 -33.16
CA ARG C 21 -19.97 -40.85 -32.29
C ARG C 21 -21.09 -40.17 -33.06
N PHE C 22 -22.25 -40.02 -32.42
CA PHE C 22 -23.41 -39.41 -33.06
C PHE C 22 -23.99 -38.34 -32.15
N ILE C 23 -24.14 -37.13 -32.69
CA ILE C 23 -24.65 -35.98 -31.95
C ILE C 23 -25.75 -35.32 -32.76
N SER C 24 -26.89 -35.07 -32.14
CA SER C 24 -28.01 -34.35 -32.75
C SER C 24 -28.41 -33.20 -31.85
N VAL C 25 -28.59 -32.02 -32.45
CA VAL C 25 -29.13 -30.85 -31.75
C VAL C 25 -30.24 -30.27 -32.61
N GLY C 26 -31.30 -29.79 -31.96
CA GLY C 26 -32.41 -29.15 -32.62
C GLY C 26 -32.48 -27.69 -32.23
N TYR C 27 -32.82 -26.83 -33.19
CA TYR C 27 -32.98 -25.41 -32.94
C TYR C 27 -34.35 -24.95 -33.45
N VAL C 28 -34.98 -24.08 -32.66
CA VAL C 28 -36.12 -23.28 -33.11
C VAL C 28 -35.64 -21.84 -33.06
N ASP C 29 -35.48 -21.22 -34.23
CA ASP C 29 -34.86 -19.90 -34.39
C ASP C 29 -33.42 -20.03 -33.89
N ASP C 30 -32.97 -19.18 -32.96
CA ASP C 30 -31.62 -19.25 -32.41
C ASP C 30 -31.59 -19.93 -31.04
N THR C 31 -32.60 -20.74 -30.72
CA THR C 31 -32.73 -21.40 -29.43
C THR C 31 -32.65 -22.90 -29.63
N GLN C 32 -31.60 -23.53 -29.09
CA GLN C 32 -31.54 -24.98 -29.06
C GLN C 32 -32.55 -25.51 -28.05
N PHE C 33 -33.31 -26.54 -28.45
CA PHE C 33 -34.36 -27.07 -27.59
C PHE C 33 -34.29 -28.57 -27.34
N VAL C 34 -33.52 -29.34 -28.11
CA VAL C 34 -33.35 -30.77 -27.86
C VAL C 34 -31.91 -31.15 -28.17
N ARG C 35 -31.50 -32.29 -27.62
CA ARG C 35 -30.17 -32.83 -27.84
C ARG C 35 -30.24 -34.34 -27.84
N PHE C 36 -29.42 -34.97 -28.69
CA PHE C 36 -29.19 -36.40 -28.61
C PHE C 36 -27.70 -36.65 -28.76
N ASP C 37 -27.13 -37.36 -27.79
CA ASP C 37 -25.73 -37.72 -27.82
C ASP C 37 -25.65 -39.21 -27.55
N ASN C 38 -25.19 -39.98 -28.54
CA ASN C 38 -25.15 -41.42 -28.37
C ASN C 38 -24.06 -41.87 -27.41
N ASP C 39 -23.32 -40.93 -26.83
CA ASP C 39 -22.25 -41.22 -25.88
C ASP C 39 -22.86 -41.50 -24.50
N ALA C 40 -23.57 -42.62 -24.42
CA ALA C 40 -24.23 -43.05 -23.20
C ALA C 40 -24.60 -44.52 -23.36
N ALA C 41 -24.95 -45.16 -22.24
CA ALA C 41 -25.39 -46.55 -22.29
C ALA C 41 -26.74 -46.66 -23.00
N SER C 42 -27.71 -45.83 -22.59
CA SER C 42 -29.03 -45.77 -23.21
C SER C 42 -29.29 -44.32 -23.59
N PRO C 43 -28.75 -43.87 -24.72
CA PRO C 43 -28.90 -42.45 -25.09
C PRO C 43 -30.35 -42.08 -25.37
N ARG C 44 -30.73 -40.90 -24.93
CA ARG C 44 -32.09 -40.41 -25.07
C ARG C 44 -32.09 -39.01 -25.65
N MET C 45 -33.18 -38.67 -26.35
CA MET C 45 -33.42 -37.28 -26.70
C MET C 45 -33.81 -36.52 -25.45
N VAL C 46 -33.14 -35.39 -25.22
CA VAL C 46 -33.33 -34.63 -23.98
C VAL C 46 -33.66 -33.18 -24.28
N PRO C 47 -34.48 -32.53 -23.47
CA PRO C 47 -34.78 -31.11 -23.69
C PRO C 47 -33.58 -30.23 -23.35
N ARG C 48 -33.41 -29.16 -24.12
CA ARG C 48 -32.35 -28.18 -23.85
C ARG C 48 -32.91 -26.79 -23.63
N ALA C 49 -34.23 -26.64 -23.64
CA ALA C 49 -34.93 -25.42 -23.27
C ALA C 49 -35.96 -25.76 -22.19
N PRO C 50 -36.19 -24.85 -21.24
CA PRO C 50 -37.13 -25.17 -20.15
C PRO C 50 -38.54 -25.47 -20.65
N TRP C 51 -39.00 -24.81 -21.71
CA TRP C 51 -40.35 -25.04 -22.21
C TRP C 51 -40.51 -26.40 -22.87
N MET C 52 -39.43 -27.13 -23.11
CA MET C 52 -39.59 -28.46 -23.70
C MET C 52 -39.83 -29.56 -22.69
N GLU C 53 -39.84 -29.26 -21.40
CA GLU C 53 -40.13 -30.23 -20.36
C GLU C 53 -41.63 -30.42 -20.14
N GLN C 54 -42.51 -29.70 -20.84
CA GLN C 54 -43.95 -29.96 -20.71
C GLN C 54 -44.42 -31.10 -21.60
N GLU C 55 -43.51 -31.82 -22.25
CA GLU C 55 -43.88 -32.90 -23.16
C GLU C 55 -43.95 -34.23 -22.44
N GLY C 56 -44.89 -35.07 -22.90
CA GLY C 56 -45.17 -36.33 -22.25
C GLY C 56 -44.13 -37.39 -22.56
N SER C 57 -44.39 -38.59 -22.04
CA SER C 57 -43.47 -39.70 -22.24
C SER C 57 -43.38 -40.09 -23.72
N GLU C 58 -44.50 -39.99 -24.45
CA GLU C 58 -44.50 -40.44 -25.84
C GLU C 58 -43.61 -39.59 -26.73
N TYR C 59 -43.59 -38.26 -26.52
CA TYR C 59 -42.72 -37.42 -27.35
C TYR C 59 -41.27 -37.85 -27.23
N TRP C 60 -40.78 -37.99 -25.99
CA TRP C 60 -39.36 -38.32 -25.82
C TRP C 60 -39.05 -39.74 -26.27
N ASP C 61 -39.98 -40.67 -26.07
CA ASP C 61 -39.79 -42.03 -26.57
C ASP C 61 -39.66 -42.05 -28.09
N ARG C 62 -40.51 -41.29 -28.77
CA ARG C 62 -40.48 -41.26 -30.23
C ARG C 62 -39.23 -40.57 -30.75
N GLU C 63 -38.86 -39.44 -30.15
CA GLU C 63 -37.66 -38.73 -30.58
C GLU C 63 -36.41 -39.54 -30.28
N THR C 64 -36.40 -40.30 -29.18
CA THR C 64 -35.26 -41.17 -28.88
C THR C 64 -35.11 -42.27 -29.92
N ARG C 65 -36.23 -42.85 -30.37
CA ARG C 65 -36.15 -43.88 -31.41
C ARG C 65 -35.68 -43.30 -32.73
N SER C 66 -36.21 -42.14 -33.13
CA SER C 66 -35.77 -41.51 -34.37
C SER C 66 -34.29 -41.19 -34.34
N ALA C 67 -33.79 -40.75 -33.19
CA ALA C 67 -32.38 -40.38 -33.09
C ALA C 67 -31.49 -41.61 -33.05
N ARG C 68 -31.91 -42.67 -32.35
CA ARG C 68 -31.13 -43.90 -32.33
C ARG C 68 -31.14 -44.59 -33.69
N ASP C 69 -32.26 -44.51 -34.42
CA ASP C 69 -32.30 -45.09 -35.76
C ASP C 69 -31.39 -44.33 -36.71
N THR C 70 -31.36 -43.00 -36.60
CA THR C 70 -30.48 -42.18 -37.44
C THR C 70 -29.02 -42.50 -37.19
N ALA C 71 -28.64 -42.65 -35.91
CA ALA C 71 -27.26 -43.00 -35.57
C ALA C 71 -26.84 -44.30 -36.24
N GLN C 72 -27.72 -45.32 -36.20
CA GLN C 72 -27.43 -46.58 -36.87
C GLN C 72 -27.32 -46.37 -38.39
N ILE C 73 -28.27 -45.64 -38.97
CA ILE C 73 -28.24 -45.39 -40.40
C ILE C 73 -27.00 -44.60 -40.79
N PHE C 74 -26.59 -43.64 -39.96
CA PHE C 74 -25.41 -42.85 -40.27
C PHE C 74 -24.14 -43.68 -40.15
N ARG C 75 -24.13 -44.68 -39.28
CA ARG C 75 -22.99 -45.60 -39.24
C ARG C 75 -22.90 -46.37 -40.53
N VAL C 76 -24.03 -46.77 -41.10
CA VAL C 76 -24.05 -47.45 -42.39
C VAL C 76 -23.63 -46.50 -43.51
N ASN C 77 -24.09 -45.24 -43.45
CA ASN C 77 -23.72 -44.26 -44.46
C ASN C 77 -22.22 -44.02 -44.48
N LEU C 78 -21.60 -43.94 -43.30
CA LEU C 78 -20.15 -43.80 -43.23
C LEU C 78 -19.47 -45.00 -43.86
N ARG C 79 -19.99 -46.19 -43.59
CA ARG C 79 -19.49 -47.41 -44.20
C ARG C 79 -19.57 -47.34 -45.72
N THR C 80 -20.73 -46.96 -46.25
CA THR C 80 -20.93 -46.87 -47.69
C THR C 80 -20.04 -45.81 -48.32
N LEU C 81 -20.04 -44.61 -47.74
CA LEU C 81 -19.26 -43.50 -48.30
C LEU C 81 -17.78 -43.81 -48.24
N ARG C 82 -17.32 -44.48 -47.18
CA ARG C 82 -15.92 -44.91 -47.15
C ARG C 82 -15.63 -45.88 -48.30
N GLY C 83 -16.59 -46.71 -48.68
CA GLY C 83 -16.40 -47.58 -49.83
C GLY C 83 -16.50 -46.84 -51.16
N TYR C 84 -17.37 -45.84 -51.26
CA TYR C 84 -17.47 -45.06 -52.49
C TYR C 84 -16.13 -44.43 -52.86
N TYR C 85 -15.39 -43.95 -51.86
CA TYR C 85 -14.15 -43.23 -52.08
C TYR C 85 -12.90 -44.08 -51.91
N ASN C 86 -13.05 -45.40 -51.72
CA ASN C 86 -11.92 -46.32 -51.58
C ASN C 86 -11.01 -45.89 -50.43
N GLN C 87 -11.61 -45.54 -49.30
CA GLN C 87 -10.88 -45.06 -48.15
C GLN C 87 -10.66 -46.18 -47.15
N SER C 88 -9.50 -46.15 -46.48
CA SER C 88 -9.14 -47.19 -45.53
C SER C 88 -10.00 -47.06 -44.27
N GLU C 89 -10.03 -48.15 -43.48
CA GLU C 89 -10.72 -48.13 -42.21
C GLU C 89 -10.00 -47.30 -41.16
N ALA C 90 -8.70 -47.05 -41.34
CA ALA C 90 -7.93 -46.34 -40.33
C ALA C 90 -8.27 -44.86 -40.28
N GLY C 91 -8.88 -44.32 -41.33
CA GLY C 91 -9.19 -42.90 -41.36
C GLY C 91 -10.52 -42.60 -40.69
N SER C 92 -10.53 -41.53 -39.91
CA SER C 92 -11.75 -41.03 -39.29
C SER C 92 -12.43 -40.05 -40.24
N HIS C 93 -13.74 -40.19 -40.39
CA HIS C 93 -14.49 -39.39 -41.34
C HIS C 93 -15.77 -38.86 -40.70
N THR C 94 -16.28 -37.78 -41.28
CA THR C 94 -17.42 -37.05 -40.73
C THR C 94 -18.55 -37.03 -41.75
N LEU C 95 -19.76 -37.34 -41.29
CA LEU C 95 -20.97 -37.19 -42.08
C LEU C 95 -21.90 -36.24 -41.34
N GLN C 96 -22.30 -35.16 -42.01
CA GLN C 96 -23.16 -34.14 -41.42
C GLN C 96 -24.48 -34.07 -42.17
N TRP C 97 -25.53 -33.74 -41.44
CA TRP C 97 -26.88 -33.69 -42.00
C TRP C 97 -27.61 -32.51 -41.40
N MET C 98 -28.03 -31.57 -42.25
CA MET C 98 -28.86 -30.45 -41.85
C MET C 98 -30.24 -30.63 -42.45
N HIS C 99 -31.27 -30.28 -41.69
CA HIS C 99 -32.62 -30.63 -42.09
C HIS C 99 -33.60 -29.72 -41.36
N GLY C 100 -34.61 -29.23 -42.08
CA GLY C 100 -35.65 -28.44 -41.45
C GLY C 100 -36.36 -27.53 -42.43
N CYS C 101 -37.31 -26.77 -41.87
CA CYS C 101 -38.17 -25.90 -42.64
C CYS C 101 -38.07 -24.47 -42.13
N GLU C 102 -38.64 -23.54 -42.89
CA GLU C 102 -38.70 -22.14 -42.51
C GLU C 102 -40.06 -21.57 -42.87
N LEU C 103 -40.66 -20.84 -41.93
CA LEU C 103 -41.94 -20.18 -42.14
C LEU C 103 -41.74 -18.70 -42.44
N GLY C 104 -42.64 -18.16 -43.24
CA GLY C 104 -42.69 -16.73 -43.42
C GLY C 104 -43.42 -16.08 -42.27
N PRO C 105 -43.42 -14.75 -42.26
CA PRO C 105 -44.19 -14.04 -41.23
C PRO C 105 -45.67 -14.42 -41.24
N ASP C 106 -46.22 -14.70 -42.43
CA ASP C 106 -47.59 -15.17 -42.59
C ASP C 106 -47.80 -16.60 -42.07
N GLY C 107 -46.75 -17.30 -41.64
CA GLY C 107 -46.89 -18.56 -40.94
C GLY C 107 -46.91 -19.82 -41.77
N ARG C 108 -47.05 -19.74 -43.09
CA ARG C 108 -47.02 -20.93 -43.91
C ARG C 108 -45.61 -21.21 -44.42
N PHE C 109 -45.44 -22.38 -45.04
CA PHE C 109 -44.13 -22.84 -45.46
C PHE C 109 -43.50 -21.88 -46.44
N LEU C 110 -42.21 -21.59 -46.24
CA LEU C 110 -41.47 -20.65 -47.07
C LEU C 110 -40.28 -21.29 -47.76
N ARG C 111 -39.45 -22.04 -47.02
CA ARG C 111 -38.32 -22.72 -47.62
C ARG C 111 -37.93 -23.89 -46.73
N GLY C 112 -37.66 -25.04 -47.36
CA GLY C 112 -37.17 -26.20 -46.66
C GLY C 112 -35.87 -26.67 -47.27
N TYR C 113 -35.08 -27.44 -46.53
CA TYR C 113 -33.85 -27.94 -47.10
C TYR C 113 -33.41 -29.21 -46.37
N GLU C 114 -32.72 -30.07 -47.12
CA GLU C 114 -32.14 -31.30 -46.61
C GLU C 114 -30.80 -31.46 -47.31
N GLN C 115 -29.71 -31.45 -46.53
CA GLN C 115 -28.37 -31.40 -47.08
C GLN C 115 -27.46 -32.34 -46.31
N PHE C 116 -26.52 -32.95 -47.03
CA PHE C 116 -25.54 -33.86 -46.44
C PHE C 116 -24.13 -33.38 -46.72
N ALA C 117 -23.25 -33.55 -45.74
CA ALA C 117 -21.84 -33.20 -45.89
C ALA C 117 -20.97 -34.39 -45.49
N TYR C 118 -19.94 -34.65 -46.29
CA TYR C 118 -18.96 -35.68 -45.98
C TYR C 118 -17.60 -35.01 -45.87
N ASP C 119 -17.01 -35.06 -44.68
CA ASP C 119 -15.69 -34.49 -44.41
C ASP C 119 -15.65 -33.00 -44.73
N GLY C 120 -16.65 -32.27 -44.25
CA GLY C 120 -16.65 -30.82 -44.35
C GLY C 120 -16.99 -30.24 -45.71
N LYS C 121 -17.39 -31.07 -46.67
CA LYS C 121 -17.73 -30.59 -48.00
C LYS C 121 -19.16 -31.01 -48.34
N ASP C 122 -19.81 -30.21 -49.18
CA ASP C 122 -21.13 -30.56 -49.70
C ASP C 122 -21.07 -31.95 -50.33
N TYR C 123 -22.14 -32.73 -50.12
CA TYR C 123 -22.21 -34.06 -50.72
C TYR C 123 -23.50 -34.19 -51.51
N LEU C 124 -24.64 -34.22 -50.83
CA LEU C 124 -25.95 -34.36 -51.47
C LEU C 124 -26.88 -33.29 -50.93
N THR C 125 -27.59 -32.60 -51.82
CA THR C 125 -28.45 -31.49 -51.47
C THR C 125 -29.79 -31.61 -52.18
N LEU C 126 -30.88 -31.51 -51.41
CA LEU C 126 -32.20 -31.43 -52.00
C LEU C 126 -32.46 -29.99 -52.45
N ASN C 127 -32.89 -29.82 -53.70
CA ASN C 127 -33.11 -28.50 -54.25
C ASN C 127 -34.41 -27.91 -53.72
N GLU C 128 -34.56 -26.59 -53.90
CA GLU C 128 -35.71 -25.89 -53.35
C GLU C 128 -37.02 -26.33 -53.99
N ASP C 129 -36.97 -26.91 -55.19
CA ASP C 129 -38.19 -27.47 -55.76
C ASP C 129 -38.63 -28.74 -55.04
N LEU C 130 -37.78 -29.29 -54.17
CA LEU C 130 -38.09 -30.48 -53.37
C LEU C 130 -38.45 -31.68 -54.24
N ARG C 131 -37.91 -31.71 -55.46
CA ARG C 131 -38.12 -32.85 -56.35
C ARG C 131 -36.87 -33.28 -57.10
N SER C 132 -35.75 -32.56 -56.98
CA SER C 132 -34.50 -32.95 -57.60
C SER C 132 -33.38 -32.83 -56.59
N TRP C 133 -32.21 -33.37 -56.95
CA TRP C 133 -31.06 -33.40 -56.07
C TRP C 133 -29.85 -32.80 -56.76
N THR C 134 -28.84 -32.47 -55.95
CA THR C 134 -27.55 -32.01 -56.43
C THR C 134 -26.46 -32.89 -55.82
N ALA C 135 -25.75 -33.62 -56.67
CA ALA C 135 -24.66 -34.49 -56.25
C ALA C 135 -23.34 -33.81 -56.55
N VAL C 136 -22.45 -33.78 -55.56
CA VAL C 136 -21.22 -33.03 -55.71
C VAL C 136 -20.23 -33.73 -56.64
N ASP C 137 -20.33 -35.05 -56.78
CA ASP C 137 -19.36 -35.82 -57.55
C ASP C 137 -20.00 -37.16 -57.93
N THR C 138 -19.17 -38.08 -58.45
CA THR C 138 -19.69 -39.36 -58.92
C THR C 138 -20.25 -40.20 -57.79
N ALA C 139 -19.59 -40.16 -56.61
CA ALA C 139 -20.08 -40.94 -55.47
C ALA C 139 -21.48 -40.49 -55.07
N ALA C 140 -21.68 -39.19 -54.88
CA ALA C 140 -22.99 -38.67 -54.50
C ALA C 140 -24.03 -38.94 -55.57
N GLN C 141 -23.62 -39.14 -56.82
CA GLN C 141 -24.58 -39.52 -57.84
C GLN C 141 -25.16 -40.90 -57.58
N ILE C 142 -24.40 -41.79 -56.94
CA ILE C 142 -24.95 -43.07 -56.53
C ILE C 142 -25.97 -42.88 -55.41
N SER C 143 -25.67 -41.99 -54.45
CA SER C 143 -26.64 -41.68 -53.41
C SER C 143 -27.87 -40.98 -53.98
N GLU C 144 -27.67 -40.11 -54.97
CA GLU C 144 -28.81 -39.47 -55.63
C GLU C 144 -29.67 -40.50 -56.34
N GLN C 145 -29.04 -41.49 -56.97
CA GLN C 145 -29.79 -42.54 -57.65
C GLN C 145 -30.60 -43.37 -56.65
N LYS C 146 -30.01 -43.65 -55.48
CA LYS C 146 -30.77 -44.37 -54.46
C LYS C 146 -31.96 -43.56 -53.98
N SER C 147 -31.77 -42.25 -53.79
CA SER C 147 -32.86 -41.41 -53.30
C SER C 147 -33.97 -41.29 -54.34
N ASN C 148 -33.62 -41.25 -55.62
CA ASN C 148 -34.64 -41.24 -56.66
C ASN C 148 -35.38 -42.57 -56.73
N ASP C 149 -34.65 -43.68 -56.59
CA ASP C 149 -35.29 -44.99 -56.63
C ASP C 149 -36.26 -45.16 -55.47
N ALA C 150 -35.90 -44.65 -54.30
CA ALA C 150 -36.71 -44.81 -53.09
C ALA C 150 -37.75 -43.70 -52.91
N SER C 151 -37.91 -42.83 -53.90
CA SER C 151 -38.82 -41.68 -53.81
C SER C 151 -38.53 -40.86 -52.55
N GLU C 152 -37.25 -40.62 -52.29
CA GLU C 152 -36.86 -39.94 -51.06
C GLU C 152 -37.33 -38.49 -51.05
N ALA C 153 -37.25 -37.79 -52.18
CA ALA C 153 -37.70 -36.41 -52.23
C ALA C 153 -39.20 -36.28 -51.96
N GLU C 154 -39.99 -37.27 -52.37
CA GLU C 154 -41.41 -37.23 -52.07
C GLU C 154 -41.66 -37.32 -50.57
N HIS C 155 -40.91 -38.17 -49.88
CA HIS C 155 -41.07 -38.28 -48.43
C HIS C 155 -40.53 -37.04 -47.74
N GLN C 156 -39.43 -36.48 -48.27
CA GLN C 156 -38.91 -35.22 -47.74
C GLN C 156 -39.90 -34.09 -47.94
N ARG C 157 -40.58 -34.09 -49.09
CA ARG C 157 -41.57 -33.05 -49.38
C ARG C 157 -42.69 -33.07 -48.34
N ALA C 158 -43.13 -34.26 -47.93
CA ALA C 158 -44.26 -34.35 -47.01
C ALA C 158 -43.85 -33.95 -45.59
N TYR C 159 -42.63 -34.30 -45.18
CA TYR C 159 -42.17 -33.91 -43.84
C TYR C 159 -41.89 -32.42 -43.78
N LEU C 160 -41.12 -31.90 -44.76
CA LEU C 160 -40.71 -30.50 -44.70
C LEU C 160 -41.89 -29.56 -44.83
N GLU C 161 -42.85 -29.87 -45.71
CA GLU C 161 -43.96 -28.95 -45.96
C GLU C 161 -45.10 -29.13 -44.96
N ASP C 162 -45.16 -30.25 -44.25
CA ASP C 162 -46.28 -30.54 -43.36
C ASP C 162 -45.80 -30.81 -41.94
N THR C 163 -45.15 -31.95 -41.69
CA THR C 163 -44.77 -32.31 -40.33
C THR C 163 -43.84 -31.26 -39.70
N CYS C 164 -42.84 -30.81 -40.45
CA CYS C 164 -41.92 -29.82 -39.88
C CYS C 164 -42.64 -28.51 -39.59
N VAL C 165 -43.47 -28.06 -40.52
CA VAL C 165 -44.20 -26.81 -40.35
C VAL C 165 -45.21 -26.93 -39.22
N GLU C 166 -45.85 -28.09 -39.08
CA GLU C 166 -46.84 -28.27 -38.03
C GLU C 166 -46.20 -28.25 -36.64
N TRP C 167 -45.06 -28.92 -36.47
CA TRP C 167 -44.41 -28.96 -35.17
C TRP C 167 -43.67 -27.68 -34.85
N LEU C 168 -43.17 -26.95 -35.85
CA LEU C 168 -42.63 -25.63 -35.59
C LEU C 168 -43.70 -24.73 -34.97
N HIS C 169 -44.95 -24.89 -35.40
CA HIS C 169 -46.05 -24.15 -34.77
C HIS C 169 -46.25 -24.57 -33.32
N LYS C 170 -46.09 -25.87 -33.03
CA LYS C 170 -46.25 -26.34 -31.65
C LYS C 170 -45.10 -25.87 -30.76
N TYR C 171 -43.90 -25.74 -31.31
CA TYR C 171 -42.77 -25.29 -30.52
C TYR C 171 -42.86 -23.79 -30.24
N LEU C 172 -43.30 -23.01 -31.22
CA LEU C 172 -43.51 -21.58 -31.01
C LEU C 172 -44.58 -21.30 -29.97
N GLU C 173 -45.51 -22.24 -29.77
CA GLU C 173 -46.56 -22.05 -28.77
C GLU C 173 -46.07 -22.39 -27.37
N LYS C 174 -45.37 -23.51 -27.23
CA LYS C 174 -44.87 -23.90 -25.91
C LYS C 174 -43.79 -22.93 -25.42
N GLY C 175 -42.86 -22.54 -26.29
CA GLY C 175 -41.84 -21.61 -25.88
C GLY C 175 -42.20 -20.16 -26.17
N LYS C 176 -43.50 -19.89 -26.25
CA LYS C 176 -43.97 -18.55 -26.61
C LYS C 176 -43.37 -17.47 -25.70
N GLU C 177 -43.38 -17.71 -24.38
CA GLU C 177 -42.97 -16.66 -23.45
C GLU C 177 -41.50 -16.29 -23.61
N THR C 178 -40.68 -17.17 -24.18
CA THR C 178 -39.28 -16.86 -24.43
C THR C 178 -38.94 -16.74 -25.91
N LEU C 179 -39.51 -17.60 -26.75
CA LEU C 179 -39.21 -17.55 -28.17
C LEU C 179 -39.83 -16.31 -28.82
N LEU C 180 -41.10 -16.04 -28.53
CA LEU C 180 -41.78 -14.92 -29.17
C LEU C 180 -41.65 -13.61 -28.39
N HIS C 181 -40.97 -13.61 -27.25
CA HIS C 181 -40.68 -12.38 -26.52
C HIS C 181 -39.23 -12.02 -26.83
N LEU C 182 -39.06 -10.94 -27.58
CA LEU C 182 -37.74 -10.52 -28.01
C LEU C 182 -37.01 -9.80 -26.88
N GLU C 183 -35.70 -10.06 -26.79
CA GLU C 183 -34.88 -9.41 -25.78
C GLU C 183 -34.10 -8.30 -26.46
N PRO C 184 -34.41 -7.03 -26.19
CA PRO C 184 -33.62 -5.96 -26.78
C PRO C 184 -32.24 -5.93 -26.17
N PRO C 185 -31.23 -5.43 -26.89
CA PRO C 185 -29.88 -5.39 -26.31
C PRO C 185 -29.76 -4.28 -25.30
N LYS C 186 -28.90 -4.49 -24.31
CA LYS C 186 -28.52 -3.46 -23.37
C LYS C 186 -27.19 -2.90 -23.83
N THR C 187 -27.12 -1.58 -24.02
CA THR C 187 -26.04 -0.95 -24.75
C THR C 187 -25.30 0.08 -23.91
N HIS C 188 -23.98 0.13 -24.09
CA HIS C 188 -23.15 1.13 -23.45
C HIS C 188 -21.86 1.28 -24.24
N VAL C 189 -21.28 2.47 -24.19
CA VAL C 189 -20.04 2.80 -24.89
C VAL C 189 -18.91 2.91 -23.87
N THR C 190 -17.79 2.26 -24.16
CA THR C 190 -16.60 2.36 -23.34
C THR C 190 -15.54 3.19 -24.06
N HIS C 191 -14.57 3.68 -23.29
CA HIS C 191 -13.57 4.61 -23.78
C HIS C 191 -12.20 4.19 -23.28
N HIS C 192 -11.25 4.05 -24.21
CA HIS C 192 -9.90 3.64 -23.86
C HIS C 192 -8.90 4.46 -24.66
N PRO C 193 -8.09 5.28 -24.00
CA PRO C 193 -7.07 6.06 -24.73
C PRO C 193 -5.96 5.18 -25.28
N ILE C 194 -5.87 5.08 -26.61
CA ILE C 194 -4.78 4.36 -27.23
C ILE C 194 -3.47 5.11 -27.05
N SER C 195 -3.54 6.44 -27.06
CA SER C 195 -2.34 7.28 -27.03
C SER C 195 -2.77 8.66 -26.54
N ASP C 196 -1.82 9.60 -26.54
CA ASP C 196 -2.16 10.96 -26.12
C ASP C 196 -3.10 11.66 -27.11
N HIS C 197 -3.13 11.21 -28.36
CA HIS C 197 -3.94 11.84 -29.39
C HIS C 197 -5.07 10.96 -29.90
N GLU C 198 -5.17 9.71 -29.45
CA GLU C 198 -6.16 8.79 -29.96
C GLU C 198 -6.77 7.98 -28.83
N ALA C 199 -8.03 7.61 -29.03
CA ALA C 199 -8.83 6.87 -28.06
C ALA C 199 -9.73 5.91 -28.80
N THR C 200 -9.99 4.77 -28.17
CA THR C 200 -10.85 3.75 -28.75
C THR C 200 -12.24 3.93 -28.18
N LEU C 201 -13.24 3.90 -29.06
CA LEU C 201 -14.64 3.90 -28.66
C LEU C 201 -15.20 2.54 -29.02
N ARG C 202 -15.79 1.86 -28.03
CA ARG C 202 -16.31 0.52 -28.20
C ARG C 202 -17.77 0.52 -27.77
N CYS C 203 -18.64 0.20 -28.72
CA CYS C 203 -20.07 0.15 -28.49
C CYS C 203 -20.50 -1.28 -28.18
N TRP C 204 -21.19 -1.45 -27.06
CA TRP C 204 -21.56 -2.78 -26.57
C TRP C 204 -23.05 -3.03 -26.80
N ALA C 205 -23.38 -4.25 -27.18
CA ALA C 205 -24.75 -4.73 -27.26
C ALA C 205 -24.79 -6.07 -26.53
N LEU C 206 -25.49 -6.12 -25.40
CA LEU C 206 -25.40 -7.26 -24.50
C LEU C 206 -26.77 -7.83 -24.19
N GLY C 207 -26.85 -9.15 -24.16
CA GLY C 207 -28.02 -9.86 -23.67
C GLY C 207 -29.25 -9.75 -24.54
N PHE C 208 -29.09 -9.79 -25.86
CA PHE C 208 -30.21 -9.66 -26.78
C PHE C 208 -30.56 -11.01 -27.40
N TYR C 209 -31.80 -11.10 -27.86
CA TYR C 209 -32.33 -12.23 -28.57
C TYR C 209 -33.37 -11.72 -29.55
N PRO C 210 -33.35 -12.18 -30.81
CA PRO C 210 -32.41 -13.18 -31.36
C PRO C 210 -31.04 -12.60 -31.70
N ALA C 211 -30.21 -13.39 -32.39
CA ALA C 211 -28.83 -13.00 -32.65
C ALA C 211 -28.69 -11.93 -33.71
N GLU C 212 -29.70 -11.74 -34.56
CA GLU C 212 -29.65 -10.74 -35.62
C GLU C 212 -29.54 -9.34 -35.02
N ILE C 213 -28.46 -8.62 -35.36
CA ILE C 213 -28.24 -7.28 -34.81
C ILE C 213 -27.31 -6.54 -35.75
N THR C 214 -27.39 -5.22 -35.74
CA THR C 214 -26.53 -4.35 -36.54
C THR C 214 -25.95 -3.24 -35.65
N LEU C 215 -24.61 -3.15 -35.61
CA LEU C 215 -23.91 -2.12 -34.88
C LEU C 215 -23.13 -1.26 -35.87
N THR C 216 -23.31 0.05 -35.78
CA THR C 216 -22.66 0.99 -36.68
C THR C 216 -22.10 2.16 -35.88
N TRP C 217 -20.89 2.59 -36.24
CA TRP C 217 -20.30 3.81 -35.70
C TRP C 217 -20.47 4.92 -36.74
N GLN C 218 -21.28 5.92 -36.40
CA GLN C 218 -21.42 7.09 -37.26
C GLN C 218 -20.43 8.17 -36.85
N GLN C 219 -19.80 8.77 -37.85
CA GLN C 219 -18.92 9.93 -37.68
C GLN C 219 -19.42 11.06 -38.56
N ASP C 220 -20.08 12.06 -37.96
CA ASP C 220 -20.66 13.19 -38.69
C ASP C 220 -21.63 12.63 -39.73
N GLY C 221 -21.46 12.92 -41.01
CA GLY C 221 -22.26 12.37 -42.08
C GLY C 221 -21.84 11.01 -42.60
N GLU C 222 -20.93 10.33 -41.91
CA GLU C 222 -20.41 9.03 -42.33
C GLU C 222 -20.99 7.97 -41.41
N GLY C 223 -21.90 7.15 -41.96
CA GLY C 223 -22.55 6.11 -41.20
C GLY C 223 -21.70 4.88 -40.94
N HIS C 224 -20.96 4.44 -41.96
CA HIS C 224 -20.02 3.31 -41.83
C HIS C 224 -18.62 3.91 -41.66
N THR C 225 -18.21 4.12 -40.41
CA THR C 225 -16.87 4.64 -40.17
C THR C 225 -15.82 3.64 -40.63
N GLN C 226 -14.90 4.09 -41.47
CA GLN C 226 -13.83 3.22 -41.92
C GLN C 226 -12.94 2.85 -40.73
N ASP C 227 -12.36 1.65 -40.81
CA ASP C 227 -11.58 1.03 -39.74
C ASP C 227 -12.44 0.66 -38.53
N THR C 228 -13.75 0.50 -38.71
CA THR C 228 -14.60 0.00 -37.64
C THR C 228 -14.31 -1.47 -37.41
N GLU C 229 -14.05 -1.84 -36.16
CA GLU C 229 -13.71 -3.21 -35.82
C GLU C 229 -14.94 -3.89 -35.20
N LEU C 230 -15.41 -4.94 -35.87
CA LEU C 230 -16.55 -5.73 -35.44
C LEU C 230 -16.12 -7.12 -35.00
N VAL C 231 -16.72 -7.62 -33.93
CA VAL C 231 -16.55 -9.01 -33.55
C VAL C 231 -17.80 -9.78 -33.98
N GLU C 232 -17.60 -11.04 -34.33
CA GLU C 232 -18.72 -11.90 -34.66
C GLU C 232 -19.64 -12.05 -33.46
N THR C 233 -20.95 -12.10 -33.72
CA THR C 233 -21.91 -12.33 -32.66
C THR C 233 -21.61 -13.63 -31.93
N ARG C 234 -21.60 -13.57 -30.61
CA ARG C 234 -21.17 -14.66 -29.76
C ARG C 234 -22.22 -14.94 -28.69
N PRO C 235 -22.37 -16.20 -28.28
CA PRO C 235 -23.37 -16.53 -27.27
C PRO C 235 -22.97 -16.03 -25.89
N ALA C 236 -23.93 -15.44 -25.18
CA ALA C 236 -23.68 -15.05 -23.81
C ALA C 236 -23.63 -16.24 -22.88
N GLY C 237 -24.16 -17.39 -23.32
CA GLY C 237 -24.18 -18.59 -22.51
C GLY C 237 -25.44 -18.80 -21.71
N ASP C 238 -26.33 -17.81 -21.68
CA ASP C 238 -27.57 -17.86 -20.92
C ASP C 238 -28.79 -17.74 -21.82
N GLY C 239 -28.61 -18.04 -23.12
CA GLY C 239 -29.65 -17.92 -24.12
C GLY C 239 -29.57 -16.67 -24.97
N THR C 240 -28.83 -15.66 -24.54
CA THR C 240 -28.72 -14.40 -25.27
C THR C 240 -27.37 -14.29 -25.96
N PHE C 241 -27.19 -13.18 -26.69
CA PHE C 241 -26.01 -13.00 -27.53
C PHE C 241 -25.37 -11.64 -27.27
N GLN C 242 -24.12 -11.52 -27.69
CA GLN C 242 -23.32 -10.32 -27.51
C GLN C 242 -22.64 -9.96 -28.82
N LYS C 243 -22.29 -8.67 -28.94
CA LYS C 243 -21.54 -8.14 -30.06
C LYS C 243 -21.04 -6.75 -29.67
N TRP C 244 -19.87 -6.38 -30.16
CA TRP C 244 -19.40 -5.01 -29.99
C TRP C 244 -18.72 -4.52 -31.26
N ALA C 245 -18.72 -3.20 -31.41
CA ALA C 245 -18.09 -2.51 -32.54
C ALA C 245 -17.21 -1.41 -31.97
N ALA C 246 -15.97 -1.34 -32.45
CA ALA C 246 -14.99 -0.38 -31.95
C ALA C 246 -14.41 0.43 -33.10
N VAL C 247 -13.95 1.64 -32.77
CA VAL C 247 -13.36 2.56 -33.74
C VAL C 247 -12.32 3.40 -33.02
N VAL C 248 -11.26 3.76 -33.75
CA VAL C 248 -10.19 4.61 -33.21
C VAL C 248 -10.51 6.06 -33.50
N VAL C 249 -10.55 6.88 -32.47
CA VAL C 249 -11.07 8.25 -32.56
C VAL C 249 -9.97 9.23 -32.14
N PRO C 250 -9.81 10.35 -32.84
CA PRO C 250 -8.89 11.39 -32.36
C PRO C 250 -9.34 11.90 -31.00
N SER C 251 -8.43 11.89 -30.03
CA SER C 251 -8.77 12.32 -28.69
C SER C 251 -9.20 13.79 -28.70
N GLY C 252 -10.38 14.05 -28.14
CA GLY C 252 -11.02 15.36 -28.22
C GLY C 252 -12.19 15.42 -29.16
N GLU C 253 -12.40 14.39 -29.98
CA GLU C 253 -13.49 14.35 -30.95
C GLU C 253 -14.42 13.15 -30.73
N GLU C 254 -14.44 12.59 -29.53
CA GLU C 254 -15.29 11.43 -29.27
C GLU C 254 -16.77 11.77 -29.44
N GLN C 255 -17.15 13.02 -29.21
CA GLN C 255 -18.55 13.39 -29.28
C GLN C 255 -19.07 13.54 -30.71
N ARG C 256 -18.19 13.44 -31.71
CA ARG C 256 -18.63 13.37 -33.10
C ARG C 256 -18.98 11.95 -33.52
N TYR C 257 -18.88 10.98 -32.61
CA TYR C 257 -19.09 9.57 -32.92
C TYR C 257 -20.29 9.05 -32.14
N THR C 258 -21.32 8.61 -32.87
CA THR C 258 -22.49 7.99 -32.29
C THR C 258 -22.58 6.54 -32.76
N CYS C 259 -23.03 5.68 -31.87
CA CYS C 259 -23.27 4.27 -32.18
C CYS C 259 -24.75 4.05 -32.50
N HIS C 260 -25.01 3.31 -33.56
CA HIS C 260 -26.35 2.91 -33.95
C HIS C 260 -26.53 1.42 -33.67
N VAL C 261 -27.58 1.07 -32.94
CA VAL C 261 -27.90 -0.32 -32.65
C VAL C 261 -29.28 -0.62 -33.23
N GLN C 262 -29.33 -1.58 -34.15
CA GLN C 262 -30.58 -2.05 -34.74
C GLN C 262 -30.85 -3.49 -34.28
N HIS C 263 -32.09 -3.75 -33.88
CA HIS C 263 -32.47 -5.06 -33.37
C HIS C 263 -34.00 -5.21 -33.39
N GLU C 264 -34.47 -6.44 -33.61
CA GLU C 264 -35.91 -6.70 -33.66
C GLU C 264 -36.58 -6.40 -32.32
N GLY C 265 -35.86 -6.54 -31.20
CA GLY C 265 -36.40 -6.24 -29.89
C GLY C 265 -36.53 -4.77 -29.54
N LEU C 266 -36.04 -3.87 -30.38
CA LEU C 266 -36.11 -2.44 -30.12
C LEU C 266 -37.33 -1.81 -30.79
N PRO C 267 -38.13 -1.01 -30.07
CA PRO C 267 -39.24 -0.31 -30.74
C PRO C 267 -38.78 0.68 -31.78
N GLU C 268 -37.67 1.37 -31.54
CA GLU C 268 -36.99 2.20 -32.51
C GLU C 268 -35.51 1.90 -32.39
N PRO C 269 -34.72 2.14 -33.43
CA PRO C 269 -33.27 1.98 -33.31
C PRO C 269 -32.72 2.84 -32.18
N VAL C 270 -31.59 2.41 -31.63
CA VAL C 270 -30.98 3.04 -30.46
C VAL C 270 -29.70 3.75 -30.89
N THR C 271 -29.53 4.99 -30.42
CA THR C 271 -28.33 5.78 -30.64
C THR C 271 -27.73 6.12 -29.29
N LEU C 272 -26.41 5.95 -29.14
CA LEU C 272 -25.76 6.23 -27.89
C LEU C 272 -24.35 6.75 -28.15
N ARG C 273 -23.87 7.58 -27.23
CA ARG C 273 -22.52 8.14 -27.26
C ARG C 273 -21.80 7.81 -25.95
N TRP C 274 -20.57 8.30 -25.86
CA TRP C 274 -19.79 8.19 -24.63
C TRP C 274 -19.93 9.45 -23.79
N MET D 1 -9.95 -34.62 -47.27
CA MET D 1 -10.33 -34.05 -45.99
C MET D 1 -10.12 -32.54 -45.97
N ILE D 2 -11.08 -31.82 -45.38
CA ILE D 2 -11.11 -30.37 -45.33
C ILE D 2 -10.80 -29.92 -43.91
N GLN D 3 -10.01 -28.86 -43.79
CA GLN D 3 -9.59 -28.35 -42.48
C GLN D 3 -9.85 -26.86 -42.36
N ARG D 4 -10.41 -26.45 -41.23
CA ARG D 4 -10.70 -25.06 -40.93
C ARG D 4 -10.19 -24.75 -39.53
N THR D 5 -9.52 -23.61 -39.38
CA THR D 5 -9.02 -23.35 -38.04
C THR D 5 -10.07 -22.63 -37.21
N PRO D 6 -10.12 -22.88 -35.90
CA PRO D 6 -11.17 -22.25 -35.08
C PRO D 6 -10.90 -20.77 -34.84
N LYS D 7 -11.95 -19.97 -34.98
CA LYS D 7 -11.96 -18.63 -34.43
C LYS D 7 -12.20 -18.70 -32.93
N ILE D 8 -11.51 -17.84 -32.17
CA ILE D 8 -11.57 -17.88 -30.72
C ILE D 8 -11.96 -16.51 -30.20
N GLN D 9 -12.82 -16.49 -29.18
CA GLN D 9 -13.18 -15.29 -28.45
C GLN D 9 -13.29 -15.63 -26.98
N VAL D 10 -12.60 -14.86 -26.14
CA VAL D 10 -12.61 -15.05 -24.69
C VAL D 10 -13.31 -13.84 -24.08
N TYR D 11 -14.35 -14.09 -23.30
CA TYR D 11 -15.19 -13.02 -22.81
C TYR D 11 -16.01 -13.53 -21.62
N SER D 12 -16.65 -12.61 -20.93
CA SER D 12 -17.48 -12.90 -19.78
C SER D 12 -18.94 -12.73 -20.14
N ARG D 13 -19.81 -13.46 -19.43
CA ARG D 13 -21.24 -13.34 -19.68
C ARG D 13 -21.73 -11.93 -19.40
N HIS D 14 -21.22 -11.31 -18.35
CA HIS D 14 -21.64 -9.99 -17.92
C HIS D 14 -20.44 -9.05 -17.87
N PRO D 15 -20.67 -7.74 -17.83
CA PRO D 15 -19.55 -6.80 -17.64
C PRO D 15 -18.77 -7.11 -16.38
N ALA D 16 -17.45 -7.19 -16.53
CA ALA D 16 -16.59 -7.60 -15.42
C ALA D 16 -16.67 -6.60 -14.28
N GLU D 17 -16.65 -7.13 -13.05
CA GLU D 17 -16.58 -6.30 -11.85
C GLU D 17 -15.83 -7.09 -10.79
N ASN D 18 -14.66 -6.57 -10.39
CA ASN D 18 -13.79 -7.30 -9.47
C ASN D 18 -14.52 -7.70 -8.20
N GLY D 19 -14.46 -8.99 -7.89
CA GLY D 19 -15.07 -9.54 -6.70
C GLY D 19 -16.44 -10.14 -6.88
N LYS D 20 -17.18 -9.73 -7.91
CA LYS D 20 -18.54 -10.20 -8.14
C LYS D 20 -18.55 -11.38 -9.10
N SER D 21 -19.37 -12.38 -8.78
CA SER D 21 -19.35 -13.65 -9.50
C SER D 21 -19.84 -13.49 -10.93
N ASN D 22 -19.23 -14.25 -11.84
CA ASN D 22 -19.48 -14.10 -13.27
C ASN D 22 -19.16 -15.43 -13.94
N PHE D 23 -19.36 -15.47 -15.26
CA PHE D 23 -19.02 -16.63 -16.07
C PHE D 23 -17.93 -16.26 -17.07
N LEU D 24 -16.96 -17.16 -17.23
CA LEU D 24 -15.91 -17.00 -18.22
C LEU D 24 -16.26 -17.85 -19.44
N ASN D 25 -16.31 -17.22 -20.61
CA ASN D 25 -16.70 -17.91 -21.85
C ASN D 25 -15.51 -17.98 -22.80
N CYS D 26 -15.35 -19.13 -23.43
CA CYS D 26 -14.45 -19.29 -24.58
C CYS D 26 -15.28 -19.88 -25.72
N TYR D 27 -15.48 -19.08 -26.76
CA TYR D 27 -16.33 -19.45 -27.88
C TYR D 27 -15.45 -19.77 -29.09
N VAL D 28 -15.36 -21.05 -29.43
CA VAL D 28 -14.67 -21.50 -30.63
C VAL D 28 -15.71 -21.77 -31.70
N SER D 29 -15.35 -21.48 -32.95
CA SER D 29 -16.31 -21.54 -34.04
C SER D 29 -15.56 -21.51 -35.37
N GLY D 30 -16.24 -22.00 -36.41
CA GLY D 30 -15.68 -22.00 -37.75
C GLY D 30 -14.58 -23.01 -37.97
N PHE D 31 -14.57 -24.11 -37.22
CA PHE D 31 -13.51 -25.09 -37.32
C PHE D 31 -14.04 -26.41 -37.89
N HIS D 32 -13.10 -27.24 -38.31
CA HIS D 32 -13.37 -28.54 -38.91
C HIS D 32 -12.04 -29.30 -39.00
N PRO D 33 -11.99 -30.58 -38.59
CA PRO D 33 -13.10 -31.38 -38.06
C PRO D 33 -13.47 -31.06 -36.61
N SER D 34 -14.48 -31.78 -36.12
CA SER D 34 -15.07 -31.49 -34.81
C SER D 34 -14.11 -31.72 -33.65
N ASP D 35 -13.11 -32.58 -33.82
CA ASP D 35 -12.19 -32.92 -32.74
C ASP D 35 -11.42 -31.70 -32.25
N ILE D 36 -11.67 -31.29 -31.00
CA ILE D 36 -11.12 -30.05 -30.49
C ILE D 36 -10.96 -30.17 -28.99
N GLU D 37 -9.88 -29.58 -28.47
CA GLU D 37 -9.60 -29.55 -27.03
C GLU D 37 -9.52 -28.10 -26.60
N VAL D 38 -10.34 -27.72 -25.63
CA VAL D 38 -10.41 -26.35 -25.14
C VAL D 38 -10.39 -26.39 -23.62
N ASP D 39 -9.51 -25.60 -23.01
CA ASP D 39 -9.40 -25.48 -21.57
C ASP D 39 -9.45 -24.01 -21.17
N LEU D 40 -9.87 -23.77 -19.94
CA LEU D 40 -9.86 -22.44 -19.35
C LEU D 40 -8.80 -22.39 -18.26
N LEU D 41 -8.02 -21.32 -18.25
CA LEU D 41 -6.88 -21.19 -17.37
C LEU D 41 -7.07 -20.01 -16.42
N LYS D 42 -6.69 -20.20 -15.16
CA LYS D 42 -6.57 -19.12 -14.19
C LYS D 42 -5.13 -19.05 -13.74
N ASN D 43 -4.43 -17.99 -14.15
CA ASN D 43 -3.01 -17.80 -13.84
C ASN D 43 -2.16 -18.94 -14.37
N GLY D 44 -2.56 -19.52 -15.49
CA GLY D 44 -1.79 -20.55 -16.16
C GLY D 44 -2.26 -21.96 -15.92
N GLU D 45 -2.99 -22.21 -14.84
CA GLU D 45 -3.39 -23.56 -14.49
C GLU D 45 -4.85 -23.81 -14.88
N ARG D 46 -5.13 -25.04 -15.33
CA ARG D 46 -6.43 -25.36 -15.90
C ARG D 46 -7.53 -25.28 -14.85
N ILE D 47 -8.65 -24.67 -15.23
CA ILE D 47 -9.85 -24.62 -14.39
C ILE D 47 -10.55 -25.97 -14.48
N GLU D 48 -10.96 -26.51 -13.33
CA GLU D 48 -11.33 -27.92 -13.28
C GLU D 48 -12.73 -28.19 -13.81
N LYS D 49 -13.74 -27.47 -13.29
CA LYS D 49 -15.13 -27.75 -13.66
C LYS D 49 -15.55 -26.84 -14.81
N VAL D 50 -15.11 -27.20 -16.02
CA VAL D 50 -15.43 -26.49 -17.24
C VAL D 50 -16.43 -27.31 -18.03
N GLU D 51 -17.51 -26.67 -18.47
CA GLU D 51 -18.54 -27.32 -19.27
C GLU D 51 -18.60 -26.67 -20.64
N HIS D 52 -19.34 -27.30 -21.55
CA HIS D 52 -19.47 -26.79 -22.91
C HIS D 52 -20.83 -27.13 -23.46
N SER D 53 -21.22 -26.41 -24.52
CA SER D 53 -22.50 -26.62 -25.17
C SER D 53 -22.45 -27.85 -26.07
N ASP D 54 -23.61 -28.18 -26.63
CA ASP D 54 -23.72 -29.35 -27.50
C ASP D 54 -23.24 -29.01 -28.92
N LEU D 55 -22.43 -29.91 -29.49
CA LEU D 55 -21.81 -29.67 -30.78
C LEU D 55 -22.85 -29.38 -31.86
N SER D 56 -22.71 -28.24 -32.52
CA SER D 56 -23.57 -27.84 -33.63
C SER D 56 -22.69 -27.28 -34.74
N PHE D 57 -23.30 -26.87 -35.85
CA PHE D 57 -22.51 -26.34 -36.95
C PHE D 57 -23.31 -25.34 -37.78
N SER D 58 -22.57 -24.60 -38.60
CA SER D 58 -23.12 -23.57 -39.47
C SER D 58 -23.43 -24.15 -40.85
N LYS D 59 -23.93 -23.30 -41.75
CA LYS D 59 -24.34 -23.77 -43.07
C LYS D 59 -23.14 -24.21 -43.91
N ASP D 60 -21.96 -23.67 -43.65
CA ASP D 60 -20.76 -24.15 -44.33
C ASP D 60 -20.13 -25.35 -43.65
N TRP D 61 -20.85 -25.97 -42.71
CA TRP D 61 -20.54 -27.22 -42.01
C TRP D 61 -19.47 -27.06 -40.95
N SER D 62 -18.93 -25.85 -40.75
CA SER D 62 -17.98 -25.65 -39.67
C SER D 62 -18.70 -25.68 -38.32
N PHE D 63 -18.02 -26.22 -37.31
CA PHE D 63 -18.61 -26.42 -36.00
C PHE D 63 -18.41 -25.19 -35.11
N TYR D 64 -19.14 -25.18 -34.00
CA TYR D 64 -18.95 -24.17 -32.97
C TYR D 64 -19.35 -24.75 -31.62
N LEU D 65 -18.67 -24.27 -30.57
CA LEU D 65 -18.90 -24.72 -29.21
C LEU D 65 -18.68 -23.54 -28.26
N LEU D 66 -19.34 -23.59 -27.11
CA LEU D 66 -19.15 -22.59 -26.07
C LEU D 66 -18.66 -23.28 -24.81
N TYR D 67 -17.38 -23.08 -24.48
CA TYR D 67 -16.81 -23.57 -23.23
C TYR D 67 -16.93 -22.47 -22.18
N TYR D 68 -17.47 -22.82 -21.02
CA TYR D 68 -17.81 -21.83 -20.01
C TYR D 68 -17.62 -22.40 -18.61
N THR D 69 -17.30 -21.51 -17.67
CA THR D 69 -17.25 -21.86 -16.27
C THR D 69 -17.47 -20.61 -15.45
N GLU D 70 -17.96 -20.79 -14.23
CA GLU D 70 -18.13 -19.67 -13.31
C GLU D 70 -16.78 -19.25 -12.75
N PHE D 71 -16.56 -17.94 -12.67
CA PHE D 71 -15.34 -17.40 -12.10
C PHE D 71 -15.65 -16.08 -11.43
N THR D 72 -14.66 -15.55 -10.73
CA THR D 72 -14.78 -14.23 -10.10
C THR D 72 -13.69 -13.32 -10.61
N PRO D 73 -14.02 -12.29 -11.39
CA PRO D 73 -12.98 -11.38 -11.89
C PRO D 73 -12.19 -10.75 -10.75
N THR D 74 -10.86 -10.72 -10.94
CA THR D 74 -9.92 -10.17 -9.98
C THR D 74 -8.92 -9.33 -10.74
N GLU D 75 -8.43 -8.27 -10.09
CA GLU D 75 -7.49 -7.39 -10.78
C GLU D 75 -6.14 -8.07 -11.03
N LYS D 76 -5.77 -9.04 -10.19
CA LYS D 76 -4.48 -9.72 -10.33
C LYS D 76 -4.55 -10.94 -11.24
N ASP D 77 -5.62 -11.72 -11.13
CA ASP D 77 -5.67 -13.01 -11.81
C ASP D 77 -5.79 -12.85 -13.32
N GLU D 78 -5.05 -13.70 -14.05
CA GLU D 78 -5.00 -13.67 -15.51
C GLU D 78 -5.75 -14.90 -16.03
N TYR D 79 -6.92 -14.66 -16.62
CA TYR D 79 -7.72 -15.74 -17.20
C TYR D 79 -7.49 -15.82 -18.70
N ALA D 80 -7.44 -17.04 -19.22
CA ALA D 80 -7.17 -17.25 -20.63
C ALA D 80 -7.87 -18.52 -21.10
N CYS D 81 -7.84 -18.73 -22.41
CA CYS D 81 -8.41 -19.91 -23.04
C CYS D 81 -7.33 -20.57 -23.88
N ARG D 82 -7.06 -21.85 -23.61
CA ARG D 82 -6.16 -22.64 -24.43
C ARG D 82 -6.98 -23.53 -25.35
N VAL D 83 -6.71 -23.44 -26.65
CA VAL D 83 -7.43 -24.20 -27.66
C VAL D 83 -6.41 -25.03 -28.44
N ASN D 84 -6.71 -26.32 -28.59
CA ASN D 84 -5.89 -27.22 -29.39
C ASN D 84 -6.74 -27.82 -30.49
N HIS D 85 -6.17 -27.87 -31.70
CA HIS D 85 -6.88 -28.35 -32.87
C HIS D 85 -5.85 -28.83 -33.88
N VAL D 86 -6.31 -29.67 -34.80
CA VAL D 86 -5.40 -30.25 -35.79
C VAL D 86 -4.80 -29.17 -36.69
N THR D 87 -5.54 -28.09 -36.95
CA THR D 87 -5.04 -27.02 -37.80
C THR D 87 -3.99 -26.14 -37.12
N LEU D 88 -3.79 -26.28 -35.82
CA LEU D 88 -2.87 -25.43 -35.06
C LEU D 88 -1.54 -26.14 -34.84
N SER D 89 -0.44 -25.46 -35.17
CA SER D 89 0.88 -26.04 -34.95
C SER D 89 1.19 -26.21 -33.47
N GLN D 90 0.55 -25.44 -32.60
CA GLN D 90 0.69 -25.57 -31.16
C GLN D 90 -0.57 -24.99 -30.52
N PRO D 91 -0.85 -25.35 -29.27
CA PRO D 91 -2.06 -24.81 -28.62
C PRO D 91 -2.06 -23.29 -28.61
N LYS D 92 -3.19 -22.71 -29.00
CA LYS D 92 -3.34 -21.26 -29.02
C LYS D 92 -3.93 -20.81 -27.69
N ILE D 93 -3.25 -19.89 -27.02
CA ILE D 93 -3.71 -19.34 -25.75
C ILE D 93 -4.17 -17.91 -25.99
N VAL D 94 -5.43 -17.63 -25.68
CA VAL D 94 -6.04 -16.33 -25.88
C VAL D 94 -6.41 -15.78 -24.51
N LYS D 95 -5.73 -14.70 -24.10
CA LYS D 95 -5.94 -14.14 -22.77
C LYS D 95 -7.24 -13.36 -22.72
N TRP D 96 -7.92 -13.45 -21.58
CA TRP D 96 -9.17 -12.71 -21.41
C TRP D 96 -8.89 -11.23 -21.18
N ASP D 97 -9.56 -10.40 -21.96
CA ASP D 97 -9.49 -8.95 -21.82
C ASP D 97 -10.89 -8.47 -21.45
N ARG D 98 -11.02 -7.87 -20.27
CA ARG D 98 -12.35 -7.51 -19.76
C ARG D 98 -13.01 -6.40 -20.56
N ASP D 99 -12.35 -5.88 -21.60
CA ASP D 99 -12.95 -4.85 -22.45
C ASP D 99 -13.15 -5.36 -23.88
N MET D 100 -13.16 -6.67 -24.08
CA MET D 100 -13.38 -7.25 -25.40
C MET D 100 -14.17 -8.56 -25.31
N GLY E 1 3.35 32.63 -18.02
CA GLY E 1 3.43 32.28 -16.63
C GLY E 1 4.32 33.20 -15.81
N SER E 2 4.47 32.89 -14.53
CA SER E 2 5.28 33.71 -13.64
C SER E 2 6.75 33.67 -14.02
N HIS E 3 7.42 34.81 -13.82
CA HIS E 3 8.85 34.94 -14.01
C HIS E 3 9.42 35.73 -12.84
N SER E 4 10.68 35.46 -12.51
CA SER E 4 11.29 36.08 -11.36
C SER E 4 12.76 36.35 -11.63
N LEU E 5 13.25 37.47 -11.08
CA LEU E 5 14.66 37.82 -11.05
C LEU E 5 15.09 37.89 -9.59
N LYS E 6 16.03 37.05 -9.20
CA LYS E 6 16.44 36.94 -7.80
C LYS E 6 17.96 37.00 -7.67
N TYR E 7 18.43 37.69 -6.64
CA TYR E 7 19.83 37.69 -6.27
C TYR E 7 19.97 37.13 -4.86
N PHE E 8 20.98 36.29 -4.67
CA PHE E 8 21.23 35.62 -3.39
C PHE E 8 22.65 35.97 -2.94
N HIS E 9 22.76 36.72 -1.86
CA HIS E 9 24.05 37.18 -1.36
C HIS E 9 24.41 36.47 -0.06
N THR E 10 25.64 35.99 0.03
CA THR E 10 26.12 35.28 1.20
C THR E 10 27.39 35.93 1.70
N SER E 11 27.43 36.26 2.98
CA SER E 11 28.60 36.87 3.61
C SER E 11 28.94 36.09 4.87
N VAL E 12 30.17 35.57 4.93
CA VAL E 12 30.64 34.79 6.06
C VAL E 12 31.93 35.41 6.58
N SER E 13 31.92 35.82 7.84
CA SER E 13 33.13 36.39 8.43
C SER E 13 34.15 35.28 8.69
N ARG E 14 35.43 35.65 8.66
CA ARG E 14 36.52 34.69 8.80
C ARG E 14 37.46 35.15 9.90
N PRO E 15 37.61 34.38 10.97
CA PRO E 15 38.43 34.83 12.12
C PRO E 15 39.91 34.80 11.77
N GLY E 16 40.54 35.97 11.82
CA GLY E 16 41.96 36.09 11.52
C GLY E 16 42.32 35.95 10.05
N ARG E 17 41.43 35.42 9.21
CA ARG E 17 41.67 35.30 7.79
C ARG E 17 41.31 36.56 7.01
N GLY E 18 41.42 37.73 7.64
CA GLY E 18 41.11 38.98 6.98
C GLY E 18 39.63 39.26 6.84
N GLU E 19 39.24 39.81 5.70
CA GLU E 19 37.88 40.26 5.48
C GLU E 19 36.94 39.08 5.21
N PRO E 20 35.63 39.29 5.32
CA PRO E 20 34.68 38.18 5.12
C PRO E 20 34.62 37.74 3.67
N ARG E 21 34.30 36.46 3.48
CA ARG E 21 33.97 35.94 2.16
C ARG E 21 32.58 36.42 1.74
N PHE E 22 32.47 36.87 0.49
CA PHE E 22 31.22 37.38 -0.06
C PHE E 22 30.97 36.75 -1.43
N ILE E 23 29.80 36.16 -1.61
CA ILE E 23 29.43 35.51 -2.86
C ILE E 23 28.01 35.96 -3.26
N SER E 24 27.85 36.34 -4.52
CA SER E 24 26.56 36.76 -5.06
C SER E 24 26.25 35.95 -6.32
N VAL E 25 25.02 35.44 -6.41
CA VAL E 25 24.53 34.78 -7.61
C VAL E 25 23.17 35.39 -7.97
N GLY E 26 22.93 35.55 -9.26
CA GLY E 26 21.67 36.05 -9.78
C GLY E 26 20.93 34.96 -10.54
N TYR E 27 19.61 34.93 -10.40
CA TYR E 27 18.79 33.97 -11.11
C TYR E 27 17.68 34.66 -11.88
N VAL E 28 17.42 34.16 -13.08
CA VAL E 28 16.19 34.45 -13.83
C VAL E 28 15.45 33.12 -13.93
N ASP E 29 14.33 33.01 -13.21
CA ASP E 29 13.59 31.75 -13.05
C ASP E 29 14.55 30.76 -12.39
N ASP E 30 14.80 29.59 -12.97
CA ASP E 30 15.73 28.62 -12.41
C ASP E 30 17.08 28.64 -13.09
N THR E 31 17.44 29.74 -13.74
CA THR E 31 18.68 29.83 -14.51
C THR E 31 19.59 30.85 -13.83
N GLN E 32 20.73 30.37 -13.34
CA GLN E 32 21.75 31.30 -12.85
C GLN E 32 22.38 32.02 -14.04
N PHE E 33 22.53 33.34 -13.92
CA PHE E 33 23.05 34.12 -15.05
C PHE E 33 24.22 35.04 -14.72
N VAL E 34 24.49 35.35 -13.45
CA VAL E 34 25.64 36.17 -13.08
C VAL E 34 26.24 35.70 -11.75
N ARG E 35 27.50 36.01 -11.52
CA ARG E 35 28.15 35.61 -10.28
C ARG E 35 29.14 36.69 -9.85
N PHE E 36 29.25 36.88 -8.54
CA PHE E 36 30.31 37.68 -7.97
C PHE E 36 30.88 36.97 -6.75
N ASP E 37 32.21 36.77 -6.75
CA ASP E 37 32.92 36.13 -5.63
C ASP E 37 34.07 37.04 -5.25
N ASN E 38 34.02 37.60 -4.05
CA ASN E 38 35.01 38.59 -3.64
C ASN E 38 36.36 37.97 -3.34
N ASP E 39 36.50 36.65 -3.47
CA ASP E 39 37.78 35.98 -3.21
C ASP E 39 38.68 36.15 -4.43
N ALA E 40 39.10 37.40 -4.63
CA ALA E 40 39.99 37.77 -5.73
C ALA E 40 40.55 39.14 -5.40
N ALA E 41 41.61 39.51 -6.12
CA ALA E 41 42.20 40.84 -5.94
C ALA E 41 41.24 41.94 -6.39
N SER E 42 40.71 41.82 -7.60
CA SER E 42 39.70 42.72 -8.13
C SER E 42 38.52 41.88 -8.59
N PRO E 43 37.67 41.45 -7.67
CA PRO E 43 36.54 40.60 -8.06
C PRO E 43 35.59 41.37 -8.96
N ARG E 44 35.08 40.68 -9.98
CA ARG E 44 34.15 41.29 -10.93
C ARG E 44 32.95 40.38 -11.14
N MET E 45 31.79 41.00 -11.30
CA MET E 45 30.60 40.29 -11.74
C MET E 45 30.85 39.66 -13.10
N VAL E 46 30.56 38.37 -13.21
CA VAL E 46 30.86 37.61 -14.42
C VAL E 46 29.58 36.89 -14.87
N PRO E 47 29.37 36.73 -16.18
CA PRO E 47 28.17 36.02 -16.65
C PRO E 47 28.26 34.53 -16.39
N ARG E 48 27.09 33.94 -16.11
CA ARG E 48 26.98 32.51 -15.89
C ARG E 48 26.03 31.83 -16.86
N ALA E 49 25.46 32.57 -17.79
CA ALA E 49 24.65 32.03 -18.88
C ALA E 49 25.17 32.56 -20.20
N PRO E 50 25.09 31.76 -21.27
CA PRO E 50 25.62 32.22 -22.56
C PRO E 50 24.93 33.46 -23.09
N TRP E 51 23.62 33.62 -22.85
CA TRP E 51 22.91 34.78 -23.37
C TRP E 51 23.30 36.08 -22.69
N MET E 52 24.04 36.01 -21.58
CA MET E 52 24.55 37.20 -20.90
C MET E 52 25.87 37.67 -21.48
N GLU E 53 26.46 36.92 -22.41
CA GLU E 53 27.74 37.30 -22.99
C GLU E 53 27.63 38.52 -23.90
N GLN E 54 26.43 38.87 -24.33
CA GLN E 54 26.27 39.95 -25.30
C GLN E 54 26.33 41.34 -24.66
N GLU E 55 26.65 41.44 -23.36
CA GLU E 55 26.58 42.71 -22.64
C GLU E 55 27.92 43.44 -22.67
N GLY E 56 27.82 44.77 -22.75
CA GLY E 56 28.99 45.62 -22.89
C GLY E 56 29.73 45.87 -21.59
N SER E 57 30.76 46.69 -21.70
CA SER E 57 31.58 47.04 -20.54
C SER E 57 30.76 47.83 -19.51
N GLU E 58 29.80 48.63 -19.99
CA GLU E 58 29.02 49.46 -19.10
C GLU E 58 28.23 48.62 -18.11
N TYR E 59 27.63 47.52 -18.59
CA TYR E 59 26.87 46.63 -17.71
C TYR E 59 27.75 46.00 -16.65
N TRP E 60 28.87 45.40 -17.05
CA TRP E 60 29.69 44.64 -16.11
C TRP E 60 30.40 45.53 -15.09
N ASP E 61 30.85 46.72 -15.50
CA ASP E 61 31.44 47.64 -14.54
C ASP E 61 30.43 48.06 -13.47
N ARG E 62 29.20 48.34 -13.88
CA ARG E 62 28.20 48.80 -12.93
C ARG E 62 27.83 47.69 -11.93
N GLU E 63 27.63 46.47 -12.43
CA GLU E 63 27.35 45.35 -11.53
C GLU E 63 28.54 45.03 -10.64
N THR E 64 29.76 45.16 -11.18
CA THR E 64 30.94 44.91 -10.35
C THR E 64 31.05 45.92 -9.22
N ARG E 65 30.76 47.20 -9.50
CA ARG E 65 30.77 48.21 -8.46
C ARG E 65 29.67 47.97 -7.43
N SER E 66 28.45 47.65 -7.90
CA SER E 66 27.35 47.36 -6.98
C SER E 66 27.68 46.18 -6.09
N ALA E 67 28.34 45.15 -6.65
CA ALA E 67 28.63 43.96 -5.87
C ALA E 67 29.74 44.22 -4.86
N ARG E 68 30.76 44.99 -5.25
CA ARG E 68 31.85 45.30 -4.33
C ARG E 68 31.37 46.16 -3.17
N ASP E 69 30.47 47.10 -3.43
CA ASP E 69 29.94 47.94 -2.37
C ASP E 69 29.09 47.13 -1.40
N THR E 70 28.30 46.18 -1.92
CA THR E 70 27.51 45.33 -1.04
C THR E 70 28.42 44.50 -0.13
N ALA E 71 29.50 43.95 -0.69
CA ALA E 71 30.45 43.19 0.12
C ALA E 71 30.99 44.01 1.27
N GLN E 72 31.36 45.27 1.00
CA GLN E 72 31.84 46.15 2.07
C GLN E 72 30.74 46.42 3.10
N ILE E 73 29.53 46.70 2.61
CA ILE E 73 28.40 46.98 3.51
C ILE E 73 28.09 45.78 4.37
N PHE E 74 28.20 44.58 3.80
CA PHE E 74 27.94 43.39 4.59
C PHE E 74 29.04 43.15 5.62
N ARG E 75 30.26 43.57 5.30
CA ARG E 75 31.33 43.50 6.30
C ARG E 75 31.03 44.41 7.48
N VAL E 76 30.48 45.60 7.20
CA VAL E 76 30.04 46.49 8.27
C VAL E 76 28.85 45.88 9.00
N ASN E 77 27.92 45.27 8.26
CA ASN E 77 26.76 44.64 8.89
C ASN E 77 27.17 43.50 9.80
N LEU E 78 28.15 42.70 9.37
CA LEU E 78 28.64 41.60 10.21
C LEU E 78 29.23 42.13 11.52
N ARG E 79 29.97 43.24 11.45
CA ARG E 79 30.50 43.86 12.66
C ARG E 79 29.38 44.30 13.58
N THR E 80 28.36 44.95 13.01
CA THR E 80 27.31 45.54 13.83
C THR E 80 26.48 44.47 14.53
N LEU E 81 26.01 43.46 13.78
CA LEU E 81 25.18 42.42 14.38
C LEU E 81 25.96 41.61 15.41
N ARG E 82 27.23 41.33 15.14
CA ARG E 82 28.08 40.70 16.14
C ARG E 82 28.15 41.55 17.41
N GLY E 83 28.09 42.88 17.26
CA GLY E 83 27.98 43.74 18.42
C GLY E 83 26.59 43.72 19.03
N TYR E 84 25.56 43.60 18.19
CA TYR E 84 24.19 43.51 18.68
C TYR E 84 24.02 42.33 19.62
N TYR E 85 24.66 41.21 19.31
CA TYR E 85 24.49 39.97 20.06
C TYR E 85 25.62 39.71 21.04
N ASN E 86 26.54 40.66 21.22
CA ASN E 86 27.65 40.53 22.16
C ASN E 86 28.45 39.26 21.89
N GLN E 87 28.72 39.00 20.61
CA GLN E 87 29.43 37.82 20.16
C GLN E 87 30.89 38.17 19.96
N SER E 88 31.78 37.23 20.30
CA SER E 88 33.20 37.48 20.15
C SER E 88 33.56 37.46 18.67
N GLU E 89 34.68 38.10 18.34
CA GLU E 89 35.14 38.14 16.97
C GLU E 89 35.82 36.85 16.53
N ALA E 90 36.19 35.98 17.47
CA ALA E 90 36.78 34.69 17.08
C ALA E 90 35.76 33.78 16.40
N GLY E 91 34.47 34.03 16.57
CA GLY E 91 33.44 33.19 15.99
C GLY E 91 33.09 33.63 14.58
N SER E 92 32.89 32.65 13.70
CA SER E 92 32.46 32.90 12.33
C SER E 92 30.94 32.96 12.25
N HIS E 93 30.42 33.96 11.53
CA HIS E 93 28.99 34.18 11.42
C HIS E 93 28.61 34.44 9.98
N THR E 94 27.35 34.18 9.66
CA THR E 94 26.84 34.23 8.30
C THR E 94 25.73 35.26 8.19
N LEU E 95 25.81 36.11 7.17
CA LEU E 95 24.74 37.05 6.82
C LEU E 95 24.30 36.79 5.39
N GLN E 96 23.00 36.55 5.21
CA GLN E 96 22.41 36.25 3.92
C GLN E 96 21.40 37.31 3.53
N TRP E 97 21.28 37.55 2.22
CA TRP E 97 20.39 38.57 1.69
C TRP E 97 19.73 38.03 0.42
N MET E 98 18.41 37.94 0.45
CA MET E 98 17.61 37.53 -0.69
C MET E 98 16.82 38.72 -1.18
N HIS E 99 16.71 38.85 -2.50
CA HIS E 99 16.16 40.05 -3.09
C HIS E 99 15.75 39.79 -4.53
N GLY E 100 14.59 40.32 -4.91
CA GLY E 100 14.14 40.24 -6.29
C GLY E 100 12.64 40.39 -6.40
N CYS E 101 12.18 40.32 -7.66
CA CYS E 101 10.78 40.53 -7.99
C CYS E 101 10.20 39.34 -8.73
N GLU E 102 8.89 39.37 -8.90
CA GLU E 102 8.14 38.35 -9.63
C GLU E 102 7.10 39.01 -10.52
N LEU E 103 7.00 38.53 -11.75
CA LEU E 103 5.97 38.98 -12.67
C LEU E 103 4.81 37.99 -12.69
N GLY E 104 3.62 38.52 -12.89
CA GLY E 104 2.46 37.68 -13.10
C GLY E 104 2.37 37.20 -14.52
N PRO E 105 1.39 36.33 -14.79
CA PRO E 105 1.17 35.87 -16.16
C PRO E 105 0.93 37.02 -17.14
N ASP E 106 0.31 38.11 -16.69
CA ASP E 106 0.12 39.28 -17.53
C ASP E 106 1.42 40.01 -17.85
N GLY E 107 2.53 39.62 -17.22
CA GLY E 107 3.82 40.23 -17.50
C GLY E 107 4.14 41.43 -16.63
N ARG E 108 3.17 41.90 -15.84
CA ARG E 108 3.40 43.04 -14.96
C ARG E 108 3.88 42.57 -13.58
N PHE E 109 4.20 43.54 -12.74
CA PHE E 109 4.71 43.27 -11.40
C PHE E 109 3.66 42.58 -10.54
N LEU E 110 4.09 41.55 -9.83
CA LEU E 110 3.21 40.79 -8.94
C LEU E 110 3.67 40.83 -7.50
N ARG E 111 4.93 40.51 -7.24
CA ARG E 111 5.42 40.40 -5.87
C ARG E 111 6.91 40.69 -5.80
N GLY E 112 7.31 41.51 -4.85
CA GLY E 112 8.71 41.74 -4.56
C GLY E 112 9.01 41.29 -3.15
N TYR E 113 10.28 41.07 -2.82
CA TYR E 113 10.61 40.67 -1.47
C TYR E 113 12.06 41.03 -1.18
N GLU E 114 12.34 41.35 0.08
CA GLU E 114 13.69 41.63 0.53
C GLU E 114 13.83 41.11 1.95
N GLN E 115 14.75 40.17 2.15
CA GLN E 115 14.88 39.49 3.43
C GLN E 115 16.35 39.34 3.79
N PHE E 116 16.62 39.39 5.09
CA PHE E 116 17.97 39.23 5.62
C PHE E 116 17.97 38.06 6.58
N ALA E 117 19.05 37.29 6.57
CA ALA E 117 19.21 36.17 7.48
C ALA E 117 20.53 36.27 8.19
N TYR E 118 20.52 36.02 9.50
CA TYR E 118 21.74 35.98 10.30
C TYR E 118 21.84 34.59 10.91
N ASP E 119 22.87 33.84 10.53
CA ASP E 119 23.13 32.50 11.04
C ASP E 119 21.97 31.54 10.74
N GLY E 120 21.52 31.56 9.49
CA GLY E 120 20.55 30.59 9.03
C GLY E 120 19.12 30.82 9.48
N LYS E 121 18.85 31.92 10.18
CA LYS E 121 17.52 32.21 10.70
C LYS E 121 17.05 33.56 10.19
N ASP E 122 15.73 33.73 10.12
CA ASP E 122 15.13 35.01 9.78
C ASP E 122 15.70 36.12 10.67
N TYR E 123 15.94 37.28 10.06
CA TYR E 123 16.42 38.44 10.81
C TYR E 123 15.52 39.65 10.58
N LEU E 124 15.59 40.22 9.38
CA LEU E 124 14.80 41.39 9.02
C LEU E 124 14.12 41.11 7.69
N THR E 125 12.82 41.37 7.62
CA THR E 125 12.01 40.99 6.47
C THR E 125 11.12 42.15 6.05
N LEU E 126 11.15 42.48 4.76
CA LEU E 126 10.20 43.43 4.19
C LEU E 126 8.87 42.72 3.94
N ASN E 127 7.78 43.29 4.43
CA ASN E 127 6.48 42.66 4.29
C ASN E 127 5.96 42.87 2.87
N GLU E 128 4.83 42.22 2.57
CA GLU E 128 4.33 42.23 1.20
C GLU E 128 3.86 43.61 0.78
N ASP E 129 3.46 44.45 1.74
CA ASP E 129 3.04 45.80 1.40
C ASP E 129 4.20 46.68 0.94
N LEU E 130 5.44 46.20 1.05
CA LEU E 130 6.64 46.93 0.65
C LEU E 130 6.78 48.25 1.41
N ARG E 131 6.10 48.37 2.55
CA ARG E 131 6.12 49.58 3.36
C ARG E 131 6.47 49.35 4.82
N SER E 132 6.39 48.13 5.32
CA SER E 132 6.66 47.82 6.72
C SER E 132 7.64 46.66 6.80
N TRP E 133 8.15 46.41 8.00
CA TRP E 133 9.16 45.41 8.23
C TRP E 133 8.74 44.44 9.34
N THR E 134 9.42 43.31 9.39
CA THR E 134 9.28 42.33 10.46
C THR E 134 10.66 42.03 11.03
N ALA E 135 10.84 42.35 12.30
CA ALA E 135 12.10 42.11 13.00
C ALA E 135 11.98 40.86 13.87
N VAL E 136 12.98 39.98 13.79
CA VAL E 136 12.92 38.71 14.49
C VAL E 136 13.14 38.88 15.99
N ASP E 137 13.80 39.95 16.42
CA ASP E 137 14.18 40.10 17.83
C ASP E 137 14.46 41.57 18.10
N THR E 138 15.06 41.84 19.27
CA THR E 138 15.36 43.21 19.66
C THR E 138 16.41 43.83 18.74
N ALA E 139 17.43 43.04 18.37
CA ALA E 139 18.48 43.55 17.49
C ALA E 139 17.91 43.96 16.13
N ALA E 140 17.17 43.06 15.48
CA ALA E 140 16.60 43.37 14.18
C ALA E 140 15.63 44.54 14.22
N GLN E 141 15.08 44.85 15.40
CA GLN E 141 14.25 46.05 15.52
C GLN E 141 15.07 47.33 15.38
N ILE E 142 16.34 47.30 15.82
CA ILE E 142 17.22 48.45 15.62
C ILE E 142 17.53 48.61 14.14
N SER E 143 17.76 47.49 13.45
CA SER E 143 17.96 47.56 12.00
C SER E 143 16.70 48.03 11.30
N GLU E 144 15.53 47.62 11.82
CA GLU E 144 14.28 48.15 11.29
C GLU E 144 14.18 49.66 11.51
N GLN E 145 14.68 50.12 12.66
CA GLN E 145 14.64 51.55 12.95
C GLN E 145 15.54 52.33 12.00
N LYS E 146 16.73 51.80 11.69
CA LYS E 146 17.60 52.44 10.71
C LYS E 146 16.95 52.46 9.34
N SER E 147 16.28 51.37 8.96
CA SER E 147 15.63 51.32 7.65
C SER E 147 14.48 52.32 7.58
N ASN E 148 13.76 52.52 8.69
CA ASN E 148 12.71 53.53 8.70
C ASN E 148 13.28 54.94 8.67
N ASP E 149 14.37 55.18 9.40
CA ASP E 149 14.99 56.50 9.41
C ASP E 149 15.47 56.90 8.03
N ALA E 150 16.04 55.95 7.29
CA ALA E 150 16.63 56.20 5.98
C ALA E 150 15.64 56.05 4.83
N SER E 151 14.36 55.83 5.13
CA SER E 151 13.34 55.56 4.10
C SER E 151 13.76 54.40 3.20
N GLU E 152 14.26 53.33 3.83
CA GLU E 152 14.77 52.19 3.08
C GLU E 152 13.68 51.48 2.31
N ALA E 153 12.49 51.32 2.91
CA ALA E 153 11.39 50.67 2.21
C ALA E 153 10.96 51.47 0.99
N GLU E 154 11.05 52.81 1.07
CA GLU E 154 10.75 53.65 -0.07
C GLU E 154 11.72 53.40 -1.21
N HIS E 155 13.00 53.24 -0.89
CA HIS E 155 14.01 52.95 -1.91
C HIS E 155 13.87 51.52 -2.43
N GLN E 156 13.55 50.57 -1.55
CA GLN E 156 13.32 49.20 -1.99
C GLN E 156 12.09 49.09 -2.87
N ARG E 157 11.05 49.85 -2.55
CA ARG E 157 9.81 49.79 -3.33
C ARG E 157 10.05 50.25 -4.76
N ALA E 158 10.84 51.30 -4.94
CA ALA E 158 11.09 51.83 -6.28
C ALA E 158 11.90 50.86 -7.12
N TYR E 159 12.84 50.15 -6.50
CA TYR E 159 13.64 49.17 -7.23
C TYR E 159 12.82 47.93 -7.58
N LEU E 160 12.12 47.37 -6.59
CA LEU E 160 11.40 46.12 -6.80
C LEU E 160 10.27 46.29 -7.82
N GLU E 161 9.59 47.42 -7.79
CA GLU E 161 8.44 47.64 -8.67
C GLU E 161 8.84 48.17 -10.05
N ASP E 162 10.03 48.75 -10.19
CA ASP E 162 10.43 49.37 -11.45
C ASP E 162 11.75 48.79 -11.97
N THR E 163 12.88 49.08 -11.32
CA THR E 163 14.17 48.67 -11.86
C THR E 163 14.26 47.16 -12.03
N CYS E 164 13.81 46.40 -11.04
CA CYS E 164 13.87 44.94 -11.10
C CYS E 164 12.99 44.42 -12.22
N VAL E 165 11.78 44.96 -12.36
CA VAL E 165 10.84 44.50 -13.37
C VAL E 165 11.35 44.82 -14.77
N GLU E 166 11.98 45.98 -14.94
CA GLU E 166 12.47 46.35 -16.27
C GLU E 166 13.59 45.43 -16.73
N TRP E 167 14.52 45.10 -15.84
CA TRP E 167 15.65 44.27 -16.23
C TRP E 167 15.28 42.80 -16.35
N LEU E 168 14.33 42.33 -15.53
CA LEU E 168 13.80 40.98 -15.74
C LEU E 168 13.20 40.85 -17.14
N HIS E 169 12.52 41.89 -17.62
CA HIS E 169 12.02 41.89 -18.99
C HIS E 169 13.17 41.84 -19.99
N LYS E 170 14.27 42.54 -19.69
CA LYS E 170 15.42 42.55 -20.60
C LYS E 170 16.14 41.22 -20.63
N TYR E 171 16.17 40.50 -19.49
CA TYR E 171 16.86 39.21 -19.45
C TYR E 171 16.05 38.13 -20.13
N LEU E 172 14.74 38.14 -19.97
CA LEU E 172 13.89 37.18 -20.68
C LEU E 172 14.00 37.38 -22.19
N GLU E 173 14.40 38.56 -22.64
CA GLU E 173 14.60 38.80 -24.06
C GLU E 173 15.97 38.30 -24.52
N LYS E 174 17.02 38.57 -23.74
CA LYS E 174 18.33 38.08 -24.10
C LYS E 174 18.37 36.56 -24.05
N GLY E 175 17.81 35.96 -23.00
CA GLY E 175 17.76 34.53 -22.87
C GLY E 175 16.48 33.93 -23.43
N LYS E 176 15.89 34.61 -24.41
CA LYS E 176 14.62 34.18 -24.98
C LYS E 176 14.65 32.71 -25.36
N GLU E 177 15.70 32.31 -26.09
CA GLU E 177 15.78 31.00 -26.71
C GLU E 177 15.92 29.87 -25.71
N THR E 178 16.36 30.15 -24.48
CA THR E 178 16.43 29.13 -23.43
C THR E 178 15.48 29.38 -22.27
N LEU E 179 15.30 30.63 -21.86
CA LEU E 179 14.44 30.91 -20.71
C LEU E 179 12.98 30.64 -21.02
N LEU E 180 12.50 31.12 -22.17
CA LEU E 180 11.11 30.99 -22.57
C LEU E 180 10.85 29.72 -23.38
N HIS E 181 11.87 28.89 -23.59
CA HIS E 181 11.69 27.59 -24.24
C HIS E 181 11.70 26.52 -23.16
N LEU E 182 10.55 25.90 -22.94
CA LEU E 182 10.41 24.88 -21.92
C LEU E 182 10.98 23.55 -22.40
N GLU E 183 11.70 22.86 -21.53
CA GLU E 183 12.22 21.55 -21.88
C GLU E 183 11.41 20.48 -21.18
N PRO E 184 10.59 19.72 -21.91
CA PRO E 184 9.83 18.65 -21.25
C PRO E 184 10.74 17.53 -20.82
N PRO E 185 10.35 16.76 -19.80
CA PRO E 185 11.22 15.68 -19.32
C PRO E 185 11.22 14.49 -20.26
N LYS E 186 12.34 13.76 -20.23
CA LYS E 186 12.47 12.48 -20.91
C LYS E 186 12.23 11.39 -19.89
N THR E 187 11.27 10.51 -20.15
CA THR E 187 10.73 9.62 -19.13
C THR E 187 10.91 8.16 -19.53
N HIS E 188 11.27 7.33 -18.56
CA HIS E 188 11.35 5.89 -18.74
C HIS E 188 11.29 5.22 -17.38
N VAL E 189 10.77 4.00 -17.35
CA VAL E 189 10.63 3.22 -16.12
C VAL E 189 11.66 2.08 -16.18
N THR E 190 12.40 1.91 -15.08
CA THR E 190 13.34 0.81 -14.95
C THR E 190 12.78 -0.21 -13.98
N HIS E 191 13.35 -1.41 -14.02
CA HIS E 191 12.83 -2.56 -13.31
C HIS E 191 13.96 -3.24 -12.54
N HIS E 192 13.73 -3.49 -11.25
CA HIS E 192 14.72 -4.16 -10.42
C HIS E 192 14.02 -5.16 -9.50
N PRO E 193 14.23 -6.46 -9.71
CA PRO E 193 13.59 -7.47 -8.86
C PRO E 193 14.27 -7.55 -7.50
N ILE E 194 13.50 -7.34 -6.43
CA ILE E 194 14.02 -7.55 -5.09
C ILE E 194 14.09 -9.04 -4.79
N SER E 195 13.14 -9.82 -5.28
CA SER E 195 13.08 -11.25 -5.06
C SER E 195 12.22 -11.88 -6.15
N ASP E 196 11.86 -13.14 -5.95
CA ASP E 196 10.95 -13.81 -6.89
C ASP E 196 9.54 -13.27 -6.82
N HIS E 197 9.17 -12.62 -5.71
CA HIS E 197 7.81 -12.16 -5.48
C HIS E 197 7.66 -10.64 -5.48
N GLU E 198 8.76 -9.90 -5.52
CA GLU E 198 8.70 -8.44 -5.48
C GLU E 198 9.77 -7.84 -6.38
N ALA E 199 9.50 -6.63 -6.84
CA ALA E 199 10.32 -5.93 -7.82
C ALA E 199 10.11 -4.43 -7.64
N THR E 200 11.17 -3.67 -7.94
CA THR E 200 11.13 -2.22 -7.84
C THR E 200 10.83 -1.62 -9.21
N LEU E 201 9.90 -0.68 -9.24
CA LEU E 201 9.62 0.12 -10.42
C LEU E 201 10.07 1.54 -10.12
N ARG E 202 10.93 2.08 -10.97
CA ARG E 202 11.49 3.41 -10.78
C ARG E 202 11.18 4.25 -12.01
N CYS E 203 10.42 5.30 -11.82
CA CYS E 203 10.02 6.19 -12.90
C CYS E 203 11.00 7.36 -12.96
N TRP E 204 11.61 7.57 -14.12
CA TRP E 204 12.66 8.56 -14.30
C TRP E 204 12.14 9.75 -15.08
N ALA E 205 12.57 10.94 -14.67
CA ALA E 205 12.32 12.17 -15.40
C ALA E 205 13.66 12.89 -15.53
N LEU E 206 14.16 13.02 -16.76
CA LEU E 206 15.51 13.50 -17.01
C LEU E 206 15.50 14.66 -17.98
N GLY E 207 16.35 15.65 -17.71
CA GLY E 207 16.63 16.71 -18.65
C GLY E 207 15.50 17.70 -18.90
N PHE E 208 14.76 18.06 -17.86
CA PHE E 208 13.65 19.00 -17.99
C PHE E 208 13.98 20.35 -17.41
N TYR E 209 13.27 21.38 -17.89
CA TYR E 209 13.38 22.74 -17.42
C TYR E 209 11.99 23.35 -17.60
N PRO E 210 11.47 24.08 -16.59
CA PRO E 210 12.13 24.38 -15.32
C PRO E 210 12.12 23.23 -14.32
N ALA E 211 12.53 23.52 -13.08
CA ALA E 211 12.73 22.46 -12.09
C ALA E 211 11.43 21.92 -11.53
N GLU E 212 10.35 22.70 -11.60
CA GLU E 212 9.06 22.25 -11.08
C GLU E 212 8.56 21.04 -11.86
N ILE E 213 8.29 19.95 -11.14
CA ILE E 213 7.83 18.70 -11.75
C ILE E 213 7.08 17.91 -10.70
N THR E 214 6.17 17.04 -11.13
CA THR E 214 5.40 16.18 -10.25
C THR E 214 5.45 14.76 -10.78
N LEU E 215 5.91 13.83 -9.95
CA LEU E 215 5.95 12.41 -10.29
C LEU E 215 5.02 11.66 -9.34
N THR E 216 4.09 10.89 -9.90
CA THR E 216 3.12 10.14 -9.12
C THR E 216 3.00 8.73 -9.67
N TRP E 217 3.04 7.74 -8.78
CA TRP E 217 2.80 6.35 -9.15
C TRP E 217 1.34 6.01 -8.91
N GLN E 218 0.65 5.57 -9.97
CA GLN E 218 -0.76 5.23 -9.89
C GLN E 218 -0.93 3.72 -10.00
N GLN E 219 -1.68 3.14 -9.08
CA GLN E 219 -2.06 1.73 -9.13
C GLN E 219 -3.54 1.62 -9.43
N ASP E 220 -3.88 0.86 -10.47
CA ASP E 220 -5.28 0.63 -10.86
C ASP E 220 -6.02 1.95 -11.09
N GLY E 221 -5.33 2.92 -11.67
CA GLY E 221 -5.96 4.20 -11.92
C GLY E 221 -5.88 5.15 -10.74
N GLU E 222 -6.00 4.61 -9.54
CA GLU E 222 -5.91 5.42 -8.32
C GLU E 222 -4.53 6.08 -8.23
N GLY E 223 -4.52 7.40 -8.12
CA GLY E 223 -3.30 8.16 -8.31
C GLY E 223 -2.32 8.03 -7.17
N HIS E 224 -2.81 8.03 -5.94
CA HIS E 224 -1.94 8.01 -4.77
C HIS E 224 -1.59 6.58 -4.40
N THR E 225 -0.31 6.35 -4.11
CA THR E 225 0.20 5.01 -3.81
C THR E 225 1.08 5.07 -2.56
N GLN E 226 0.92 4.06 -1.70
CA GLN E 226 1.74 3.93 -0.51
C GLN E 226 3.08 3.27 -0.88
N ASP E 227 4.06 3.48 0.00
CA ASP E 227 5.42 2.94 -0.18
C ASP E 227 6.08 3.52 -1.44
N THR E 228 6.06 4.84 -1.55
CA THR E 228 6.66 5.54 -2.68
C THR E 228 7.84 6.37 -2.20
N GLU E 229 8.98 6.22 -2.86
CA GLU E 229 10.22 6.88 -2.47
C GLU E 229 10.55 7.97 -3.49
N LEU E 230 10.59 9.22 -3.03
CA LEU E 230 10.91 10.36 -3.87
C LEU E 230 12.26 10.95 -3.52
N VAL E 231 13.04 11.31 -4.53
CA VAL E 231 14.24 12.12 -4.33
C VAL E 231 13.92 13.55 -4.72
N GLU E 232 14.56 14.50 -4.05
CA GLU E 232 14.41 15.90 -4.43
C GLU E 232 14.91 16.12 -5.85
N THR E 233 14.24 17.03 -6.56
CA THR E 233 14.70 17.41 -7.89
C THR E 233 16.14 17.90 -7.80
N ARG E 234 16.98 17.43 -8.71
CA ARG E 234 18.41 17.65 -8.63
C ARG E 234 18.93 18.20 -9.95
N PRO E 235 19.96 19.07 -9.89
CA PRO E 235 20.50 19.63 -11.13
C PRO E 235 21.32 18.60 -11.88
N ALA E 236 21.09 18.52 -13.19
CA ALA E 236 21.87 17.63 -14.04
C ALA E 236 23.27 18.16 -14.32
N GLY E 237 23.50 19.45 -14.10
CA GLY E 237 24.77 20.08 -14.39
C GLY E 237 24.85 20.79 -15.73
N ASP E 238 23.81 20.69 -16.56
CA ASP E 238 23.79 21.35 -17.86
C ASP E 238 22.62 22.30 -18.00
N GLY E 239 22.03 22.75 -16.90
CA GLY E 239 20.89 23.63 -16.93
C GLY E 239 19.54 22.94 -16.72
N THR E 240 19.49 21.62 -16.85
CA THR E 240 18.26 20.88 -16.68
C THR E 240 18.29 20.15 -15.32
N PHE E 241 17.20 19.44 -15.04
CA PHE E 241 17.02 18.83 -13.73
C PHE E 241 16.60 17.39 -13.89
N GLN E 242 16.75 16.62 -12.80
CA GLN E 242 16.42 15.21 -12.78
C GLN E 242 15.53 14.92 -11.58
N LYS E 243 14.77 13.84 -11.69
CA LYS E 243 13.95 13.35 -10.59
C LYS E 243 13.48 11.95 -10.93
N TRP E 244 13.35 11.11 -9.91
CA TRP E 244 12.74 9.80 -10.10
C TRP E 244 11.88 9.44 -8.90
N ALA E 245 10.91 8.57 -9.15
CA ALA E 245 10.01 8.04 -8.14
C ALA E 245 9.97 6.53 -8.27
N ALA E 246 10.08 5.82 -7.14
CA ALA E 246 10.13 4.37 -7.14
C ALA E 246 9.04 3.81 -6.21
N VAL E 247 8.69 2.56 -6.45
CA VAL E 247 7.69 1.86 -5.64
C VAL E 247 7.97 0.36 -5.70
N VAL E 248 7.72 -0.33 -4.59
CA VAL E 248 7.88 -1.77 -4.52
C VAL E 248 6.60 -2.44 -5.02
N VAL E 249 6.75 -3.41 -5.90
CA VAL E 249 5.61 -3.99 -6.62
C VAL E 249 5.70 -5.51 -6.56
N PRO E 250 4.58 -6.21 -6.36
CA PRO E 250 4.60 -7.67 -6.45
C PRO E 250 4.91 -8.13 -7.86
N SER E 251 5.81 -9.11 -7.98
CA SER E 251 6.21 -9.62 -9.29
C SER E 251 5.02 -10.29 -9.97
N GLY E 252 4.80 -9.96 -11.24
CA GLY E 252 3.64 -10.40 -11.97
C GLY E 252 2.52 -9.38 -12.03
N GLU E 253 2.64 -8.28 -11.28
CA GLU E 253 1.62 -7.23 -11.26
C GLU E 253 2.21 -5.87 -11.62
N GLU E 254 3.38 -5.85 -12.27
CA GLU E 254 3.99 -4.58 -12.65
C GLU E 254 3.07 -3.77 -13.54
N GLN E 255 2.29 -4.43 -14.40
CA GLN E 255 1.47 -3.73 -15.38
C GLN E 255 0.34 -2.92 -14.74
N ARG E 256 -0.02 -3.21 -13.49
CA ARG E 256 -1.07 -2.47 -12.80
C ARG E 256 -0.60 -1.13 -12.27
N TYR E 257 0.62 -0.72 -12.58
CA TYR E 257 1.21 0.51 -12.06
C TYR E 257 1.56 1.45 -13.21
N THR E 258 1.08 2.68 -13.13
CA THR E 258 1.35 3.71 -14.11
C THR E 258 1.97 4.92 -13.43
N CYS E 259 2.92 5.56 -14.10
CA CYS E 259 3.60 6.74 -13.60
C CYS E 259 3.01 7.99 -14.25
N HIS E 260 2.60 8.94 -13.42
CA HIS E 260 2.03 10.20 -13.89
C HIS E 260 3.07 11.31 -13.76
N VAL E 261 3.40 11.95 -14.87
CA VAL E 261 4.42 12.99 -14.92
C VAL E 261 3.76 14.31 -15.31
N GLN E 262 3.91 15.31 -14.46
CA GLN E 262 3.40 16.65 -14.70
C GLN E 262 4.56 17.62 -14.90
N HIS E 263 4.44 18.47 -15.92
CA HIS E 263 5.49 19.44 -16.19
C HIS E 263 4.97 20.54 -17.10
N GLU E 264 5.51 21.75 -16.90
CA GLU E 264 5.07 22.90 -17.67
C GLU E 264 5.39 22.74 -19.16
N GLY E 265 6.47 22.01 -19.48
CA GLY E 265 6.80 21.78 -20.86
C GLY E 265 5.94 20.75 -21.57
N LEU E 266 5.07 20.06 -20.83
CA LEU E 266 4.15 19.08 -21.37
C LEU E 266 2.78 19.72 -21.58
N PRO E 267 2.19 19.60 -22.77
CA PRO E 267 0.83 20.15 -22.94
C PRO E 267 -0.19 19.46 -22.06
N GLU E 268 -0.06 18.15 -21.89
CA GLU E 268 -0.85 17.37 -20.96
C GLU E 268 0.07 16.40 -20.24
N PRO E 269 -0.32 15.93 -19.06
CA PRO E 269 0.52 14.97 -18.32
C PRO E 269 0.87 13.72 -19.12
N VAL E 270 1.99 13.10 -18.71
CA VAL E 270 2.55 11.92 -19.37
C VAL E 270 2.36 10.72 -18.46
N THR E 271 1.87 9.62 -19.04
CA THR E 271 1.70 8.36 -18.34
C THR E 271 2.55 7.30 -19.03
N LEU E 272 3.28 6.52 -18.25
CA LEU E 272 4.16 5.50 -18.81
C LEU E 272 4.22 4.31 -17.87
N ARG E 273 4.45 3.14 -18.45
CA ARG E 273 4.55 1.89 -17.73
C ARG E 273 5.90 1.22 -18.02
N TRP E 274 6.11 0.07 -17.40
CA TRP E 274 7.26 -0.77 -17.70
C TRP E 274 6.86 -1.87 -18.68
N MET F 1 22.02 30.26 17.22
CA MET F 1 22.54 29.94 15.90
C MET F 1 22.02 28.59 15.42
N ILE F 2 21.67 28.52 14.13
CA ILE F 2 21.06 27.34 13.54
C ILE F 2 22.03 26.72 12.55
N GLN F 3 22.13 25.39 12.58
CA GLN F 3 22.93 24.63 11.62
C GLN F 3 22.07 23.50 11.04
N ARG F 4 22.37 23.12 9.80
CA ARG F 4 21.63 22.08 9.11
C ARG F 4 22.59 21.11 8.44
N THR F 5 22.29 19.82 8.56
CA THR F 5 23.13 18.79 7.98
C THR F 5 22.94 18.72 6.46
N PRO F 6 23.99 18.36 5.72
CA PRO F 6 23.87 18.28 4.26
C PRO F 6 23.14 17.02 3.79
N LYS F 7 22.30 17.19 2.78
CA LYS F 7 21.71 16.09 2.04
C LYS F 7 22.58 15.79 0.82
N ILE F 8 22.81 14.51 0.54
CA ILE F 8 23.79 14.08 -0.44
C ILE F 8 23.12 13.19 -1.49
N GLN F 9 23.41 13.46 -2.76
CA GLN F 9 23.02 12.59 -3.85
C GLN F 9 24.20 12.43 -4.80
N VAL F 10 24.48 11.19 -5.20
CA VAL F 10 25.51 10.88 -6.18
C VAL F 10 24.83 10.31 -7.41
N TYR F 11 25.07 10.92 -8.57
CA TYR F 11 24.40 10.51 -9.79
C TYR F 11 25.21 10.99 -10.98
N SER F 12 24.73 10.66 -12.18
CA SER F 12 25.38 11.06 -13.41
C SER F 12 24.45 11.96 -14.21
N ARG F 13 25.04 12.79 -15.07
CA ARG F 13 24.25 13.69 -15.90
C ARG F 13 23.38 12.92 -16.88
N HIS F 14 23.94 11.88 -17.49
CA HIS F 14 23.24 11.02 -18.42
C HIS F 14 23.20 9.59 -17.88
N PRO F 15 22.26 8.76 -18.33
CA PRO F 15 22.28 7.35 -17.95
C PRO F 15 23.63 6.70 -18.21
N ALA F 16 24.15 6.00 -17.20
CA ALA F 16 25.48 5.42 -17.30
C ALA F 16 25.54 4.36 -18.38
N GLU F 17 26.65 4.37 -19.13
CA GLU F 17 26.92 3.36 -20.16
C GLU F 17 28.41 3.10 -20.14
N ASN F 18 28.79 1.87 -19.80
CA ASN F 18 30.20 1.52 -19.58
C ASN F 18 31.04 1.87 -20.80
N GLY F 19 32.07 2.69 -20.58
CA GLY F 19 33.01 3.08 -21.61
C GLY F 19 32.74 4.43 -22.24
N LYS F 20 31.54 4.98 -22.05
CA LYS F 20 31.19 6.26 -22.65
C LYS F 20 31.40 7.40 -21.65
N SER F 21 31.80 8.56 -22.18
CA SER F 21 32.06 9.71 -21.33
C SER F 21 30.77 10.19 -20.69
N ASN F 22 30.89 10.66 -19.45
CA ASN F 22 29.74 11.13 -18.67
C ASN F 22 30.24 12.17 -17.67
N PHE F 23 29.36 12.56 -16.77
CA PHE F 23 29.70 13.47 -15.67
C PHE F 23 29.20 12.86 -14.37
N LEU F 24 30.09 12.78 -13.37
CA LEU F 24 29.71 12.29 -12.06
C LEU F 24 29.31 13.49 -11.20
N ASN F 25 28.10 13.44 -10.64
CA ASN F 25 27.56 14.53 -9.85
C ASN F 25 27.44 14.14 -8.39
N CYS F 26 27.81 15.06 -7.51
CA CYS F 26 27.49 14.99 -6.08
C CYS F 26 26.78 16.28 -5.70
N TYR F 27 25.50 16.16 -5.36
CA TYR F 27 24.65 17.31 -5.06
C TYR F 27 24.45 17.37 -3.55
N VAL F 28 25.13 18.30 -2.90
CA VAL F 28 24.94 18.56 -1.48
C VAL F 28 23.98 19.75 -1.36
N SER F 29 22.99 19.63 -0.47
CA SER F 29 21.97 20.66 -0.37
C SER F 29 21.38 20.65 1.02
N GLY F 30 20.70 21.74 1.35
CA GLY F 30 20.02 21.84 2.64
C GLY F 30 20.93 21.94 3.84
N PHE F 31 22.16 22.39 3.67
CA PHE F 31 23.11 22.47 4.75
C PHE F 31 23.37 23.92 5.15
N HIS F 32 23.91 24.09 6.36
CA HIS F 32 24.25 25.37 6.94
C HIS F 32 25.22 25.16 8.10
N PRO F 33 26.32 25.93 8.20
CA PRO F 33 26.71 27.03 7.32
C PRO F 33 27.29 26.55 5.99
N SER F 34 27.78 27.51 5.20
CA SER F 34 28.22 27.20 3.84
C SER F 34 29.54 26.47 3.79
N ASP F 35 30.32 26.48 4.87
CA ASP F 35 31.64 25.86 4.84
C ASP F 35 31.49 24.35 4.79
N ILE F 36 31.90 23.74 3.67
CA ILE F 36 31.69 22.31 3.45
C ILE F 36 32.87 21.77 2.66
N GLU F 37 33.22 20.52 2.94
CA GLU F 37 34.28 19.81 2.24
C GLU F 37 33.66 18.67 1.46
N VAL F 38 33.77 18.72 0.14
CA VAL F 38 33.21 17.71 -0.74
C VAL F 38 34.30 17.25 -1.71
N ASP F 39 34.49 15.94 -1.78
CA ASP F 39 35.42 15.35 -2.72
C ASP F 39 34.75 14.17 -3.42
N LEU F 40 35.18 13.91 -4.65
CA LEU F 40 34.72 12.76 -5.41
C LEU F 40 35.80 11.69 -5.41
N LEU F 41 35.38 10.43 -5.26
CA LEU F 41 36.30 9.32 -5.08
C LEU F 41 36.16 8.32 -6.21
N LYS F 42 37.31 7.83 -6.70
CA LYS F 42 37.36 6.74 -7.66
C LYS F 42 38.16 5.61 -7.02
N ASN F 43 37.46 4.54 -6.63
CA ASN F 43 38.07 3.41 -5.91
C ASN F 43 38.71 3.84 -4.61
N GLY F 44 38.12 4.83 -3.94
CA GLY F 44 38.59 5.30 -2.65
C GLY F 44 39.55 6.47 -2.69
N GLU F 45 40.03 6.85 -3.87
CA GLU F 45 41.03 7.91 -4.01
C GLU F 45 40.38 9.17 -4.58
N ARG F 46 40.77 10.32 -4.05
CA ARG F 46 40.20 11.60 -4.46
C ARG F 46 40.40 11.83 -5.96
N ILE F 47 39.32 12.25 -6.63
CA ILE F 47 39.41 12.58 -8.05
C ILE F 47 40.11 13.93 -8.21
N GLU F 48 40.97 14.03 -9.22
CA GLU F 48 41.88 15.16 -9.33
C GLU F 48 41.17 16.43 -9.80
N LYS F 49 40.37 16.35 -10.86
CA LYS F 49 39.74 17.53 -11.47
C LYS F 49 38.26 17.52 -11.10
N VAL F 50 37.93 18.14 -9.97
CA VAL F 50 36.55 18.29 -9.52
C VAL F 50 36.21 19.77 -9.51
N GLU F 51 35.08 20.12 -10.11
CA GLU F 51 34.55 21.47 -10.12
C GLU F 51 33.27 21.52 -9.30
N HIS F 52 32.83 22.74 -9.00
CA HIS F 52 31.56 22.90 -8.31
C HIS F 52 30.89 24.19 -8.76
N SER F 53 29.57 24.22 -8.56
CA SER F 53 28.77 25.39 -8.93
C SER F 53 28.93 26.48 -7.89
N ASP F 54 28.33 27.63 -8.17
CA ASP F 54 28.44 28.77 -7.28
C ASP F 54 27.47 28.65 -6.11
N LEU F 55 27.93 29.09 -4.94
CA LEU F 55 27.12 28.98 -3.73
C LEU F 55 25.83 29.77 -3.87
N SER F 56 24.71 29.07 -3.66
CA SER F 56 23.38 29.68 -3.60
C SER F 56 22.66 29.13 -2.38
N PHE F 57 21.43 29.57 -2.16
CA PHE F 57 20.65 29.05 -1.05
C PHE F 57 19.16 29.12 -1.37
N SER F 58 18.39 28.36 -0.60
CA SER F 58 16.97 28.16 -0.85
C SER F 58 16.14 29.15 -0.03
N LYS F 59 14.82 28.95 -0.04
CA LYS F 59 13.92 29.83 0.69
C LYS F 59 14.11 29.75 2.21
N ASP F 60 14.73 28.68 2.70
CA ASP F 60 14.98 28.51 4.12
C ASP F 60 16.44 28.79 4.50
N TRP F 61 17.19 29.44 3.61
CA TRP F 61 18.56 29.92 3.81
C TRP F 61 19.59 28.81 3.77
N SER F 62 19.20 27.55 3.61
CA SER F 62 20.15 26.46 3.54
C SER F 62 20.85 26.47 2.19
N PHE F 63 22.14 26.15 2.19
CA PHE F 63 22.95 26.23 0.99
C PHE F 63 22.87 24.93 0.18
N TYR F 64 23.19 25.03 -1.10
CA TYR F 64 23.22 23.87 -1.97
C TYR F 64 24.28 24.06 -3.05
N LEU F 65 25.00 22.99 -3.36
CA LEU F 65 26.10 23.02 -4.32
C LEU F 65 26.08 21.73 -5.14
N LEU F 66 26.58 21.83 -6.37
CA LEU F 66 26.76 20.67 -7.24
C LEU F 66 28.23 20.52 -7.56
N TYR F 67 28.86 19.47 -7.01
CA TYR F 67 30.22 19.10 -7.38
C TYR F 67 30.16 18.09 -8.51
N TYR F 68 31.09 18.21 -9.45
CA TYR F 68 31.04 17.37 -10.64
C TYR F 68 32.43 17.20 -11.23
N THR F 69 32.58 16.11 -11.99
CA THR F 69 33.80 15.82 -12.73
C THR F 69 33.44 14.95 -13.91
N GLU F 70 34.24 15.02 -14.96
CA GLU F 70 34.08 14.12 -16.09
C GLU F 70 34.66 12.75 -15.73
N PHE F 71 33.92 11.69 -16.03
CA PHE F 71 34.36 10.34 -15.70
C PHE F 71 33.81 9.37 -16.74
N THR F 72 34.38 8.18 -16.73
CA THR F 72 33.96 7.11 -17.63
C THR F 72 33.48 5.92 -16.82
N PRO F 73 32.18 5.63 -16.77
CA PRO F 73 31.70 4.46 -16.03
C PRO F 73 32.30 3.17 -16.60
N THR F 74 32.80 2.32 -15.71
CA THR F 74 33.33 1.02 -16.09
C THR F 74 32.80 -0.04 -15.13
N GLU F 75 32.91 -1.29 -15.56
CA GLU F 75 32.41 -2.40 -14.75
C GLU F 75 33.18 -2.52 -13.44
N LYS F 76 34.46 -2.17 -13.44
CA LYS F 76 35.32 -2.44 -12.29
C LYS F 76 35.39 -1.27 -11.31
N ASP F 77 35.37 -0.03 -11.80
CA ASP F 77 35.63 1.12 -10.94
C ASP F 77 34.47 1.35 -9.97
N GLU F 78 34.83 1.85 -8.78
CA GLU F 78 33.87 2.23 -7.75
C GLU F 78 33.94 3.75 -7.58
N TYR F 79 32.80 4.41 -7.73
CA TYR F 79 32.71 5.86 -7.58
C TYR F 79 31.85 6.22 -6.37
N ALA F 80 32.25 7.26 -5.65
CA ALA F 80 31.54 7.68 -4.45
C ALA F 80 31.76 9.17 -4.23
N CYS F 81 31.11 9.70 -3.19
CA CYS F 81 31.23 11.10 -2.82
C CYS F 81 31.39 11.19 -1.30
N ARG F 82 32.42 11.91 -0.86
CA ARG F 82 32.70 12.09 0.56
C ARG F 82 32.45 13.54 0.95
N VAL F 83 31.61 13.75 1.97
CA VAL F 83 31.21 15.07 2.42
C VAL F 83 31.53 15.20 3.90
N ASN F 84 32.15 16.32 4.27
CA ASN F 84 32.38 16.66 5.66
C ASN F 84 31.83 18.05 5.93
N HIS F 85 31.22 18.21 7.09
CA HIS F 85 30.55 19.45 7.48
C HIS F 85 30.60 19.55 9.00
N VAL F 86 30.43 20.77 9.51
CA VAL F 86 30.52 20.97 10.96
C VAL F 86 29.47 20.15 11.70
N THR F 87 28.29 19.98 11.10
CA THR F 87 27.22 19.22 11.74
C THR F 87 27.47 17.71 11.73
N LEU F 88 28.42 17.23 10.95
CA LEU F 88 28.69 15.80 10.83
C LEU F 88 29.72 15.35 11.85
N SER F 89 29.47 14.18 12.45
CA SER F 89 30.41 13.61 13.40
C SER F 89 31.63 13.01 12.72
N GLN F 90 31.51 12.67 11.43
CA GLN F 90 32.61 12.09 10.66
C GLN F 90 32.26 12.24 9.18
N PRO F 91 33.26 12.21 8.29
CA PRO F 91 32.97 12.37 6.86
C PRO F 91 31.99 11.32 6.36
N LYS F 92 31.00 11.78 5.59
CA LYS F 92 29.95 10.91 5.07
C LYS F 92 30.28 10.54 3.62
N ILE F 93 30.34 9.24 3.35
CA ILE F 93 30.68 8.72 2.02
C ILE F 93 29.43 8.07 1.44
N VAL F 94 29.08 8.46 0.22
CA VAL F 94 27.90 7.96 -0.47
C VAL F 94 28.35 7.36 -1.81
N LYS F 95 28.15 6.05 -1.97
CA LYS F 95 28.56 5.38 -3.19
C LYS F 95 27.63 5.73 -4.34
N TRP F 96 28.20 5.81 -5.54
CA TRP F 96 27.41 6.05 -6.74
C TRP F 96 26.67 4.77 -7.12
N ASP F 97 25.36 4.90 -7.34
CA ASP F 97 24.52 3.81 -7.84
C ASP F 97 23.96 4.26 -9.18
N ARG F 98 24.28 3.53 -10.23
CA ARG F 98 23.96 4.00 -11.58
C ARG F 98 22.47 3.96 -11.89
N ASP F 99 21.66 3.31 -11.05
CA ASP F 99 20.22 3.28 -11.23
C ASP F 99 19.49 4.12 -10.19
N MET F 100 20.20 5.05 -9.55
CA MET F 100 19.59 5.97 -8.59
C MET F 100 20.14 7.38 -8.77
N GLY G 1 -4.90 31.42 38.79
CA GLY G 1 -4.40 31.59 37.44
C GLY G 1 -4.44 30.31 36.65
N SER G 2 -3.93 30.35 35.42
CA SER G 2 -3.89 29.17 34.58
C SER G 2 -2.96 28.11 35.17
N HIS G 3 -3.31 26.85 34.97
CA HIS G 3 -2.49 25.74 35.43
C HIS G 3 -2.38 24.71 34.32
N SER G 4 -1.27 23.99 34.32
CA SER G 4 -1.01 23.02 33.27
C SER G 4 -0.25 21.82 33.83
N LEU G 5 -0.55 20.65 33.28
CA LEU G 5 0.19 19.43 33.52
C LEU G 5 0.81 18.99 32.20
N LYS G 6 2.13 18.92 32.14
CA LYS G 6 2.84 18.66 30.90
C LYS G 6 3.89 17.58 31.10
N TYR G 7 4.01 16.70 30.11
CA TYR G 7 5.07 15.70 30.06
C TYR G 7 5.93 15.91 28.83
N PHE G 8 7.24 15.80 29.00
CA PHE G 8 8.21 16.00 27.92
C PHE G 8 9.06 14.74 27.77
N HIS G 9 8.89 14.05 26.66
CA HIS G 9 9.59 12.78 26.40
C HIS G 9 10.62 12.98 25.29
N THR G 10 11.82 12.48 25.52
CA THR G 10 12.91 12.58 24.55
C THR G 10 13.50 11.20 24.31
N SER G 11 13.61 10.81 23.04
CA SER G 11 14.16 9.52 22.65
C SER G 11 15.23 9.74 21.60
N VAL G 12 16.45 9.29 21.88
CA VAL G 12 17.58 9.46 20.99
C VAL G 12 18.19 8.10 20.69
N SER G 13 18.23 7.73 19.42
CA SER G 13 18.83 6.47 19.01
C SER G 13 20.36 6.55 19.10
N ARG G 14 20.97 5.47 19.60
CA ARG G 14 22.41 5.40 19.78
C ARG G 14 22.98 4.32 18.87
N PRO G 15 23.56 4.68 17.73
CA PRO G 15 23.92 3.67 16.71
C PRO G 15 25.04 2.75 17.20
N GLY G 16 24.75 1.45 17.22
CA GLY G 16 25.72 0.45 17.62
C GLY G 16 25.89 0.25 19.12
N ARG G 17 25.30 1.10 19.95
CA ARG G 17 25.48 1.00 21.40
C ARG G 17 24.28 0.40 22.11
N GLY G 18 23.19 0.10 21.40
CA GLY G 18 22.05 -0.55 22.00
C GLY G 18 20.77 0.19 21.69
N GLU G 19 19.77 -0.01 22.55
CA GLU G 19 18.46 0.59 22.36
C GLU G 19 18.54 2.09 22.65
N PRO G 20 17.54 2.86 22.20
CA PRO G 20 17.61 4.32 22.34
C PRO G 20 17.54 4.77 23.79
N ARG G 21 18.18 5.91 24.06
CA ARG G 21 18.03 6.58 25.34
C ARG G 21 16.67 7.26 25.40
N PHE G 22 16.01 7.12 26.55
CA PHE G 22 14.67 7.68 26.76
C PHE G 22 14.62 8.40 28.10
N ILE G 23 14.16 9.65 28.08
CA ILE G 23 14.02 10.47 29.29
C ILE G 23 12.64 11.10 29.28
N SER G 24 11.95 11.03 30.41
CA SER G 24 10.64 11.66 30.58
C SER G 24 10.69 12.57 31.79
N VAL G 25 10.18 13.79 31.63
CA VAL G 25 10.03 14.72 32.74
C VAL G 25 8.61 15.23 32.73
N GLY G 26 8.03 15.37 33.91
CA GLY G 26 6.67 15.88 34.07
C GLY G 26 6.73 17.23 34.77
N TYR G 27 5.89 18.15 34.34
CA TYR G 27 5.81 19.48 34.92
C TYR G 27 4.38 19.79 35.33
N VAL G 28 4.25 20.44 36.48
CA VAL G 28 3.02 21.13 36.86
C VAL G 28 3.37 22.61 36.90
N ASP G 29 2.85 23.36 35.92
CA ASP G 29 3.20 24.77 35.72
C ASP G 29 4.69 24.85 35.44
N ASP G 30 5.47 25.61 36.20
CA ASP G 30 6.90 25.71 35.97
C ASP G 30 7.71 24.82 36.92
N THR G 31 7.08 23.80 37.49
CA THR G 31 7.70 22.93 38.48
C THR G 31 7.79 21.52 37.93
N GLN G 32 9.01 21.02 37.71
CA GLN G 32 9.18 19.61 37.40
C GLN G 32 8.94 18.78 38.64
N PHE G 33 8.16 17.70 38.51
CA PHE G 33 7.79 16.89 39.66
C PHE G 33 8.04 15.40 39.53
N VAL G 34 8.26 14.86 38.31
CA VAL G 34 8.59 13.45 38.14
C VAL G 34 9.63 13.29 37.04
N ARG G 35 10.32 12.15 37.07
CA ARG G 35 11.31 11.84 36.05
C ARG G 35 11.36 10.35 35.80
N PHE G 36 11.59 9.97 34.55
CA PHE G 36 11.92 8.61 34.16
C PHE G 36 13.10 8.65 33.20
N ASP G 37 14.14 7.89 33.53
CA ASP G 37 15.35 7.81 32.72
C ASP G 37 15.63 6.32 32.51
N ASN G 38 15.52 5.87 31.27
CA ASN G 38 15.62 4.44 30.97
C ASN G 38 17.06 3.91 31.03
N ASP G 39 18.04 4.74 31.38
CA ASP G 39 19.44 4.29 31.43
C ASP G 39 19.67 3.47 32.69
N ALA G 40 19.04 2.30 32.72
CA ALA G 40 19.16 1.37 33.84
C ALA G 40 18.63 0.01 33.40
N ALA G 41 18.96 -1.02 34.19
CA ALA G 41 18.41 -2.34 33.91
C ALA G 41 16.92 -2.37 34.20
N SER G 42 16.52 -1.85 35.36
CA SER G 42 15.12 -1.73 35.74
C SER G 42 14.86 -0.28 36.10
N PRO G 43 14.68 0.59 35.11
CA PRO G 43 14.44 2.01 35.40
C PRO G 43 13.10 2.20 36.10
N ARG G 44 12.97 3.34 36.75
CA ARG G 44 11.81 3.61 37.61
C ARG G 44 11.43 5.07 37.52
N MET G 45 10.11 5.33 37.49
CA MET G 45 9.60 6.69 37.63
C MET G 45 9.86 7.17 39.05
N VAL G 46 10.47 8.35 39.18
CA VAL G 46 10.88 8.83 40.50
C VAL G 46 10.38 10.26 40.72
N PRO G 47 10.06 10.64 41.96
CA PRO G 47 9.62 12.01 42.21
C PRO G 47 10.77 13.01 42.13
N ARG G 48 10.45 14.20 41.62
CA ARG G 48 11.39 15.30 41.50
C ARG G 48 10.97 16.55 42.25
N ALA G 49 9.85 16.51 42.97
CA ALA G 49 9.42 17.56 43.88
C ALA G 49 9.13 16.94 45.23
N PRO G 50 9.39 17.67 46.32
CA PRO G 50 9.18 17.07 47.65
C PRO G 50 7.75 16.64 47.91
N TRP G 51 6.76 17.37 47.37
CA TRP G 51 5.37 17.02 47.62
C TRP G 51 4.95 15.74 46.91
N MET G 52 5.78 15.21 46.00
CA MET G 52 5.52 13.93 45.36
C MET G 52 6.10 12.75 46.12
N GLU G 53 6.91 12.99 47.15
CA GLU G 53 7.71 11.93 47.78
C GLU G 53 6.91 11.04 48.71
N GLN G 54 5.63 11.31 48.94
CA GLN G 54 4.81 10.50 49.83
C GLN G 54 3.70 9.75 49.09
N GLU G 55 3.82 9.65 47.77
CA GLU G 55 2.95 8.79 46.98
C GLU G 55 3.33 7.32 47.17
N GLY G 56 2.32 6.45 47.10
CA GLY G 56 2.53 5.05 47.38
C GLY G 56 3.23 4.30 46.26
N SER G 57 3.47 3.01 46.52
CA SER G 57 4.15 2.16 45.55
C SER G 57 3.32 1.92 44.31
N GLU G 58 1.99 1.83 44.45
CA GLU G 58 1.15 1.57 43.28
C GLU G 58 1.23 2.71 42.27
N TYR G 59 1.29 3.95 42.75
CA TYR G 59 1.44 5.07 41.83
C TYR G 59 2.72 4.92 41.01
N TRP G 60 3.84 4.67 41.67
CA TRP G 60 5.12 4.63 40.96
C TRP G 60 5.23 3.40 40.06
N ASP G 61 4.65 2.26 40.48
CA ASP G 61 4.64 1.09 39.63
C ASP G 61 3.89 1.35 38.33
N ARG G 62 2.75 2.02 38.41
CA ARG G 62 1.97 2.28 37.20
C ARG G 62 2.69 3.24 36.26
N GLU G 63 3.24 4.33 36.80
CA GLU G 63 3.97 5.27 35.97
C GLU G 63 5.23 4.64 35.38
N THR G 64 5.88 3.76 36.13
CA THR G 64 7.04 3.06 35.60
C THR G 64 6.65 2.17 34.42
N ARG G 65 5.49 1.51 34.50
CA ARG G 65 5.01 0.70 33.39
C ARG G 65 4.64 1.55 32.18
N SER G 66 3.93 2.67 32.39
CA SER G 66 3.63 3.55 31.26
C SER G 66 4.90 4.08 30.61
N ALA G 67 5.92 4.39 31.43
CA ALA G 67 7.14 4.98 30.89
C ALA G 67 8.00 3.95 30.17
N ARG G 68 8.11 2.74 30.72
CA ARG G 68 8.90 1.70 30.07
C ARG G 68 8.26 1.27 28.75
N ASP G 69 6.92 1.24 28.69
CA ASP G 69 6.25 0.92 27.44
C ASP G 69 6.45 2.01 26.40
N THR G 70 6.38 3.28 26.82
CA THR G 70 6.58 4.39 25.88
C THR G 70 7.99 4.35 25.29
N ALA G 71 8.99 4.09 26.12
CA ALA G 71 10.36 3.96 25.63
C ALA G 71 10.46 2.91 24.53
N GLN G 72 9.82 1.75 24.74
CA GLN G 72 9.78 0.73 23.70
C GLN G 72 9.03 1.23 22.47
N ILE G 73 7.87 1.86 22.66
CA ILE G 73 7.09 2.35 21.54
C ILE G 73 7.88 3.38 20.73
N PHE G 74 8.64 4.24 21.43
CA PHE G 74 9.44 5.23 20.72
C PHE G 74 10.61 4.60 19.97
N ARG G 75 11.11 3.46 20.46
CA ARG G 75 12.12 2.73 19.70
C ARG G 75 11.52 2.23 18.39
N VAL G 76 10.27 1.76 18.43
CA VAL G 76 9.59 1.35 17.21
C VAL G 76 9.33 2.56 16.31
N ASN G 77 8.94 3.68 16.90
CA ASN G 77 8.70 4.89 16.11
C ASN G 77 9.99 5.38 15.46
N LEU G 78 11.11 5.34 16.19
CA LEU G 78 12.38 5.76 15.61
C LEU G 78 12.78 4.88 14.44
N ARG G 79 12.52 3.57 14.53
CA ARG G 79 12.83 2.69 13.41
C ARG G 79 11.88 2.93 12.25
N THR G 80 10.61 3.25 12.55
CA THR G 80 9.64 3.55 11.51
C THR G 80 10.00 4.84 10.77
N LEU G 81 10.27 5.91 11.51
CA LEU G 81 10.60 7.19 10.88
C LEU G 81 11.93 7.10 10.13
N ARG G 82 12.89 6.36 10.68
CA ARG G 82 14.13 6.12 9.96
C ARG G 82 13.86 5.47 8.61
N GLY G 83 12.83 4.62 8.53
CA GLY G 83 12.40 4.05 7.28
C GLY G 83 11.62 5.02 6.42
N TYR G 84 10.80 5.87 7.05
CA TYR G 84 10.04 6.87 6.28
C TYR G 84 10.96 7.79 5.50
N TYR G 85 12.09 8.18 6.08
CA TYR G 85 13.01 9.13 5.47
C TYR G 85 14.19 8.44 4.81
N ASN G 86 14.17 7.11 4.73
CA ASN G 86 15.22 6.33 4.06
C ASN G 86 16.60 6.63 4.66
N GLN G 87 16.67 6.71 5.98
CA GLN G 87 17.89 7.07 6.67
C GLN G 87 18.62 5.81 7.11
N SER G 88 19.95 5.87 7.06
CA SER G 88 20.77 4.71 7.38
C SER G 88 20.72 4.41 8.88
N GLU G 89 21.16 3.20 9.22
CA GLU G 89 21.17 2.75 10.61
C GLU G 89 22.31 3.40 11.40
N ALA G 90 23.28 4.01 10.71
CA ALA G 90 24.42 4.64 11.36
C ALA G 90 24.10 6.01 11.95
N GLY G 91 22.98 6.62 11.55
CA GLY G 91 22.64 7.94 12.02
C GLY G 91 21.90 7.93 13.35
N SER G 92 22.28 8.85 14.22
CA SER G 92 21.59 9.07 15.49
C SER G 92 20.46 10.06 15.26
N HIS G 93 19.27 9.75 15.76
CA HIS G 93 18.11 10.59 15.52
C HIS G 93 17.32 10.75 16.82
N THR G 94 16.55 11.83 16.88
CA THR G 94 15.84 12.23 18.08
C THR G 94 14.35 12.29 17.78
N LEU G 95 13.55 11.67 18.65
CA LEU G 95 12.10 11.78 18.59
C LEU G 95 11.62 12.36 19.92
N GLN G 96 10.90 13.47 19.86
CA GLN G 96 10.40 14.16 21.04
C GLN G 96 8.88 14.21 21.04
N TRP G 97 8.30 14.17 22.24
CA TRP G 97 6.86 14.13 22.41
C TRP G 97 6.49 14.96 23.63
N MET G 98 5.76 16.06 23.42
CA MET G 98 5.19 16.81 24.53
C MET G 98 3.67 16.73 24.47
N HIS G 99 3.05 16.65 25.65
CA HIS G 99 1.61 16.43 25.73
C HIS G 99 1.14 16.81 27.13
N GLY G 100 -0.06 17.36 27.20
CA GLY G 100 -0.68 17.66 28.47
C GLY G 100 -1.79 18.68 28.30
N CYS G 101 -2.39 19.04 29.44
CA CYS G 101 -3.55 19.92 29.43
C CYS G 101 -3.29 21.19 30.21
N GLU G 102 -4.21 22.15 30.04
CA GLU G 102 -4.14 23.44 30.69
C GLU G 102 -5.53 23.87 31.15
N LEU G 103 -5.61 24.36 32.38
CA LEU G 103 -6.84 24.90 32.94
C LEU G 103 -6.81 26.42 32.85
N GLY G 104 -7.97 27.03 32.70
CA GLY G 104 -8.08 28.47 32.75
C GLY G 104 -8.08 28.99 34.17
N PRO G 105 -8.06 30.32 34.29
CA PRO G 105 -8.16 30.92 35.64
C PRO G 105 -9.40 30.50 36.39
N ASP G 106 -10.51 30.25 35.69
CA ASP G 106 -11.72 29.73 36.31
C ASP G 106 -11.57 28.28 36.76
N GLY G 107 -10.47 27.62 36.41
CA GLY G 107 -10.22 26.26 36.83
C GLY G 107 -10.76 25.19 35.91
N ARG G 108 -11.47 25.56 34.85
CA ARG G 108 -12.02 24.59 33.92
C ARG G 108 -11.05 24.31 32.79
N PHE G 109 -11.31 23.20 32.07
CA PHE G 109 -10.45 22.82 30.96
C PHE G 109 -10.44 23.91 29.90
N LEU G 110 -9.25 24.25 29.43
CA LEU G 110 -9.07 25.31 28.43
C LEU G 110 -8.44 24.80 27.15
N ARG G 111 -7.34 24.07 27.25
CA ARG G 111 -6.61 23.66 26.07
C ARG G 111 -5.84 22.39 26.39
N GLY G 112 -5.85 21.45 25.44
CA GLY G 112 -4.99 20.29 25.53
C GLY G 112 -4.10 20.24 24.32
N TYR G 113 -2.98 19.53 24.38
CA TYR G 113 -2.13 19.48 23.20
C TYR G 113 -1.26 18.23 23.22
N GLU G 114 -0.96 17.73 22.02
CA GLU G 114 -0.09 16.57 21.84
C GLU G 114 0.69 16.80 20.55
N GLN G 115 2.02 16.86 20.64
CA GLN G 115 2.86 17.20 19.50
C GLN G 115 4.08 16.30 19.44
N PHE G 116 4.53 16.02 18.22
CA PHE G 116 5.68 15.17 17.96
C PHE G 116 6.74 15.92 17.15
N ALA G 117 8.01 15.70 17.49
CA ALA G 117 9.12 16.30 16.76
C ALA G 117 10.13 15.24 16.36
N TYR G 118 10.61 15.32 15.12
CA TYR G 118 11.66 14.43 14.64
C TYR G 118 12.86 15.26 14.23
N ASP G 119 13.98 15.06 14.92
CA ASP G 119 15.24 15.77 14.66
C ASP G 119 15.08 17.28 14.83
N GLY G 120 14.47 17.67 15.94
CA GLY G 120 14.39 19.08 16.31
C GLY G 120 13.39 19.90 15.54
N LYS G 121 12.61 19.28 14.66
CA LYS G 121 11.66 19.97 13.80
C LYS G 121 10.27 19.40 14.06
N ASP G 122 9.24 20.23 13.87
CA ASP G 122 7.87 19.73 13.98
C ASP G 122 7.64 18.55 13.05
N TYR G 123 6.87 17.57 13.55
CA TYR G 123 6.53 16.39 12.76
C TYR G 123 5.02 16.23 12.68
N LEU G 124 4.36 15.87 13.78
CA LEU G 124 2.92 15.67 13.81
C LEU G 124 2.35 16.41 15.02
N THR G 125 1.27 17.15 14.80
CA THR G 125 0.69 18.00 15.83
C THR G 125 -0.82 17.76 15.87
N LEU G 126 -1.34 17.54 17.08
CA LEU G 126 -2.78 17.44 17.28
C LEU G 126 -3.38 18.85 17.34
N ASN G 127 -4.45 19.06 16.59
CA ASN G 127 -5.06 20.38 16.48
C ASN G 127 -5.89 20.71 17.72
N GLU G 128 -6.38 21.95 17.76
CA GLU G 128 -7.07 22.48 18.93
C GLU G 128 -8.32 21.68 19.25
N ASP G 129 -9.18 21.47 18.24
CA ASP G 129 -10.40 20.71 18.40
C ASP G 129 -10.17 19.29 18.89
N LEU G 130 -8.91 18.85 18.95
CA LEU G 130 -8.54 17.51 19.40
C LEU G 130 -9.16 16.42 18.55
N ARG G 131 -9.51 16.75 17.30
CA ARG G 131 -10.12 15.81 16.37
C ARG G 131 -9.39 15.73 15.04
N SER G 132 -8.40 16.59 14.80
CA SER G 132 -7.67 16.60 13.54
C SER G 132 -6.19 16.73 13.85
N TRP G 133 -5.38 16.53 12.81
CA TRP G 133 -3.93 16.54 12.94
C TRP G 133 -3.33 17.48 11.91
N THR G 134 -2.07 17.82 12.12
CA THR G 134 -1.30 18.60 11.16
C THR G 134 -0.03 17.80 10.86
N ALA G 135 0.12 17.37 9.61
CA ALA G 135 1.29 16.61 9.19
C ALA G 135 2.26 17.54 8.47
N VAL G 136 3.53 17.48 8.86
CA VAL G 136 4.50 18.39 8.30
C VAL G 136 4.89 18.01 6.87
N ASP G 137 4.76 16.72 6.51
CA ASP G 137 5.18 16.25 5.20
C ASP G 137 4.49 14.92 4.91
N THR G 138 4.96 14.23 3.87
CA THR G 138 4.37 12.96 3.47
C THR G 138 4.58 11.90 4.54
N ALA G 139 5.74 11.90 5.19
CA ALA G 139 6.00 10.94 6.25
C ALA G 139 4.98 11.09 7.37
N ALA G 140 4.82 12.32 7.88
CA ALA G 140 3.83 12.58 8.92
C ALA G 140 2.41 12.34 8.42
N GLN G 141 2.18 12.42 7.10
CA GLN G 141 0.87 12.10 6.57
C GLN G 141 0.54 10.62 6.72
N ILE G 142 1.56 9.76 6.66
CA ILE G 142 1.35 8.33 6.92
C ILE G 142 1.02 8.12 8.39
N SER G 143 1.73 8.81 9.29
CA SER G 143 1.45 8.72 10.72
C SER G 143 0.09 9.31 11.05
N GLU G 144 -0.31 10.38 10.36
CA GLU G 144 -1.64 10.95 10.57
C GLU G 144 -2.71 9.95 10.14
N GLN G 145 -2.47 9.23 9.05
CA GLN G 145 -3.44 8.25 8.59
C GLN G 145 -3.59 7.11 9.58
N LYS G 146 -2.49 6.66 10.18
CA LYS G 146 -2.57 5.63 11.21
C LYS G 146 -3.39 6.09 12.39
N SER G 147 -3.18 7.34 12.82
CA SER G 147 -3.91 7.88 13.96
C SER G 147 -5.39 8.04 13.66
N ASN G 148 -5.74 8.38 12.41
CA ASN G 148 -7.15 8.47 12.05
C ASN G 148 -7.80 7.10 12.03
N ASP G 149 -7.09 6.08 11.51
CA ASP G 149 -7.64 4.74 11.46
C ASP G 149 -7.89 4.19 12.86
N ALA G 150 -6.99 4.46 13.80
CA ALA G 150 -7.04 3.89 15.13
C ALA G 150 -7.87 4.72 16.11
N SER G 151 -8.53 5.77 15.63
CA SER G 151 -9.28 6.70 16.49
C SER G 151 -8.39 7.19 17.63
N GLU G 152 -7.16 7.56 17.26
CA GLU G 152 -6.19 8.01 18.27
C GLU G 152 -6.62 9.34 18.88
N ALA G 153 -7.20 10.24 18.07
CA ALA G 153 -7.68 11.50 18.61
C ALA G 153 -8.78 11.29 19.64
N GLU G 154 -9.61 10.27 19.47
CA GLU G 154 -10.61 9.95 20.48
C GLU G 154 -9.95 9.51 21.77
N HIS G 155 -8.87 8.73 21.68
CA HIS G 155 -8.15 8.32 22.89
C HIS G 155 -7.40 9.50 23.49
N GLN G 156 -6.85 10.37 22.66
CA GLN G 156 -6.19 11.58 23.15
C GLN G 156 -7.19 12.51 23.82
N ARG G 157 -8.33 12.73 23.17
CA ARG G 157 -9.35 13.62 23.72
C ARG G 157 -9.87 13.12 25.07
N ALA G 158 -9.92 11.80 25.25
CA ALA G 158 -10.39 11.26 26.53
C ALA G 158 -9.36 11.45 27.63
N TYR G 159 -8.08 11.33 27.28
CA TYR G 159 -7.02 11.52 28.27
C TYR G 159 -6.85 13.00 28.61
N LEU G 160 -6.76 13.85 27.59
CA LEU G 160 -6.46 15.26 27.81
C LEU G 160 -7.57 15.97 28.56
N GLU G 161 -8.84 15.63 28.28
CA GLU G 161 -9.98 16.33 28.88
C GLU G 161 -10.41 15.76 30.22
N ASP G 162 -10.03 14.52 30.56
CA ASP G 162 -10.49 13.88 31.80
C ASP G 162 -9.32 13.43 32.66
N THR G 163 -8.57 12.41 32.23
CA THR G 163 -7.49 11.87 33.06
C THR G 163 -6.45 12.94 33.39
N CYS G 164 -6.07 13.74 32.40
CA CYS G 164 -5.07 14.78 32.62
C CYS G 164 -5.58 15.86 33.59
N VAL G 165 -6.81 16.33 33.39
CA VAL G 165 -7.35 17.37 34.27
C VAL G 165 -7.58 16.83 35.67
N GLU G 166 -7.94 15.55 35.80
CA GLU G 166 -8.16 14.97 37.12
C GLU G 166 -6.87 14.95 37.92
N TRP G 167 -5.77 14.52 37.29
CA TRP G 167 -4.51 14.41 38.02
C TRP G 167 -3.86 15.77 38.23
N LEU G 168 -4.07 16.71 37.29
CA LEU G 168 -3.62 18.08 37.55
C LEU G 168 -4.27 18.62 38.81
N HIS G 169 -5.55 18.31 39.03
CA HIS G 169 -6.21 18.70 40.28
C HIS G 169 -5.60 17.99 41.47
N LYS G 170 -5.20 16.72 41.31
CA LYS G 170 -4.57 16.00 42.41
C LYS G 170 -3.16 16.52 42.69
N TYR G 171 -2.45 16.97 41.65
CA TYR G 171 -1.11 17.50 41.86
C TYR G 171 -1.15 18.89 42.46
N LEU G 172 -2.08 19.74 42.01
CA LEU G 172 -2.25 21.06 42.61
C LEU G 172 -2.67 20.95 44.07
N GLU G 173 -3.23 19.81 44.47
CA GLU G 173 -3.60 19.61 45.87
C GLU G 173 -2.42 19.18 46.72
N LYS G 174 -1.63 18.21 46.24
CA LYS G 174 -0.48 17.76 47.00
C LYS G 174 0.57 18.84 47.11
N GLY G 175 0.87 19.51 45.99
CA GLY G 175 1.83 20.59 45.99
C GLY G 175 1.20 21.95 46.18
N LYS G 176 0.04 21.99 46.84
CA LYS G 176 -0.71 23.23 47.00
C LYS G 176 0.16 24.35 47.57
N GLU G 177 0.91 24.05 48.62
CA GLU G 177 1.65 25.06 49.36
C GLU G 177 2.73 25.74 48.51
N THR G 178 3.17 25.10 47.42
CA THR G 178 4.12 25.71 46.49
C THR G 178 3.55 25.98 45.11
N LEU G 179 2.70 25.08 44.58
CA LEU G 179 2.20 25.24 43.21
C LEU G 179 1.22 26.41 43.11
N LEU G 180 0.29 26.50 44.04
CA LEU G 180 -0.73 27.54 44.04
C LEU G 180 -0.28 28.79 44.77
N HIS G 181 0.96 28.80 45.26
CA HIS G 181 1.51 29.93 45.98
C HIS G 181 2.41 30.76 45.05
N LEU G 182 1.99 31.99 44.77
CA LEU G 182 2.77 32.86 43.92
C LEU G 182 3.93 33.49 44.70
N GLU G 183 5.09 33.58 44.05
CA GLU G 183 6.27 34.20 44.65
C GLU G 183 6.56 35.53 43.97
N PRO G 184 6.39 36.67 44.65
CA PRO G 184 6.69 37.95 44.02
C PRO G 184 8.18 38.13 43.78
N PRO G 185 8.57 38.88 42.76
CA PRO G 185 10.00 39.13 42.53
C PRO G 185 10.56 40.16 43.49
N LYS G 186 11.82 40.00 43.83
CA LYS G 186 12.59 40.97 44.60
C LYS G 186 13.46 41.79 43.65
N THR G 187 13.32 43.12 43.68
CA THR G 187 13.90 43.99 42.66
C THR G 187 14.83 45.03 43.27
N HIS G 188 15.94 45.28 42.57
CA HIS G 188 16.92 46.30 42.91
C HIS G 188 17.68 46.67 41.64
N VAL G 189 18.14 47.91 41.56
CA VAL G 189 18.87 48.42 40.41
C VAL G 189 20.33 48.60 40.81
N THR G 190 21.24 48.13 39.95
CA THR G 190 22.67 48.30 40.17
C THR G 190 23.27 49.28 39.16
N HIS G 191 24.47 49.77 39.50
CA HIS G 191 25.13 50.80 38.74
C HIS G 191 26.59 50.44 38.49
N HIS G 197 32.42 58.69 29.80
CA HIS G 197 31.79 58.31 31.06
C HIS G 197 30.79 57.19 30.85
N GLU G 198 31.01 56.07 31.55
CA GLU G 198 30.20 54.88 31.40
C GLU G 198 29.18 54.82 32.53
N ALA G 199 27.89 54.84 32.17
CA ALA G 199 26.79 54.71 33.12
C ALA G 199 26.09 53.40 32.84
N THR G 200 26.39 52.34 33.59
CA THR G 200 25.73 51.07 33.41
C THR G 200 24.64 50.95 34.47
N LEU G 201 23.39 50.73 34.03
CA LEU G 201 22.26 50.46 34.91
C LEU G 201 21.59 49.13 34.60
N ARG G 202 21.39 48.33 35.63
CA ARG G 202 20.79 47.00 35.51
C ARG G 202 19.65 46.83 36.51
N CYS G 203 18.44 46.55 36.00
CA CYS G 203 17.29 46.28 36.85
C CYS G 203 17.18 44.78 37.07
N TRP G 204 17.14 44.37 38.33
CA TRP G 204 17.17 42.95 38.71
C TRP G 204 15.81 42.47 39.19
N ALA G 205 15.46 41.24 38.79
CA ALA G 205 14.28 40.55 39.29
C ALA G 205 14.72 39.18 39.77
N LEU G 206 14.63 38.93 41.07
CA LEU G 206 15.22 37.75 41.70
C LEU G 206 14.20 36.97 42.51
N GLY G 207 14.27 35.65 42.40
CA GLY G 207 13.55 34.76 43.29
C GLY G 207 12.04 34.76 43.17
N PHE G 208 11.52 34.85 41.96
CA PHE G 208 10.08 34.87 41.72
C PHE G 208 9.60 33.55 41.12
N TYR G 209 8.31 33.27 41.32
CA TYR G 209 7.66 32.11 40.74
C TYR G 209 6.20 32.53 40.51
N PRO G 210 5.61 32.23 39.35
CA PRO G 210 6.20 31.48 38.23
C PRO G 210 7.17 32.29 37.36
N ALA G 211 7.58 31.70 36.24
CA ALA G 211 8.62 32.28 35.39
C ALA G 211 8.13 33.46 34.56
N GLU G 212 6.83 33.56 34.31
CA GLU G 212 6.31 34.64 33.49
C GLU G 212 6.54 35.98 34.16
N ILE G 213 7.25 36.88 33.47
CA ILE G 213 7.53 38.18 34.04
C ILE G 213 7.82 39.15 32.92
N THR G 214 7.61 40.45 33.17
CA THR G 214 7.87 41.49 32.19
C THR G 214 8.77 42.55 32.82
N LEU G 215 9.96 42.77 32.25
CA LEU G 215 10.90 43.79 32.72
C LEU G 215 11.22 44.78 31.62
N THR G 216 11.26 46.05 32.00
CA THR G 216 11.55 47.15 31.07
C THR G 216 12.61 48.06 31.68
N THR G 225 9.42 52.02 25.56
CA THR G 225 10.43 51.73 24.54
C THR G 225 11.75 52.39 24.89
N GLN G 226 12.59 51.65 25.63
CA GLN G 226 13.90 52.16 26.04
C GLN G 226 15.05 51.34 25.47
N ASP G 227 14.79 50.52 24.45
CA ASP G 227 15.79 49.61 23.87
C ASP G 227 16.56 48.87 24.96
N THR G 228 15.82 48.07 25.71
CA THR G 228 16.36 47.40 26.89
C THR G 228 17.10 46.13 26.49
N GLU G 229 18.14 45.80 27.27
CA GLU G 229 18.88 44.55 27.10
C GLU G 229 18.29 43.51 28.04
N LEU G 230 17.73 42.45 27.49
CA LEU G 230 17.10 41.39 28.26
C LEU G 230 17.89 40.08 28.18
N VAL G 231 17.99 39.40 29.30
CA VAL G 231 18.50 38.03 29.36
C VAL G 231 17.31 37.11 29.49
N GLU G 232 17.45 35.90 28.96
CA GLU G 232 16.40 34.90 29.13
C GLU G 232 16.18 34.64 30.62
N THR G 233 14.93 34.45 31.01
CA THR G 233 14.62 34.08 32.38
C THR G 233 15.35 32.79 32.72
N ARG G 234 15.97 32.76 33.90
CA ARG G 234 16.86 31.67 34.24
C ARG G 234 16.49 31.10 35.61
N PRO G 235 16.64 29.79 35.78
CA PRO G 235 16.32 29.17 37.06
C PRO G 235 17.37 29.48 38.12
N ALA G 236 16.91 29.83 39.31
CA ALA G 236 17.83 30.06 40.41
C ALA G 236 18.35 28.77 41.02
N GLY G 237 17.70 27.64 40.74
CA GLY G 237 18.10 26.37 41.31
C GLY G 237 17.33 25.97 42.56
N ASP G 238 16.45 26.85 43.06
CA ASP G 238 15.67 26.59 44.26
C ASP G 238 14.16 26.66 44.00
N GLY G 239 13.74 26.54 42.74
CA GLY G 239 12.35 26.63 42.38
C GLY G 239 11.90 27.98 41.84
N THR G 240 12.71 29.02 42.04
CA THR G 240 12.38 30.37 41.59
C THR G 240 13.20 30.73 40.37
N PHE G 241 12.97 31.93 39.85
CA PHE G 241 13.57 32.37 38.60
C PHE G 241 14.16 33.76 38.76
N GLN G 242 15.03 34.11 37.81
CA GLN G 242 15.73 35.38 37.80
C GLN G 242 15.59 36.00 36.42
N LYS G 243 15.78 37.32 36.36
CA LYS G 243 15.86 38.05 35.11
C LYS G 243 16.41 39.43 35.43
N TRP G 244 17.20 39.98 34.51
CA TRP G 244 17.66 41.35 34.66
C TRP G 244 17.64 42.05 33.32
N ALA G 245 17.53 43.38 33.37
CA ALA G 245 17.50 44.21 32.18
C ALA G 245 18.48 45.36 32.31
N ALA G 246 19.30 45.55 31.27
CA ALA G 246 20.30 46.62 31.25
C ALA G 246 20.17 47.45 29.99
N CYS G 259 12.16 51.21 35.82
CA CYS G 259 11.94 49.79 35.60
C CYS G 259 10.55 49.45 36.09
N HIS G 260 9.73 48.88 35.21
CA HIS G 260 8.38 48.42 35.53
C HIS G 260 8.39 46.90 35.55
N VAL G 261 7.93 46.30 36.65
CA VAL G 261 7.94 44.86 36.84
C VAL G 261 6.51 44.36 36.99
N GLN G 262 6.10 43.46 36.11
CA GLN G 262 4.79 42.82 36.18
C GLN G 262 4.98 41.37 36.58
N HIS G 263 4.14 40.90 37.49
CA HIS G 263 4.22 39.51 37.91
C HIS G 263 2.89 39.16 38.58
N GLU G 264 2.45 37.92 38.39
CA GLU G 264 1.18 37.48 38.94
C GLU G 264 1.20 37.52 40.47
N GLY G 265 2.36 37.31 41.07
CA GLY G 265 2.48 37.38 42.52
C GLY G 265 2.48 38.79 43.09
N LEU G 266 2.52 39.81 42.23
CA LEU G 266 2.44 41.18 42.70
C LEU G 266 0.99 41.64 42.63
N PRO G 267 0.44 42.22 43.70
CA PRO G 267 -0.94 42.72 43.60
C PRO G 267 -1.09 43.81 42.55
N GLU G 268 -0.12 44.72 42.46
CA GLU G 268 -0.06 45.72 41.42
C GLU G 268 1.37 45.90 40.94
N PRO G 269 1.56 46.43 39.72
CA PRO G 269 2.93 46.61 39.21
C PRO G 269 3.81 47.44 40.13
N VAL G 270 5.12 47.17 40.05
CA VAL G 270 6.13 47.76 40.90
C VAL G 270 7.01 48.66 40.06
N THR G 271 7.27 49.86 40.57
CA THR G 271 8.15 50.83 39.92
C THR G 271 9.34 51.11 40.84
N LEU G 272 10.55 51.09 40.26
CA LEU G 272 11.75 51.36 41.01
C LEU G 272 12.76 52.09 40.13
N ARG G 273 13.53 52.96 40.76
CA ARG G 273 14.58 53.74 40.13
C ARG G 273 15.86 53.57 40.95
N TRP G 274 16.95 54.18 40.50
CA TRP G 274 18.24 54.01 41.16
C TRP G 274 18.40 55.08 42.24
N MET H 1 18.48 17.35 8.84
CA MET H 1 18.49 17.41 10.30
C MET H 1 18.96 18.79 10.79
N ILE H 2 18.32 19.28 11.85
CA ILE H 2 18.54 20.63 12.36
C ILE H 2 19.32 20.54 13.67
N GLN H 3 20.32 21.42 13.80
CA GLN H 3 21.13 21.53 15.00
C GLN H 3 21.15 22.99 15.46
N ARG H 4 21.22 23.19 16.78
CA ARG H 4 21.19 24.52 17.37
C ARG H 4 22.28 24.66 18.41
N THR H 5 22.91 25.85 18.46
CA THR H 5 23.97 26.12 19.43
C THR H 5 23.37 26.48 20.79
N PRO H 6 24.01 26.07 21.88
CA PRO H 6 23.47 26.38 23.20
C PRO H 6 23.70 27.84 23.58
N LYS H 7 22.71 28.42 24.24
CA LYS H 7 22.88 29.70 24.93
C LYS H 7 23.31 29.43 26.35
N ILE H 8 24.31 30.17 26.82
CA ILE H 8 24.96 29.90 28.10
C ILE H 8 24.82 31.12 29.00
N GLN H 9 24.58 30.86 30.29
CA GLN H 9 24.57 31.90 31.31
C GLN H 9 25.23 31.36 32.56
N VAL H 10 26.14 32.14 33.13
CA VAL H 10 26.80 31.79 34.39
C VAL H 10 26.43 32.84 35.42
N TYR H 11 25.89 32.40 36.55
CA TYR H 11 25.37 33.30 37.56
C TYR H 11 25.32 32.54 38.88
N SER H 12 24.90 33.22 39.93
CA SER H 12 24.77 32.64 41.25
C SER H 12 23.31 32.63 41.69
N ARG H 13 23.00 31.74 42.64
CA ARG H 13 21.63 31.67 43.14
C ARG H 13 21.26 32.92 43.92
N HIS H 14 22.18 33.45 44.71
CA HIS H 14 22.00 34.67 45.48
C HIS H 14 23.04 35.70 45.08
N PRO H 15 22.78 36.98 45.32
CA PRO H 15 23.79 38.00 45.04
C PRO H 15 25.11 37.68 45.71
N ALA H 16 26.18 37.71 44.93
CA ALA H 16 27.48 37.26 45.41
C ALA H 16 27.98 38.14 46.55
N GLU H 17 28.60 37.50 47.54
CA GLU H 17 29.10 38.20 48.72
C GLU H 17 30.34 37.43 49.19
N ASN H 18 31.51 38.04 49.03
CA ASN H 18 32.77 37.37 49.27
C ASN H 18 32.82 36.75 50.66
N GLY H 19 33.04 35.43 50.70
CA GLY H 19 33.06 34.68 51.94
C GLY H 19 31.78 33.95 52.26
N LYS H 20 30.65 34.40 51.70
CA LYS H 20 29.36 33.79 51.97
C LYS H 20 29.11 32.63 51.02
N SER H 21 28.71 31.49 51.58
CA SER H 21 28.40 30.32 50.76
C SER H 21 27.26 30.64 49.79
N ASN H 22 27.38 30.11 48.57
CA ASN H 22 26.40 30.38 47.52
C ASN H 22 26.36 29.18 46.58
N PHE H 23 25.65 29.34 45.46
CA PHE H 23 25.57 28.31 44.43
C PHE H 23 25.94 28.93 43.08
N LEU H 24 26.79 28.23 42.33
CA LEU H 24 27.22 28.67 41.00
C LEU H 24 26.40 27.95 39.95
N ASN H 25 25.69 28.71 39.11
CA ASN H 25 24.78 28.16 38.11
C ASN H 25 25.32 28.39 36.71
N CYS H 26 25.27 27.34 35.89
CA CYS H 26 25.50 27.44 34.45
C CYS H 26 24.26 26.91 33.75
N TYR H 27 23.53 27.79 33.07
CA TYR H 27 22.25 27.45 32.46
C TYR H 27 22.41 27.40 30.93
N VAL H 28 22.52 26.19 30.37
CA VAL H 28 22.58 25.99 28.93
C VAL H 28 21.18 25.76 28.40
N SER H 29 20.86 26.39 27.27
CA SER H 29 19.51 26.31 26.74
C SER H 29 19.52 26.52 25.23
N GLY H 30 18.41 26.15 24.60
CA GLY H 30 18.21 26.41 23.19
C GLY H 30 19.04 25.58 22.25
N PHE H 31 19.49 24.40 22.66
CA PHE H 31 20.39 23.61 21.86
C PHE H 31 19.71 22.34 21.35
N HIS H 32 20.40 21.69 20.41
CA HIS H 32 19.94 20.48 19.73
C HIS H 32 21.11 19.89 18.96
N PRO H 33 21.38 18.58 19.08
CA PRO H 33 20.62 17.63 19.90
C PRO H 33 20.96 17.74 21.38
N SER H 34 20.40 16.84 22.20
CA SER H 34 20.53 16.96 23.64
C SER H 34 21.90 16.56 24.17
N ASP H 35 22.68 15.82 23.39
CA ASP H 35 24.02 15.43 23.84
C ASP H 35 24.89 16.67 24.01
N ILE H 36 25.30 16.92 25.25
CA ILE H 36 26.07 18.10 25.60
C ILE H 36 26.96 17.76 26.79
N GLU H 37 28.10 18.43 26.86
CA GLU H 37 29.04 18.28 27.98
C GLU H 37 29.24 19.64 28.62
N VAL H 38 28.98 19.73 29.92
CA VAL H 38 29.07 20.97 30.68
C VAL H 38 29.98 20.73 31.88
N ASP H 39 30.94 21.63 32.07
CA ASP H 39 31.83 21.59 33.22
C ASP H 39 31.86 22.96 33.89
N LEU H 40 31.91 22.95 35.21
CA LEU H 40 32.11 24.17 36.00
C LEU H 40 33.56 24.22 36.43
N LEU H 41 34.19 25.38 36.27
CA LEU H 41 35.63 25.52 36.49
C LEU H 41 35.89 26.50 37.61
N LYS H 42 36.88 26.15 38.45
CA LYS H 42 37.41 27.05 39.47
C LYS H 42 38.90 27.19 39.21
N ASN H 43 39.32 28.37 38.75
CA ASN H 43 40.72 28.64 38.43
C ASN H 43 41.25 27.67 37.38
N GLY H 44 40.41 27.31 36.41
CA GLY H 44 40.80 26.52 35.28
C GLY H 44 40.43 25.05 35.35
N GLU H 45 40.41 24.47 36.55
CA GLU H 45 40.19 23.04 36.68
C GLU H 45 38.73 22.73 37.03
N ARG H 46 38.29 21.53 36.65
CA ARG H 46 36.90 21.15 36.78
C ARG H 46 36.51 20.94 38.23
N ILE H 47 35.36 21.48 38.61
CA ILE H 47 34.78 21.21 39.93
C ILE H 47 34.22 19.79 39.93
N GLU H 48 34.55 19.04 40.98
CA GLU H 48 34.26 17.61 41.00
C GLU H 48 32.80 17.32 41.34
N LYS H 49 32.20 18.10 42.23
CA LYS H 49 30.86 17.79 42.72
C LYS H 49 29.81 18.70 42.10
N VAL H 50 29.62 18.60 40.79
CA VAL H 50 28.64 19.39 40.06
C VAL H 50 27.38 18.55 39.88
N GLU H 51 26.23 19.19 40.06
CA GLU H 51 24.93 18.56 39.85
C GLU H 51 24.23 19.21 38.68
N HIS H 52 23.20 18.54 38.17
CA HIS H 52 22.47 19.08 37.03
C HIS H 52 21.03 18.61 37.08
N SER H 53 20.17 19.37 36.42
CA SER H 53 18.75 19.07 36.35
C SER H 53 18.49 18.01 35.30
N ASP H 54 17.22 17.62 35.18
CA ASP H 54 16.83 16.61 34.21
C ASP H 54 16.62 17.25 32.84
N LEU H 55 16.83 16.45 31.80
CA LEU H 55 16.71 16.94 30.44
C LEU H 55 15.26 17.30 30.14
N SER H 56 15.03 18.55 29.73
CA SER H 56 13.72 19.02 29.29
C SER H 56 13.91 19.81 28.00
N PHE H 57 12.80 20.23 27.40
CA PHE H 57 12.89 21.01 26.17
C PHE H 57 11.74 22.01 26.10
N SER H 58 11.95 23.03 25.27
CA SER H 58 11.00 24.12 25.09
C SER H 58 10.03 23.81 23.96
N LYS H 59 9.17 24.78 23.64
CA LYS H 59 8.16 24.58 22.60
C LYS H 59 8.76 24.59 21.20
N ASP H 60 9.97 25.11 21.03
CA ASP H 60 10.71 24.95 19.79
C ASP H 60 11.62 23.73 19.82
N TRP H 61 11.34 22.78 20.71
CA TRP H 61 12.01 21.48 20.83
C TRP H 61 13.47 21.60 21.24
N SER H 62 13.94 22.79 21.60
CA SER H 62 15.33 22.94 22.03
C SER H 62 15.45 22.63 23.51
N PHE H 63 16.56 22.00 23.88
CA PHE H 63 16.75 21.50 25.23
C PHE H 63 17.35 22.57 26.13
N TYR H 64 17.15 22.39 27.44
CA TYR H 64 17.78 23.27 28.41
C TYR H 64 18.10 22.47 29.67
N LEU H 65 19.22 22.83 30.30
CA LEU H 65 19.68 22.18 31.51
C LEU H 65 20.26 23.22 32.45
N LEU H 66 20.17 22.94 33.74
CA LEU H 66 20.81 23.76 34.76
C LEU H 66 21.89 22.93 35.45
N TYR H 67 23.14 23.33 35.28
CA TYR H 67 24.25 22.78 36.04
C TYR H 67 24.57 23.72 37.20
N TYR H 68 24.83 23.13 38.37
CA TYR H 68 25.09 23.95 39.55
C TYR H 68 26.01 23.21 40.49
N THR H 69 26.66 24.00 41.36
CA THR H 69 27.45 23.47 42.46
C THR H 69 27.49 24.53 43.53
N GLU H 70 27.77 24.10 44.76
CA GLU H 70 27.94 25.04 45.85
C GLU H 70 29.33 25.64 45.77
N PHE H 71 29.40 26.96 45.89
CA PHE H 71 30.69 27.64 45.89
C PHE H 71 30.64 28.84 46.83
N THR H 72 31.79 29.42 47.07
CA THR H 72 31.93 30.60 47.93
C THR H 72 32.63 31.69 47.15
N PRO H 73 31.93 32.73 46.72
CA PRO H 73 32.60 33.84 46.02
C PRO H 73 33.75 34.40 46.84
N THR H 74 34.90 34.55 46.20
CA THR H 74 36.06 35.16 46.82
C THR H 74 36.66 36.15 45.84
N GLU H 75 37.54 37.01 46.36
CA GLU H 75 38.12 38.05 45.54
C GLU H 75 39.06 37.48 44.48
N LYS H 76 39.81 36.43 44.83
CA LYS H 76 40.82 35.92 43.92
C LYS H 76 40.28 34.88 42.94
N ASP H 77 39.36 34.02 43.38
CA ASP H 77 38.93 32.90 42.56
C ASP H 77 38.06 33.36 41.39
N GLU H 78 38.38 32.87 40.19
CA GLU H 78 37.63 33.15 38.97
C GLU H 78 36.93 31.88 38.51
N TYR H 79 35.60 31.91 38.46
CA TYR H 79 34.81 30.76 38.08
C TYR H 79 34.27 30.92 36.66
N ALA H 80 34.06 29.78 35.99
CA ALA H 80 33.59 29.78 34.62
C ALA H 80 32.82 28.50 34.36
N CYS H 81 32.23 28.42 33.16
CA CYS H 81 31.50 27.25 32.70
C CYS H 81 32.01 26.87 31.32
N ARG H 82 32.36 25.60 31.13
CA ARG H 82 32.80 25.09 29.84
C ARG H 82 31.70 24.24 29.22
N VAL H 83 31.36 24.53 27.98
CA VAL H 83 30.31 23.81 27.26
C VAL H 83 30.87 23.31 25.94
N ASN H 84 30.69 22.03 25.67
CA ASN H 84 31.03 21.44 24.39
C ASN H 84 29.79 20.80 23.79
N HIS H 85 29.67 20.89 22.46
CA HIS H 85 28.47 20.51 21.75
C HIS H 85 28.82 20.34 20.28
N VAL H 86 28.05 19.51 19.58
CA VAL H 86 28.35 19.22 18.18
C VAL H 86 28.33 20.49 17.34
N THR H 87 27.48 21.46 17.69
CA THR H 87 27.41 22.71 16.94
C THR H 87 28.61 23.62 17.21
N LEU H 88 29.45 23.31 18.18
CA LEU H 88 30.59 24.14 18.54
C LEU H 88 31.86 23.57 17.95
N SER H 89 32.66 24.44 17.32
CA SER H 89 33.94 24.03 16.77
C SER H 89 35.00 23.82 17.83
N GLN H 90 34.82 24.40 19.01
CA GLN H 90 35.71 24.19 20.15
C GLN H 90 34.92 24.47 21.41
N PRO H 91 35.31 23.88 22.55
CA PRO H 91 34.59 24.16 23.80
C PRO H 91 34.52 25.65 24.09
N LYS H 92 33.32 26.10 24.47
CA LYS H 92 33.09 27.50 24.80
C LYS H 92 33.13 27.66 26.31
N ILE H 93 33.99 28.56 26.78
CA ILE H 93 34.14 28.85 28.21
C ILE H 93 33.55 30.22 28.48
N VAL H 94 32.60 30.29 29.42
CA VAL H 94 31.94 31.53 29.79
C VAL H 94 32.28 31.80 31.25
N LYS H 95 33.06 32.85 31.48
CA LYS H 95 33.46 33.21 32.83
C LYS H 95 32.28 33.80 33.60
N TRP H 96 32.25 33.53 34.90
CA TRP H 96 31.24 34.11 35.76
C TRP H 96 31.56 35.57 36.05
N ASP H 97 30.53 36.41 35.95
CA ASP H 97 30.63 37.82 36.33
C ASP H 97 29.57 38.07 37.39
N ARG H 98 29.99 38.56 38.55
CA ARG H 98 29.08 38.64 39.68
C ARG H 98 28.01 39.71 39.50
N ASP H 99 28.04 40.47 38.41
CA ASP H 99 27.02 41.47 38.14
C ASP H 99 26.15 41.11 36.95
N MET H 100 26.10 39.82 36.59
CA MET H 100 25.28 39.37 35.49
C MET H 100 24.65 38.01 35.80
N ARG I 1 -12.35 -6.31 9.50
CA ARG I 1 -11.39 -5.27 9.84
C ARG I 1 -10.66 -5.61 11.14
N MET I 2 -9.35 -5.80 11.05
CA MET I 2 -8.59 -6.16 12.23
C MET I 2 -8.30 -4.93 13.07
N TYR I 3 -7.82 -5.18 14.28
CA TYR I 3 -7.68 -4.18 15.34
C TYR I 3 -6.20 -3.83 15.50
N SER I 4 -5.87 -2.57 15.30
CA SER I 4 -4.50 -2.11 15.57
C SER I 4 -4.29 -2.09 17.07
N PRO I 5 -3.28 -2.82 17.60
CA PRO I 5 -3.17 -2.97 19.05
C PRO I 5 -3.06 -1.65 19.79
N THR I 6 -3.68 -1.60 20.97
CA THR I 6 -3.73 -0.39 21.79
C THR I 6 -2.69 -0.39 22.91
N SER I 7 -2.38 -1.54 23.49
CA SER I 7 -1.43 -1.63 24.58
C SER I 7 -0.39 -2.71 24.29
N ILE I 8 0.62 -2.76 25.15
CA ILE I 8 1.70 -3.73 25.07
C ILE I 8 1.50 -4.76 26.17
N LEU I 9 1.87 -6.00 25.88
CA LEU I 9 1.87 -7.05 26.90
C LEU I 9 2.89 -6.74 27.99
N ARG J 1 20.29 43.58 -13.28
CA ARG J 1 20.86 44.66 -12.50
C ARG J 1 20.50 44.49 -11.02
N MET J 2 21.51 44.39 -10.17
CA MET J 2 21.27 44.20 -8.75
C MET J 2 21.17 45.54 -8.03
N TYR J 3 20.61 45.49 -6.83
CA TYR J 3 20.41 46.66 -5.99
C TYR J 3 21.58 46.79 -5.03
N SER J 4 22.26 47.94 -5.06
CA SER J 4 23.28 48.21 -4.06
C SER J 4 22.59 48.72 -2.80
N PRO J 5 22.74 48.04 -1.66
CA PRO J 5 21.95 48.38 -0.47
C PRO J 5 22.20 49.81 -0.01
N THR J 6 21.12 50.49 0.34
CA THR J 6 21.16 51.91 0.63
C THR J 6 21.43 52.20 2.11
N SER J 7 20.97 51.35 3.02
CA SER J 7 21.11 51.57 4.45
C SER J 7 22.00 50.50 5.08
N ILE J 8 22.23 50.66 6.38
CA ILE J 8 23.05 49.74 7.17
C ILE J 8 22.16 49.06 8.20
N LEU J 9 22.45 47.80 8.49
CA LEU J 9 21.73 47.06 9.53
C LEU J 9 22.17 47.51 10.92
N ARG K 1 -0.64 11.85 36.22
CA ARG K 1 -0.51 10.52 35.62
C ARG K 1 -0.13 10.61 34.16
N MET K 2 0.93 9.89 33.79
CA MET K 2 1.45 9.86 32.44
C MET K 2 0.55 9.00 31.55
N TYR K 3 0.61 9.26 30.25
CA TYR K 3 -0.20 8.56 29.27
C TYR K 3 0.67 7.59 28.48
N SER K 4 0.20 6.35 28.37
CA SER K 4 0.83 5.35 27.52
C SER K 4 0.24 5.43 26.12
N PRO K 5 1.04 5.63 25.07
CA PRO K 5 0.47 5.83 23.73
C PRO K 5 -0.29 4.59 23.24
N THR K 6 -1.40 4.83 22.56
CA THR K 6 -2.24 3.78 22.02
C THR K 6 -2.07 3.59 20.52
N SER K 7 -1.17 4.36 19.89
CA SER K 7 -0.97 4.29 18.45
C SER K 7 0.52 4.31 18.15
N ILE K 8 0.84 3.97 16.90
CA ILE K 8 2.22 3.97 16.40
C ILE K 8 2.32 5.04 15.33
N LEU K 9 3.49 5.68 15.27
CA LEU K 9 3.75 6.65 14.21
C LEU K 9 4.08 5.92 12.91
N ARG L 1 -40.20 -32.22 -33.94
CA ARG L 1 -40.24 -33.64 -34.26
C ARG L 1 -39.29 -33.95 -35.41
N MET L 2 -38.20 -34.67 -35.12
CA MET L 2 -37.22 -34.93 -36.15
C MET L 2 -37.70 -36.06 -37.06
N TYR L 3 -37.04 -36.16 -38.22
CA TYR L 3 -37.44 -37.05 -39.29
C TYR L 3 -36.61 -38.32 -39.26
N SER L 4 -37.29 -39.47 -39.19
CA SER L 4 -36.59 -40.75 -39.25
C SER L 4 -36.13 -41.03 -40.67
N PRO L 5 -34.82 -41.08 -40.93
CA PRO L 5 -34.35 -41.26 -42.31
C PRO L 5 -34.86 -42.55 -42.92
N THR L 6 -35.19 -42.49 -44.20
CA THR L 6 -35.82 -43.62 -44.89
C THR L 6 -34.88 -44.37 -45.82
N SER L 7 -33.90 -43.71 -46.41
CA SER L 7 -33.01 -44.34 -47.38
C SER L 7 -31.55 -44.17 -46.98
N ILE L 8 -30.71 -44.96 -47.61
CA ILE L 8 -29.27 -45.01 -47.33
C ILE L 8 -28.53 -44.26 -48.43
N LEU L 9 -27.48 -43.55 -48.05
CA LEU L 9 -26.62 -42.90 -49.04
C LEU L 9 -25.92 -43.92 -49.93
S SO4 M . -20.54 -49.81 18.05
O1 SO4 M . -21.09 -50.42 16.85
O2 SO4 M . -20.44 -48.37 17.83
O3 SO4 M . -21.42 -50.09 19.18
O4 SO4 M . -19.20 -50.33 18.33
S SO4 N . 7.50 -20.20 4.34
O1 SO4 N . 7.50 -21.16 3.25
O2 SO4 N . 7.56 -18.84 3.79
O3 SO4 N . 6.27 -20.35 5.11
O4 SO4 N . 8.66 -20.42 5.21
S SO4 O . -18.51 -50.80 -39.08
O1 SO4 O . -19.83 -50.51 -39.61
O2 SO4 O . -17.51 -50.70 -40.14
O3 SO4 O . -18.49 -52.15 -38.52
O4 SO4 O . -18.18 -49.84 -38.03
S SO4 P . 38.67 46.51 -12.50
O1 SO4 P . 38.47 45.66 -13.68
O2 SO4 P . 39.47 47.68 -12.85
O3 SO4 P . 37.38 46.95 -11.99
O4 SO4 P . 39.36 45.76 -11.46
S SO4 Q . 35.86 27.84 -2.42
O1 SO4 Q . 36.62 26.97 -3.33
O2 SO4 Q . 34.84 28.55 -3.19
O3 SO4 Q . 36.76 28.79 -1.78
O4 SO4 Q . 35.21 27.02 -1.39
ZN ZN R . 6.47 32.96 49.10
S SO4 S . 19.57 28.17 49.92
O1 SO4 S . 18.92 28.35 48.62
O2 SO4 S . 20.71 29.05 49.71
O3 SO4 S . 18.81 28.49 51.13
O4 SO4 S . 19.85 26.76 50.23
#